data_6H6M
#
_entry.id   6H6M
#
_cell.length_a   75.940
_cell.length_b   137.550
_cell.length_c   93.800
_cell.angle_alpha   90.00
_cell.angle_beta   95.84
_cell.angle_gamma   90.00
#
_symmetry.space_group_name_H-M   'P 1 21 1'
#
loop_
_entity.id
_entity.type
_entity.pdbx_description
1 polymer 'Capsid protein'
2 polymer 'CMRF35-like molecule 1'
3 non-polymer 'GLYCOCHENODEOXYCHOLIC ACID'
4 non-polymer 1,2-ETHANEDIOL
5 non-polymer 'SODIUM ION'
6 non-polymer DI(HYDROXYETHYL)ETHER
7 non-polymer 'TRIETHYLENE GLYCOL'
8 water water
#
loop_
_entity_poly.entity_id
_entity_poly.type
_entity_poly.pdbx_seq_one_letter_code
_entity_poly.pdbx_strand_id
1 'polypeptide(L)'
;RMVDLPVLQPRLCTHARWPAPIYGLLVDPSLPSNPQWQNGRVHVDGTLLGTTPVSGSWVSCFAAEAAYEFQSGTGEVATF
TLIEQDGSAYVPGDRAAPLGYPDFSGQLEIEVQTETTKTGDKLKVTTFEMILGPTTNVDQAPYQGRVYASLTAVASLDLV
DGRVRAVPRSIYGFQDVIPEYNDGLLVPLAPPIGPFLPGEVLLRFRTYMRQLDTADAAAEAIDCALPQEFISWFASNAFT
VQSDALLLRYRNTLTGQLLFECKLYSEGYIALSYSGSGPLTFPTDGFFEVVSWVPRLFQLASV
;
A,B,C,D
2 'polypeptide(L)'
;EDPVTGPEEVSGQEQGSLTVQCRYTSGWKDYKKYWCQGVPQRSCKTLVETDASEQLVKKNRVSIRDNQRDFIFTVTMEDL
RMSDAGIYWCGITKGGLDPMFKVTVNIGPVP
;
E,F
#
loop_
_chem_comp.id
_chem_comp.type
_chem_comp.name
_chem_comp.formula
CHO non-polymer 'GLYCOCHENODEOXYCHOLIC ACID' 'C26 H43 N O5'
EDO non-polymer 1,2-ETHANEDIOL 'C2 H6 O2'
NA non-polymer 'SODIUM ION' 'Na 1'
PEG non-polymer DI(HYDROXYETHYL)ETHER 'C4 H10 O3'
PGE non-polymer 'TRIETHYLENE GLYCOL' 'C6 H14 O4'
#
# COMPACT_ATOMS: atom_id res chain seq x y z
N ARG A 1 -36.86 -1.16 -27.92
CA ARG A 1 -38.07 -1.20 -27.10
C ARG A 1 -38.34 0.14 -26.44
N MET A 2 -39.60 0.59 -26.52
CA MET A 2 -39.96 1.88 -25.96
C MET A 2 -39.84 1.86 -24.44
N VAL A 3 -39.32 2.95 -23.88
CA VAL A 3 -39.16 3.07 -22.44
C VAL A 3 -40.50 2.88 -21.74
N ASP A 4 -40.50 2.07 -20.69
CA ASP A 4 -41.64 1.94 -19.79
C ASP A 4 -41.12 2.04 -18.36
N LEU A 5 -42.06 2.11 -17.42
CA LEU A 5 -41.71 2.23 -16.02
C LEU A 5 -42.41 1.15 -15.20
N PRO A 6 -41.80 0.71 -14.11
CA PRO A 6 -42.51 -0.18 -13.18
C PRO A 6 -43.67 0.54 -12.52
N VAL A 7 -44.70 -0.23 -12.19
CA VAL A 7 -45.93 0.31 -11.63
C VAL A 7 -45.77 0.51 -10.12
N LEU A 8 -44.57 0.27 -9.61
CA LEU A 8 -44.33 0.33 -8.17
C LEU A 8 -44.68 1.72 -7.63
N GLN A 9 -45.38 1.75 -6.49
CA GLN A 9 -45.76 3.00 -5.84
C GLN A 9 -44.57 3.63 -5.14
N PRO A 10 -44.47 4.95 -5.13
CA PRO A 10 -43.37 5.60 -4.40
C PRO A 10 -43.28 5.19 -2.94
N ARG A 11 -44.42 5.04 -2.27
CA ARG A 11 -44.41 4.65 -0.86
C ARG A 11 -43.91 3.23 -0.65
N LEU A 12 -43.82 2.41 -1.71
CA LEU A 12 -43.28 1.07 -1.61
C LEU A 12 -41.88 0.94 -2.20
N CYS A 13 -41.23 2.05 -2.53
CA CYS A 13 -39.92 2.06 -3.16
C CYS A 13 -38.82 2.37 -2.15
N THR A 14 -37.58 2.25 -2.60
CA THR A 14 -36.40 2.49 -1.79
C THR A 14 -35.78 3.83 -2.15
N HIS A 15 -35.38 4.59 -1.14
CA HIS A 15 -34.71 5.86 -1.38
C HIS A 15 -33.32 5.62 -1.95
N ALA A 16 -32.87 6.58 -2.76
CA ALA A 16 -31.62 6.44 -3.51
C ALA A 16 -30.43 7.13 -2.86
N ARG A 17 -30.65 7.91 -1.80
CA ARG A 17 -29.56 8.62 -1.14
C ARG A 17 -29.41 8.31 0.34
N TRP A 18 -30.38 7.62 0.95
CA TRP A 18 -30.31 7.18 2.35
C TRP A 18 -31.08 5.86 2.40
N PRO A 19 -30.50 4.80 2.96
CA PRO A 19 -31.13 3.48 2.88
C PRO A 19 -32.39 3.35 3.73
N ALA A 20 -33.52 3.86 3.23
CA ALA A 20 -34.78 3.85 3.94
C ALA A 20 -35.91 3.87 2.92
N PRO A 21 -37.12 3.50 3.32
CA PRO A 21 -38.26 3.63 2.41
C PRO A 21 -38.53 5.08 2.05
N ILE A 22 -39.17 5.26 0.90
CA ILE A 22 -39.65 6.58 0.50
C ILE A 22 -40.95 6.87 1.22
N TYR A 23 -41.02 8.02 1.88
CA TYR A 23 -42.22 8.40 2.63
C TYR A 23 -42.98 9.57 2.03
N GLY A 24 -42.34 10.39 1.20
CA GLY A 24 -42.99 11.58 0.68
C GLY A 24 -42.66 11.78 -0.79
N LEU A 25 -43.57 12.47 -1.46
CA LEU A 25 -43.41 12.85 -2.86
C LEU A 25 -43.93 14.28 -3.01
N LEU A 26 -43.07 15.20 -3.43
CA LEU A 26 -43.44 16.61 -3.37
C LEU A 26 -42.57 17.41 -4.33
N VAL A 27 -43.02 18.64 -4.58
CA VAL A 27 -42.21 19.71 -5.16
C VAL A 27 -42.16 20.84 -4.14
N ASP A 28 -41.05 21.58 -4.14
CA ASP A 28 -40.86 22.69 -3.20
C ASP A 28 -39.95 23.72 -3.84
N PRO A 29 -40.51 24.81 -4.37
CA PRO A 29 -39.68 25.82 -5.05
C PRO A 29 -38.78 26.61 -4.12
N SER A 30 -38.97 26.53 -2.81
CA SER A 30 -38.13 27.28 -1.88
C SER A 30 -36.77 26.61 -1.64
N LEU A 31 -36.61 25.34 -2.01
CA LEU A 31 -35.37 24.63 -1.84
C LEU A 31 -34.45 24.89 -3.03
N PRO A 32 -33.15 24.58 -2.90
CA PRO A 32 -32.23 24.73 -4.04
C PRO A 32 -32.75 24.00 -5.28
N SER A 33 -32.84 24.74 -6.38
CA SER A 33 -33.51 24.23 -7.58
C SER A 33 -32.65 23.20 -8.31
N ASN A 34 -31.32 23.31 -8.23
CA ASN A 34 -30.41 22.51 -9.04
C ASN A 34 -29.39 21.82 -8.15
N PRO A 35 -29.82 20.84 -7.36
CA PRO A 35 -28.88 20.15 -6.46
C PRO A 35 -27.88 19.31 -7.23
N GLN A 36 -26.66 19.23 -6.72
CA GLN A 36 -25.62 18.39 -7.31
C GLN A 36 -25.43 17.11 -6.52
N TRP A 37 -26.54 16.42 -6.28
CA TRP A 37 -26.48 15.11 -5.64
C TRP A 37 -25.62 14.16 -6.45
N GLN A 38 -24.80 13.37 -5.74
CA GLN A 38 -23.92 12.42 -6.41
C GLN A 38 -24.46 11.00 -6.41
N ASN A 39 -25.36 10.67 -5.48
CA ASN A 39 -26.07 9.40 -5.50
C ASN A 39 -27.47 9.60 -6.08
N GLY A 40 -28.03 8.50 -6.58
CA GLY A 40 -29.34 8.58 -7.21
C GLY A 40 -29.35 9.27 -8.55
N ARG A 41 -28.27 9.18 -9.32
CA ARG A 41 -28.15 9.83 -10.62
C ARG A 41 -27.98 8.78 -11.69
N VAL A 42 -28.90 8.77 -12.66
CA VAL A 42 -28.82 7.85 -13.78
C VAL A 42 -29.47 8.52 -14.99
N HIS A 43 -28.92 8.26 -16.17
CA HIS A 43 -29.60 8.66 -17.38
C HIS A 43 -30.67 7.64 -17.71
N VAL A 44 -31.68 8.08 -18.47
CA VAL A 44 -32.74 7.17 -18.87
C VAL A 44 -32.20 6.05 -19.74
N ASP A 45 -31.08 6.28 -20.43
CA ASP A 45 -30.45 5.22 -21.21
C ASP A 45 -29.68 4.22 -20.34
N GLY A 46 -29.62 4.44 -19.02
CA GLY A 46 -28.99 3.50 -18.11
C GLY A 46 -27.59 3.86 -17.65
N THR A 47 -27.05 5.00 -18.06
CA THR A 47 -25.70 5.39 -17.64
C THR A 47 -25.74 5.93 -16.21
N LEU A 48 -24.99 5.29 -15.32
CA LEU A 48 -24.88 5.78 -13.95
C LEU A 48 -23.94 6.96 -13.89
N LEU A 49 -24.32 7.98 -13.12
CA LEU A 49 -23.50 9.16 -12.93
C LEU A 49 -23.04 9.26 -11.48
N GLY A 50 -21.97 10.03 -11.29
CA GLY A 50 -21.43 10.26 -9.95
C GLY A 50 -21.04 8.97 -9.27
N THR A 51 -21.46 8.82 -8.02
CA THR A 51 -21.17 7.64 -7.22
C THR A 51 -22.37 6.71 -7.10
N THR A 52 -23.38 6.91 -7.94
CA THR A 52 -24.64 6.17 -7.84
C THR A 52 -24.42 4.67 -8.01
N PRO A 53 -24.84 3.84 -7.05
CA PRO A 53 -24.76 2.39 -7.25
C PRO A 53 -26.07 1.82 -7.75
N VAL A 54 -26.04 0.58 -8.26
CA VAL A 54 -27.28 -0.06 -8.68
C VAL A 54 -28.02 -0.63 -7.47
N SER A 55 -27.30 -1.24 -6.53
CA SER A 55 -27.92 -1.87 -5.37
C SER A 55 -28.19 -0.85 -4.27
N GLY A 56 -29.39 -0.89 -3.70
CA GLY A 56 -29.74 0.00 -2.62
C GLY A 56 -28.95 -0.22 -1.34
N SER A 57 -28.41 -1.42 -1.15
CA SER A 57 -27.61 -1.71 0.04
C SER A 57 -26.26 -1.01 0.03
N TRP A 58 -25.86 -0.43 -1.11
CA TRP A 58 -24.64 0.35 -1.19
C TRP A 58 -24.84 1.81 -0.83
N VAL A 59 -26.10 2.27 -0.74
CA VAL A 59 -26.40 3.69 -0.61
C VAL A 59 -25.98 4.19 0.77
N SER A 60 -25.17 5.27 0.78
CA SER A 60 -24.71 5.91 2.01
C SER A 60 -23.93 4.96 2.91
N CYS A 61 -23.24 3.99 2.31
CA CYS A 61 -22.38 3.06 3.02
C CYS A 61 -20.99 3.11 2.40
N PHE A 62 -20.04 2.44 3.05
CA PHE A 62 -18.74 2.26 2.44
C PHE A 62 -18.10 0.99 2.97
N ALA A 63 -17.07 0.53 2.26
CA ALA A 63 -16.28 -0.63 2.64
C ALA A 63 -14.82 -0.19 2.70
N ALA A 64 -14.05 -0.82 3.58
CA ALA A 64 -12.69 -0.33 3.80
C ALA A 64 -11.84 -1.39 4.47
N GLU A 65 -10.54 -1.14 4.43
CA GLU A 65 -9.60 -1.80 5.31
C GLU A 65 -9.41 -0.89 6.53
N ALA A 66 -9.74 -1.40 7.70
CA ALA A 66 -9.77 -0.59 8.92
C ALA A 66 -8.49 -0.78 9.72
N ALA A 67 -7.91 0.33 10.16
CA ALA A 67 -6.76 0.33 11.05
C ALA A 67 -7.14 1.08 12.31
N TYR A 68 -7.00 0.42 13.46
CA TYR A 68 -7.45 0.96 14.73
C TYR A 68 -6.26 1.26 15.65
N GLU A 69 -6.47 2.25 16.52
CA GLU A 69 -5.51 2.61 17.55
C GLU A 69 -6.24 3.42 18.59
N PHE A 70 -5.69 3.45 19.80
CA PHE A 70 -6.26 4.26 20.88
C PHE A 70 -5.42 5.52 21.07
N GLN A 71 -6.09 6.67 21.13
CA GLN A 71 -5.44 7.95 21.36
C GLN A 71 -6.11 8.60 22.56
N SER A 72 -5.37 8.73 23.67
CA SER A 72 -5.89 9.38 24.86
C SER A 72 -6.35 10.80 24.54
N GLY A 73 -7.49 11.19 25.10
CA GLY A 73 -8.09 12.48 24.82
C GLY A 73 -8.99 12.50 23.60
N THR A 74 -8.96 11.46 22.78
CA THR A 74 -9.82 11.32 21.61
C THR A 74 -10.65 10.05 21.68
N GLY A 75 -10.02 8.90 21.89
CA GLY A 75 -10.72 7.65 22.05
C GLY A 75 -10.20 6.58 21.13
N GLU A 76 -11.08 5.67 20.71
CA GLU A 76 -10.71 4.67 19.71
C GLU A 76 -10.79 5.33 18.34
N VAL A 77 -9.68 5.29 17.60
CA VAL A 77 -9.56 5.98 16.33
C VAL A 77 -9.48 4.95 15.21
N ALA A 78 -10.28 5.17 14.17
CA ALA A 78 -10.32 4.28 13.01
C ALA A 78 -9.80 5.02 11.78
N THR A 79 -8.89 4.39 11.06
CA THR A 79 -8.45 4.86 9.75
C THR A 79 -8.99 3.89 8.71
N PHE A 80 -9.87 4.37 7.84
CA PHE A 80 -10.52 3.54 6.84
C PHE A 80 -9.88 3.79 5.48
N THR A 81 -9.17 2.79 4.97
CA THR A 81 -8.62 2.83 3.61
C THR A 81 -9.66 2.20 2.69
N LEU A 82 -10.35 3.05 1.92
CA LEU A 82 -11.58 2.65 1.26
C LEU A 82 -11.34 1.62 0.16
N ILE A 83 -12.36 0.79 -0.06
CA ILE A 83 -12.41 -0.17 -1.14
C ILE A 83 -13.84 -0.17 -1.66
N GLU A 84 -14.01 -0.58 -2.91
CA GLU A 84 -15.37 -0.68 -3.45
C GLU A 84 -16.15 -1.75 -2.69
N GLN A 85 -17.46 -1.53 -2.56
CA GLN A 85 -18.26 -2.32 -1.64
C GLN A 85 -18.42 -3.78 -2.05
N ASP A 86 -17.99 -4.15 -3.26
CA ASP A 86 -17.96 -5.55 -3.66
C ASP A 86 -16.61 -6.20 -3.42
N GLY A 87 -15.62 -5.44 -2.95
CA GLY A 87 -14.31 -5.97 -2.70
C GLY A 87 -13.30 -5.66 -3.78
N SER A 88 -13.74 -5.15 -4.93
CA SER A 88 -12.80 -4.76 -5.96
C SER A 88 -12.10 -3.46 -5.56
N ALA A 89 -10.85 -3.32 -5.99
CA ALA A 89 -10.02 -2.21 -5.52
C ALA A 89 -10.61 -0.87 -5.95
N TYR A 90 -10.58 0.10 -5.03
CA TYR A 90 -10.98 1.46 -5.34
C TYR A 90 -9.77 2.22 -5.88
N VAL A 91 -9.92 2.77 -7.08
CA VAL A 91 -8.88 3.55 -7.74
C VAL A 91 -9.44 4.96 -7.97
N PRO A 92 -8.78 6.01 -7.48
CA PRO A 92 -9.24 7.37 -7.79
C PRO A 92 -9.38 7.56 -9.29
N GLY A 93 -10.57 7.94 -9.75
CA GLY A 93 -10.87 8.03 -11.17
C GLY A 93 -11.80 9.18 -11.48
N ASP A 94 -12.78 8.91 -12.35
CA ASP A 94 -13.66 9.95 -12.87
C ASP A 94 -14.93 10.11 -12.04
N ARG A 95 -14.86 9.93 -10.72
CA ARG A 95 -15.99 10.23 -9.85
C ARG A 95 -15.47 10.59 -8.47
N ALA A 96 -16.38 11.04 -7.60
CA ALA A 96 -16.00 11.71 -6.37
C ALA A 96 -15.46 10.74 -5.31
N ALA A 97 -15.90 9.49 -5.33
CA ALA A 97 -15.65 8.58 -4.22
C ALA A 97 -15.97 7.14 -4.64
N PRO A 98 -15.83 6.14 -3.76
CA PRO A 98 -16.38 4.82 -4.08
C PRO A 98 -17.88 4.89 -4.25
N LEU A 99 -18.41 3.97 -5.05
CA LEU A 99 -19.84 3.94 -5.32
C LEU A 99 -20.63 3.84 -4.01
N GLY A 100 -21.68 4.65 -3.90
CA GLY A 100 -22.54 4.64 -2.74
C GLY A 100 -22.09 5.49 -1.58
N TYR A 101 -20.89 6.06 -1.63
CA TYR A 101 -20.39 6.88 -0.53
C TYR A 101 -21.33 8.08 -0.30
N PRO A 102 -21.56 8.45 0.96
CA PRO A 102 -22.50 9.55 1.24
C PRO A 102 -22.17 10.80 0.45
N ASP A 103 -23.22 11.46 -0.04
CA ASP A 103 -23.09 12.69 -0.81
C ASP A 103 -23.70 13.89 -0.08
N PHE A 104 -23.82 13.81 1.24
CA PHE A 104 -24.33 14.89 2.06
C PHE A 104 -23.30 15.21 3.15
N SER A 105 -23.63 16.18 3.99
CA SER A 105 -22.71 16.68 5.01
C SER A 105 -23.28 16.49 6.40
N GLY A 106 -22.43 16.69 7.39
CA GLY A 106 -22.78 16.48 8.78
C GLY A 106 -21.87 15.45 9.43
N GLN A 107 -22.21 15.10 10.66
CA GLN A 107 -21.49 14.10 11.43
C GLN A 107 -22.27 12.78 11.36
N LEU A 108 -21.66 11.76 10.77
CA LEU A 108 -22.31 10.49 10.49
C LEU A 108 -21.89 9.45 11.50
N GLU A 109 -22.87 8.80 12.14
CA GLU A 109 -22.62 7.62 12.95
C GLU A 109 -22.63 6.39 12.04
N ILE A 110 -21.58 5.60 12.09
CA ILE A 110 -21.46 4.41 11.25
C ILE A 110 -21.27 3.19 12.13
N GLU A 111 -21.65 2.03 11.60
CA GLU A 111 -21.52 0.76 12.31
C GLU A 111 -20.64 -0.19 11.51
N VAL A 112 -19.71 -0.84 12.21
CA VAL A 112 -18.83 -1.84 11.60
C VAL A 112 -18.74 -3.03 12.53
N GLN A 113 -18.47 -4.19 11.94
CA GLN A 113 -18.15 -5.38 12.71
C GLN A 113 -16.70 -5.28 13.19
N THR A 114 -16.49 -5.41 14.50
CA THR A 114 -15.15 -5.32 15.07
C THR A 114 -14.81 -6.59 15.82
N GLU A 115 -13.56 -7.03 15.69
CA GLU A 115 -13.01 -8.13 16.46
C GLU A 115 -12.04 -7.58 17.50
N THR A 116 -12.14 -8.12 18.73
CA THR A 116 -11.28 -7.68 19.82
C THR A 116 -10.44 -8.84 20.32
N THR A 117 -9.31 -8.51 20.95
CA THR A 117 -8.46 -9.50 21.59
C THR A 117 -8.75 -9.66 23.07
N LYS A 118 -9.61 -8.82 23.65
CA LYS A 118 -9.92 -8.93 25.07
C LYS A 118 -10.49 -10.30 25.38
N THR A 119 -9.93 -10.96 26.38
CA THR A 119 -10.40 -12.28 26.77
C THR A 119 -11.87 -12.21 27.20
N GLY A 120 -12.65 -13.18 26.75
CA GLY A 120 -14.07 -13.21 27.06
C GLY A 120 -14.95 -12.59 26.01
N ASP A 121 -14.38 -11.83 25.07
CA ASP A 121 -15.11 -11.24 23.97
C ASP A 121 -14.40 -11.56 22.66
N LYS A 122 -15.10 -11.37 21.55
CA LYS A 122 -14.51 -11.64 20.25
C LYS A 122 -15.08 -10.76 19.16
N LEU A 123 -16.39 -10.86 18.91
CA LEU A 123 -17.04 -10.10 17.85
C LEU A 123 -18.09 -9.17 18.44
N LYS A 124 -17.99 -7.89 18.09
CA LYS A 124 -18.93 -6.87 18.54
C LYS A 124 -19.27 -6.00 17.34
N VAL A 125 -20.31 -5.19 17.51
CA VAL A 125 -20.67 -4.16 16.53
C VAL A 125 -20.41 -2.82 17.19
N THR A 126 -19.53 -2.03 16.59
CA THR A 126 -19.03 -0.79 17.17
C THR A 126 -19.53 0.40 16.36
N THR A 127 -19.98 1.44 17.08
CA THR A 127 -20.42 2.68 16.45
C THR A 127 -19.26 3.67 16.42
N PHE A 128 -18.97 4.20 15.22
CA PHE A 128 -17.95 5.22 15.07
C PHE A 128 -18.62 6.53 14.62
N GLU A 129 -17.98 7.64 14.97
CA GLU A 129 -18.41 8.95 14.49
C GLU A 129 -17.45 9.40 13.40
N MET A 130 -18.02 9.83 12.27
CA MET A 130 -17.22 10.25 11.12
C MET A 130 -17.79 11.54 10.55
N ILE A 131 -16.96 12.58 10.50
CA ILE A 131 -17.37 13.86 9.92
C ILE A 131 -17.30 13.77 8.40
N LEU A 132 -18.39 14.16 7.74
CA LEU A 132 -18.45 14.13 6.28
C LEU A 132 -18.07 15.46 5.65
N GLY A 133 -18.55 16.55 6.23
CA GLY A 133 -18.39 17.87 5.67
C GLY A 133 -19.35 18.85 6.32
N PRO A 134 -19.60 19.99 5.65
CA PRO A 134 -19.11 20.39 4.31
C PRO A 134 -17.59 20.61 4.25
N THR A 135 -17.02 21.22 5.28
CA THR A 135 -15.58 21.32 5.45
C THR A 135 -15.22 20.68 6.79
N THR A 136 -14.04 20.08 6.86
CA THR A 136 -13.57 19.47 8.09
C THR A 136 -12.14 19.91 8.39
N ASN A 137 -11.75 19.72 9.65
CA ASN A 137 -10.36 19.84 10.09
C ASN A 137 -9.71 18.46 10.22
N VAL A 138 -10.21 17.48 9.47
CA VAL A 138 -9.78 16.09 9.58
C VAL A 138 -9.07 15.59 8.32
N ASP A 139 -9.16 16.33 7.21
CA ASP A 139 -8.55 15.93 5.93
C ASP A 139 -9.18 14.63 5.42
N GLN A 140 -10.52 14.59 5.42
CA GLN A 140 -11.21 13.47 4.78
C GLN A 140 -10.95 13.50 3.30
N ALA A 141 -10.59 12.36 2.72
CA ALA A 141 -10.33 12.24 1.29
C ALA A 141 -10.86 10.91 0.77
N PRO A 142 -12.19 10.73 0.76
CA PRO A 142 -12.73 9.50 0.14
C PRO A 142 -12.36 9.38 -1.33
N TYR A 143 -12.12 10.50 -2.02
CA TYR A 143 -11.67 10.42 -3.40
C TYR A 143 -10.34 9.68 -3.53
N GLN A 144 -9.42 9.91 -2.58
CA GLN A 144 -8.18 9.15 -2.57
C GLN A 144 -8.33 7.79 -1.92
N GLY A 145 -9.41 7.58 -1.17
CA GLY A 145 -9.66 6.34 -0.47
C GLY A 145 -9.26 6.28 0.99
N ARG A 146 -9.25 7.40 1.72
CA ARG A 146 -8.89 7.41 3.14
C ARG A 146 -9.78 8.38 3.89
N VAL A 147 -10.47 7.88 4.92
CA VAL A 147 -11.27 8.69 5.83
C VAL A 147 -10.98 8.25 7.25
N TYR A 148 -11.27 9.13 8.20
CA TYR A 148 -10.97 8.91 9.60
C TYR A 148 -12.25 8.99 10.43
N ALA A 149 -12.35 8.14 11.44
CA ALA A 149 -13.47 8.13 12.36
C ALA A 149 -12.96 7.90 13.77
N SER A 150 -13.81 8.20 14.75
CA SER A 150 -13.42 8.06 16.15
C SER A 150 -14.66 7.80 17.00
N LEU A 151 -14.42 7.33 18.22
CA LEU A 151 -15.46 7.12 19.22
C LEU A 151 -14.85 7.30 20.60
N THR A 152 -15.57 7.98 21.48
CA THR A 152 -15.06 8.26 22.80
C THR A 152 -14.95 6.97 23.61
N ALA A 153 -13.81 6.76 24.26
CA ALA A 153 -13.56 5.62 25.12
C ALA A 153 -12.47 5.97 26.10
N VAL A 154 -12.56 5.40 27.31
CA VAL A 154 -11.55 5.71 28.32
C VAL A 154 -10.27 4.91 28.13
N ALA A 155 -10.32 3.77 27.43
CA ALA A 155 -9.15 2.97 27.19
C ALA A 155 -9.31 2.25 25.85
N SER A 156 -8.23 1.60 25.41
CA SER A 156 -8.25 0.92 24.12
C SER A 156 -9.29 -0.19 24.10
N LEU A 157 -9.96 -0.32 22.96
CA LEU A 157 -10.90 -1.42 22.78
C LEU A 157 -10.21 -2.69 22.31
N ASP A 158 -8.89 -2.64 22.10
CA ASP A 158 -8.09 -3.79 21.68
C ASP A 158 -8.66 -4.40 20.39
N LEU A 159 -9.02 -3.53 19.45
CA LEU A 159 -9.60 -3.98 18.19
C LEU A 159 -8.54 -4.54 17.26
N VAL A 160 -8.96 -5.50 16.45
CA VAL A 160 -8.10 -6.13 15.45
C VAL A 160 -8.36 -5.43 14.12
N ASP A 161 -7.29 -5.08 13.42
CA ASP A 161 -7.43 -4.49 12.10
C ASP A 161 -8.01 -5.52 11.13
N GLY A 162 -8.76 -5.04 10.14
CA GLY A 162 -9.31 -5.94 9.15
C GLY A 162 -10.35 -5.24 8.28
N ARG A 163 -11.00 -6.04 7.44
CA ARG A 163 -11.99 -5.54 6.51
C ARG A 163 -13.30 -5.24 7.21
N VAL A 164 -13.99 -4.20 6.75
CA VAL A 164 -15.26 -3.78 7.33
C VAL A 164 -16.20 -3.32 6.22
N ARG A 165 -17.50 -3.41 6.52
CA ARG A 165 -18.55 -2.71 5.80
C ARG A 165 -19.20 -1.75 6.79
N ALA A 166 -19.29 -0.49 6.41
CA ALA A 166 -19.81 0.56 7.28
C ALA A 166 -21.19 0.97 6.80
N VAL A 167 -22.17 0.92 7.70
CA VAL A 167 -23.54 1.31 7.37
C VAL A 167 -23.93 2.51 8.24
N PRO A 168 -24.82 3.38 7.77
CA PRO A 168 -25.10 4.61 8.53
C PRO A 168 -26.12 4.34 9.63
N ARG A 169 -25.80 4.81 10.84
CA ARG A 169 -26.70 4.69 11.99
C ARG A 169 -27.51 5.95 12.24
N SER A 170 -26.87 7.12 12.11
CA SER A 170 -27.55 8.38 12.36
C SER A 170 -26.72 9.50 11.77
N ILE A 171 -27.37 10.65 11.58
CA ILE A 171 -26.71 11.85 11.07
C ILE A 171 -26.92 12.97 12.10
N TYR A 172 -25.88 13.76 12.31
CA TYR A 172 -25.90 14.86 13.27
C TYR A 172 -25.46 16.12 12.56
N GLY A 173 -26.26 17.18 12.66
CA GLY A 173 -25.98 18.40 11.94
C GLY A 173 -26.07 18.23 10.43
N PHE A 174 -27.08 17.53 9.95
CA PHE A 174 -27.21 17.24 8.54
C PHE A 174 -27.26 18.51 7.70
N GLN A 175 -26.55 18.47 6.57
CA GLN A 175 -26.63 19.50 5.55
C GLN A 175 -26.65 18.81 4.20
N ASP A 176 -27.57 19.23 3.32
CA ASP A 176 -27.62 18.68 1.97
C ASP A 176 -26.61 19.41 1.10
N VAL A 177 -25.34 19.20 1.43
CA VAL A 177 -24.19 19.76 0.71
C VAL A 177 -23.20 18.63 0.52
N ILE A 178 -22.56 18.59 -0.65
CA ILE A 178 -21.61 17.50 -0.91
C ILE A 178 -20.53 17.52 0.16
N PRO A 179 -20.04 16.37 0.61
CA PRO A 179 -19.07 16.35 1.71
C PRO A 179 -17.67 16.72 1.21
N GLU A 180 -16.72 16.71 2.13
CA GLU A 180 -15.32 16.97 1.79
C GLU A 180 -14.78 15.73 1.09
N TYR A 181 -14.71 15.79 -0.24
CA TYR A 181 -14.32 14.61 -1.02
C TYR A 181 -12.82 14.42 -1.11
N ASN A 182 -12.02 15.48 -1.02
CA ASN A 182 -10.60 15.39 -1.34
C ASN A 182 -9.79 16.43 -0.58
N ASP A 183 -9.96 16.47 0.74
CA ASP A 183 -9.12 17.30 1.61
C ASP A 183 -9.13 18.77 1.18
N GLY A 184 -10.28 19.23 0.68
CA GLY A 184 -10.44 20.60 0.25
C GLY A 184 -10.27 20.83 -1.24
N LEU A 185 -9.62 19.90 -1.95
CA LEU A 185 -9.47 20.01 -3.38
C LEU A 185 -10.73 19.55 -4.09
N LEU A 186 -10.83 19.87 -5.38
CA LEU A 186 -12.01 19.51 -6.17
C LEU A 186 -11.90 18.10 -6.74
N VAL A 187 -13.06 17.51 -7.05
CA VAL A 187 -13.14 16.16 -7.59
C VAL A 187 -14.10 16.18 -8.78
N PRO A 188 -14.04 15.16 -9.64
CA PRO A 188 -15.05 15.02 -10.68
C PRO A 188 -16.43 14.75 -10.08
N LEU A 189 -17.41 15.55 -10.47
CA LEU A 189 -18.75 15.46 -9.93
C LEU A 189 -19.77 15.35 -11.06
N ALA A 190 -20.86 14.66 -10.78
CA ALA A 190 -22.03 14.76 -11.64
C ALA A 190 -22.54 16.20 -11.59
N PRO A 191 -22.96 16.76 -12.72
CA PRO A 191 -23.33 18.18 -12.75
C PRO A 191 -24.58 18.44 -11.93
N PRO A 192 -24.87 19.70 -11.60
CA PRO A 192 -26.12 20.01 -10.90
C PRO A 192 -27.31 19.52 -11.71
N ILE A 193 -28.37 19.12 -10.99
CA ILE A 193 -29.57 18.65 -11.67
C ILE A 193 -30.21 19.79 -12.41
N GLY A 194 -30.51 19.57 -13.69
CA GLY A 194 -31.05 20.61 -14.53
C GLY A 194 -30.52 20.54 -15.95
N PRO A 195 -30.91 21.52 -16.78
CA PRO A 195 -31.70 22.68 -16.39
C PRO A 195 -33.21 22.44 -16.44
N PHE A 196 -33.98 23.43 -15.99
CA PHE A 196 -35.43 23.36 -16.00
C PHE A 196 -35.98 24.48 -16.87
N LEU A 197 -37.20 24.28 -17.36
CA LEU A 197 -37.88 25.36 -18.06
C LEU A 197 -38.41 26.38 -17.06
N PRO A 198 -38.73 27.58 -17.52
CA PRO A 198 -39.44 28.53 -16.65
C PRO A 198 -40.73 27.92 -16.13
N GLY A 199 -40.91 27.97 -14.81
CA GLY A 199 -42.06 27.39 -14.16
C GLY A 199 -41.92 25.93 -13.81
N GLU A 200 -40.84 25.28 -14.22
CA GLU A 200 -40.62 23.88 -13.91
C GLU A 200 -39.78 23.74 -12.64
N VAL A 201 -40.15 22.77 -11.80
CA VAL A 201 -39.45 22.50 -10.56
C VAL A 201 -39.21 21.00 -10.45
N LEU A 202 -38.19 20.64 -9.67
CA LEU A 202 -37.79 19.25 -9.53
C LEU A 202 -38.77 18.48 -8.67
N LEU A 203 -39.12 17.27 -9.13
CA LEU A 203 -39.91 16.37 -8.31
C LEU A 203 -39.00 15.64 -7.34
N ARG A 204 -39.35 15.65 -6.06
CA ARG A 204 -38.48 15.16 -5.00
C ARG A 204 -39.08 13.93 -4.35
N PHE A 205 -38.28 12.86 -4.26
CA PHE A 205 -38.63 11.67 -3.50
C PHE A 205 -37.94 11.76 -2.15
N ARG A 206 -38.74 11.77 -1.08
CA ARG A 206 -38.28 12.17 0.25
C ARG A 206 -38.33 11.01 1.23
N THR A 207 -37.27 10.88 2.03
CA THR A 207 -37.26 10.04 3.22
C THR A 207 -36.71 10.85 4.39
N TYR A 208 -36.70 10.24 5.57
CA TYR A 208 -36.26 10.90 6.79
C TYR A 208 -35.22 10.04 7.49
N MET A 209 -34.11 10.66 7.87
CA MET A 209 -32.97 9.93 8.39
C MET A 209 -32.98 9.87 9.91
N ARG A 210 -32.55 8.73 10.44
CA ARG A 210 -32.26 8.66 11.87
C ARG A 210 -31.26 9.74 12.23
N GLN A 211 -31.60 10.56 13.23
CA GLN A 211 -30.77 11.72 13.52
C GLN A 211 -30.51 11.86 15.02
N LEU A 212 -29.47 12.62 15.32
CA LEU A 212 -29.18 13.07 16.67
C LEU A 212 -29.42 14.58 16.72
N ASP A 213 -30.26 15.00 17.66
CA ASP A 213 -30.56 16.43 17.83
C ASP A 213 -30.89 16.66 19.30
N THR A 214 -30.22 17.62 19.92
CA THR A 214 -30.37 17.85 21.34
C THR A 214 -31.51 18.79 21.69
N ALA A 215 -32.18 19.41 20.72
CA ALA A 215 -33.21 20.39 21.02
C ALA A 215 -34.45 20.22 20.14
N ASP A 216 -34.23 20.01 18.84
CA ASP A 216 -35.29 19.99 17.85
C ASP A 216 -35.68 18.55 17.53
N ALA A 217 -36.96 18.24 17.63
CA ALA A 217 -37.47 16.89 17.39
C ALA A 217 -38.01 16.69 15.97
N ALA A 218 -38.05 17.72 15.14
CA ALA A 218 -38.58 17.59 13.79
C ALA A 218 -37.68 16.69 12.93
N ALA A 219 -38.32 15.87 12.10
CA ALA A 219 -37.61 14.91 11.28
C ALA A 219 -36.72 15.58 10.24
N GLU A 220 -35.62 14.91 9.89
CA GLU A 220 -34.63 15.42 8.96
C GLU A 220 -34.90 14.83 7.57
N ALA A 221 -35.35 15.67 6.65
CA ALA A 221 -35.72 15.22 5.31
C ALA A 221 -34.50 15.19 4.39
N ILE A 222 -34.51 14.23 3.47
CA ILE A 222 -33.51 14.18 2.39
C ILE A 222 -34.22 13.72 1.11
N ASP A 223 -33.94 14.41 0.01
CA ASP A 223 -34.62 14.17 -1.26
C ASP A 223 -33.69 13.52 -2.26
N CYS A 224 -34.28 12.77 -3.20
CA CYS A 224 -33.54 12.24 -4.34
C CYS A 224 -34.39 12.37 -5.59
N ALA A 225 -33.72 12.27 -6.75
CA ALA A 225 -34.37 12.53 -8.03
C ALA A 225 -35.25 11.35 -8.48
N LEU A 226 -34.86 10.13 -8.15
CA LEU A 226 -35.57 8.94 -8.57
C LEU A 226 -35.49 7.88 -7.47
N PRO A 227 -36.52 7.05 -7.34
CA PRO A 227 -36.42 5.89 -6.44
C PRO A 227 -35.30 4.96 -6.90
N GLN A 228 -34.72 4.23 -5.95
CA GLN A 228 -33.64 3.31 -6.30
C GLN A 228 -34.10 2.24 -7.27
N GLU A 229 -35.38 1.85 -7.20
CA GLU A 229 -35.89 0.88 -8.15
C GLU A 229 -35.84 1.40 -9.58
N PHE A 230 -36.04 2.71 -9.77
CA PHE A 230 -35.98 3.28 -11.12
C PHE A 230 -34.54 3.31 -11.63
N ILE A 231 -33.58 3.54 -10.75
CA ILE A 231 -32.17 3.53 -11.14
C ILE A 231 -31.76 2.15 -11.65
N SER A 232 -32.08 1.10 -10.87
CA SER A 232 -31.75 -0.25 -11.30
C SER A 232 -32.61 -0.67 -12.49
N TRP A 233 -33.81 -0.08 -12.63
CA TRP A 233 -34.64 -0.34 -13.79
C TRP A 233 -34.02 0.20 -15.06
N PHE A 234 -33.51 1.44 -15.00
CA PHE A 234 -32.87 2.03 -16.17
C PHE A 234 -31.51 1.39 -16.45
N ALA A 235 -30.77 1.06 -15.40
CA ALA A 235 -29.48 0.40 -15.60
C ALA A 235 -29.64 -0.99 -16.20
N SER A 236 -30.74 -1.68 -15.90
CA SER A 236 -30.94 -3.03 -16.40
C SER A 236 -31.46 -3.05 -17.83
N ASN A 237 -32.34 -2.10 -18.19
CA ASN A 237 -33.02 -2.17 -19.47
C ASN A 237 -32.18 -1.61 -20.61
N ALA A 238 -31.36 -0.59 -20.35
CA ALA A 238 -30.56 0.07 -21.38
C ALA A 238 -31.40 0.47 -22.58
N PHE A 239 -32.45 1.25 -22.29
CA PHE A 239 -33.34 1.75 -23.33
C PHE A 239 -32.60 2.66 -24.30
N THR A 240 -33.16 2.77 -25.51
CA THR A 240 -32.70 3.74 -26.48
C THR A 240 -33.46 5.06 -26.25
N VAL A 241 -32.72 6.16 -26.19
CA VAL A 241 -33.29 7.48 -25.93
C VAL A 241 -33.53 8.18 -27.26
N GLN A 242 -34.76 8.67 -27.46
CA GLN A 242 -35.15 9.33 -28.71
C GLN A 242 -35.13 10.84 -28.59
N SER A 243 -35.96 11.40 -27.71
CA SER A 243 -36.07 12.84 -27.53
C SER A 243 -35.34 13.25 -26.25
N ASP A 244 -35.54 14.51 -25.84
CA ASP A 244 -34.88 15.03 -24.66
C ASP A 244 -35.58 14.65 -23.37
N ALA A 245 -36.86 14.29 -23.43
CA ALA A 245 -37.61 13.97 -22.22
C ALA A 245 -38.77 13.06 -22.56
N LEU A 246 -39.31 12.44 -21.52
CA LEU A 246 -40.48 11.58 -21.62
C LEU A 246 -41.60 12.20 -20.82
N LEU A 247 -42.78 12.30 -21.42
CA LEU A 247 -43.95 12.81 -20.73
C LEU A 247 -44.54 11.70 -19.85
N LEU A 248 -44.67 11.99 -18.55
CA LEU A 248 -45.18 11.02 -17.60
C LEU A 248 -46.51 11.50 -17.04
N ARG A 249 -47.33 10.55 -16.61
CA ARG A 249 -48.57 10.81 -15.90
C ARG A 249 -48.52 10.06 -14.58
N TYR A 250 -48.84 10.76 -13.49
CA TYR A 250 -48.96 10.18 -12.16
C TYR A 250 -50.44 10.05 -11.86
N ARG A 251 -50.92 8.82 -11.76
CA ARG A 251 -52.34 8.61 -11.63
C ARG A 251 -52.58 7.78 -10.37
N ASN A 252 -53.79 7.88 -9.82
CA ASN A 252 -54.15 7.06 -8.66
C ASN A 252 -54.19 5.57 -9.05
N THR A 253 -53.64 4.72 -8.19
CA THR A 253 -53.54 3.30 -8.52
C THR A 253 -54.93 2.65 -8.60
N LEU A 254 -55.82 3.01 -7.67
CA LEU A 254 -57.13 2.37 -7.61
C LEU A 254 -58.11 2.98 -8.61
N THR A 255 -58.32 4.30 -8.53
CA THR A 255 -59.32 4.94 -9.38
C THR A 255 -58.80 5.24 -10.78
N GLY A 256 -57.51 5.54 -10.92
CA GLY A 256 -56.97 5.97 -12.18
C GLY A 256 -56.95 7.46 -12.42
N GLN A 257 -57.50 8.25 -11.49
CA GLN A 257 -57.55 9.70 -11.65
C GLN A 257 -56.15 10.26 -11.84
N LEU A 258 -56.01 11.17 -12.81
CA LEU A 258 -54.73 11.79 -13.09
C LEU A 258 -54.41 12.82 -12.00
N LEU A 259 -53.24 12.69 -11.39
CA LEU A 259 -52.83 13.62 -10.35
C LEU A 259 -51.96 14.74 -10.90
N PHE A 260 -51.01 14.44 -11.78
CA PHE A 260 -50.27 15.47 -12.48
C PHE A 260 -49.56 14.86 -13.67
N GLU A 261 -49.20 15.71 -14.62
CA GLU A 261 -48.30 15.34 -15.70
C GLU A 261 -46.94 15.97 -15.44
N CYS A 262 -45.89 15.27 -15.86
CA CYS A 262 -44.54 15.72 -15.58
C CYS A 262 -43.65 15.27 -16.73
N LYS A 263 -42.43 15.78 -16.74
CA LYS A 263 -41.44 15.45 -17.75
C LYS A 263 -40.28 14.72 -17.09
N LEU A 264 -40.02 13.50 -17.55
CA LEU A 264 -38.82 12.77 -17.15
C LEU A 264 -37.74 13.14 -18.15
N TYR A 265 -36.85 14.04 -17.75
CA TYR A 265 -35.75 14.43 -18.60
C TYR A 265 -34.77 13.28 -18.77
N SER A 266 -34.15 13.21 -19.94
CA SER A 266 -33.21 12.13 -20.24
C SER A 266 -32.02 12.12 -19.30
N GLU A 267 -31.72 13.24 -18.65
CA GLU A 267 -30.62 13.30 -17.69
C GLU A 267 -30.95 12.66 -16.35
N GLY A 268 -32.20 12.24 -16.14
CA GLY A 268 -32.55 11.44 -15.00
C GLY A 268 -33.29 12.12 -13.88
N TYR A 269 -33.99 13.22 -14.15
CA TYR A 269 -34.76 13.92 -13.14
C TYR A 269 -36.11 14.30 -13.72
N ILE A 270 -37.10 14.42 -12.83
CA ILE A 270 -38.48 14.70 -13.23
C ILE A 270 -38.82 16.15 -12.86
N ALA A 271 -39.48 16.84 -13.77
CA ALA A 271 -39.90 18.22 -13.57
C ALA A 271 -41.41 18.33 -13.66
N LEU A 272 -41.98 19.22 -12.84
CA LEU A 272 -43.39 19.57 -12.87
C LEU A 272 -43.53 21.06 -13.09
N SER A 273 -44.60 21.46 -13.77
CA SER A 273 -44.92 22.87 -13.95
C SER A 273 -45.75 23.32 -12.76
N TYR A 274 -45.15 24.11 -11.86
CA TYR A 274 -45.78 24.50 -10.61
C TYR A 274 -45.42 25.94 -10.29
N SER A 275 -46.43 26.79 -10.15
CA SER A 275 -46.24 28.22 -9.95
C SER A 275 -46.32 28.64 -8.50
N GLY A 276 -46.62 27.72 -7.58
CA GLY A 276 -46.78 28.08 -6.19
C GLY A 276 -45.48 28.47 -5.53
N SER A 277 -45.62 29.07 -4.34
CA SER A 277 -44.46 29.52 -3.57
C SER A 277 -44.08 28.56 -2.44
N GLY A 278 -45.03 27.79 -1.92
CA GLY A 278 -44.75 26.89 -0.83
C GLY A 278 -44.67 25.45 -1.29
N PRO A 279 -44.39 24.54 -0.37
CA PRO A 279 -44.31 23.12 -0.73
C PRO A 279 -45.67 22.58 -1.14
N LEU A 280 -45.64 21.61 -2.05
CA LEU A 280 -46.85 20.91 -2.49
C LEU A 280 -46.53 19.42 -2.51
N THR A 281 -47.19 18.67 -1.65
CA THR A 281 -47.02 17.23 -1.54
C THR A 281 -48.10 16.51 -2.34
N PHE A 282 -47.80 15.28 -2.73
CA PHE A 282 -48.66 14.45 -3.54
C PHE A 282 -48.84 13.09 -2.86
N PRO A 283 -49.94 12.39 -3.15
CA PRO A 283 -50.10 11.04 -2.60
C PRO A 283 -48.98 10.13 -3.09
N THR A 284 -48.54 9.24 -2.19
CA THR A 284 -47.42 8.35 -2.47
C THR A 284 -47.86 6.96 -2.92
N ASP A 285 -49.17 6.74 -3.08
CA ASP A 285 -49.71 5.45 -3.51
C ASP A 285 -50.21 5.49 -4.95
N GLY A 286 -49.66 6.38 -5.77
CA GLY A 286 -49.97 6.44 -7.18
C GLY A 286 -48.98 5.64 -7.99
N PHE A 287 -49.09 5.78 -9.32
CA PHE A 287 -48.18 5.10 -10.23
C PHE A 287 -47.85 6.03 -11.39
N PHE A 288 -46.64 5.86 -11.93
CA PHE A 288 -46.17 6.60 -13.08
C PHE A 288 -46.40 5.78 -14.34
N GLU A 289 -46.75 6.45 -15.44
CA GLU A 289 -46.87 5.81 -16.72
C GLU A 289 -46.24 6.68 -17.80
N VAL A 290 -45.54 6.04 -18.73
CA VAL A 290 -44.92 6.77 -19.83
C VAL A 290 -45.97 7.01 -20.91
N VAL A 291 -46.06 8.24 -21.39
CA VAL A 291 -47.05 8.60 -22.39
C VAL A 291 -46.39 8.62 -23.76
N SER A 292 -45.35 9.44 -23.92
CA SER A 292 -44.67 9.59 -25.20
C SER A 292 -43.38 10.39 -24.97
N TRP A 293 -42.58 10.44 -26.02
CA TRP A 293 -41.42 11.32 -26.04
C TRP A 293 -41.85 12.76 -26.31
N VAL A 294 -41.12 13.70 -25.71
CA VAL A 294 -41.39 15.12 -25.93
C VAL A 294 -40.08 15.87 -26.04
N PRO A 295 -40.08 17.00 -26.73
CA PRO A 295 -38.88 17.84 -26.80
C PRO A 295 -38.65 18.57 -25.49
N ARG A 296 -37.44 19.13 -25.36
CA ARG A 296 -37.08 19.85 -24.14
C ARG A 296 -38.05 20.99 -23.84
N LEU A 297 -38.50 21.68 -24.89
CA LEU A 297 -39.35 22.86 -24.74
C LEU A 297 -40.81 22.51 -24.50
N PHE A 298 -41.16 21.24 -24.40
CA PHE A 298 -42.53 20.83 -24.15
C PHE A 298 -43.04 21.49 -22.87
N GLN A 299 -44.14 22.22 -22.97
CA GLN A 299 -44.70 22.95 -21.84
C GLN A 299 -45.74 22.07 -21.14
N LEU A 300 -45.50 21.81 -19.86
CA LEU A 300 -46.40 20.97 -19.07
C LEU A 300 -47.59 21.78 -18.57
N ALA A 301 -48.68 21.07 -18.30
CA ALA A 301 -49.83 21.68 -17.63
C ALA A 301 -49.53 21.90 -16.16
N SER A 302 -49.97 23.03 -15.63
CA SER A 302 -49.65 23.41 -14.25
C SER A 302 -50.39 22.54 -13.25
N VAL A 303 -49.79 22.36 -12.08
CA VAL A 303 -50.38 21.55 -11.01
C VAL A 303 -50.85 22.43 -9.86
N ARG B 1 -44.56 -11.23 -23.77
CA ARG B 1 -43.10 -11.11 -23.80
C ARG B 1 -42.45 -12.23 -22.99
N MET B 2 -41.45 -12.87 -23.59
CA MET B 2 -40.75 -13.97 -22.93
C MET B 2 -39.96 -13.48 -21.73
N VAL B 3 -39.98 -14.27 -20.66
CA VAL B 3 -39.22 -13.91 -19.46
C VAL B 3 -37.76 -13.73 -19.82
N ASP B 4 -37.16 -12.65 -19.33
CA ASP B 4 -35.73 -12.44 -19.41
C ASP B 4 -35.22 -11.96 -18.05
N LEU B 5 -33.90 -11.90 -17.91
CA LEU B 5 -33.32 -11.51 -16.65
C LEU B 5 -32.35 -10.34 -16.87
N PRO B 6 -32.24 -9.45 -15.89
CA PRO B 6 -31.21 -8.41 -15.97
C PRO B 6 -29.82 -9.03 -15.94
N VAL B 7 -28.87 -8.33 -16.55
CA VAL B 7 -27.50 -8.80 -16.68
C VAL B 7 -26.72 -8.55 -15.39
N LEU B 8 -27.43 -8.16 -14.33
CA LEU B 8 -26.78 -7.78 -13.07
C LEU B 8 -25.97 -8.95 -12.49
N GLN B 9 -24.76 -8.62 -12.03
CA GLN B 9 -23.90 -9.60 -11.37
C GLN B 9 -24.35 -9.82 -9.92
N PRO B 10 -24.26 -11.05 -9.42
CA PRO B 10 -24.60 -11.27 -8.00
C PRO B 10 -23.84 -10.39 -7.02
N ARG B 11 -22.53 -10.18 -7.26
CA ARG B 11 -21.72 -9.37 -6.36
C ARG B 11 -22.14 -7.90 -6.35
N LEU B 12 -22.96 -7.46 -7.31
CA LEU B 12 -23.48 -6.11 -7.32
C LEU B 12 -24.94 -6.04 -6.94
N CYS B 13 -25.50 -7.14 -6.42
CA CYS B 13 -26.92 -7.23 -6.06
C CYS B 13 -27.12 -7.10 -4.56
N THR B 14 -28.39 -7.01 -4.18
CA THR B 14 -28.80 -6.87 -2.78
C THR B 14 -29.35 -8.20 -2.27
N HIS B 15 -28.93 -8.57 -1.06
CA HIS B 15 -29.47 -9.78 -0.45
C HIS B 15 -30.93 -9.57 -0.07
N ALA B 16 -31.70 -10.67 -0.10
CA ALA B 16 -33.14 -10.60 0.07
C ALA B 16 -33.61 -10.96 1.47
N ARG B 17 -32.73 -11.42 2.36
CA ARG B 17 -33.12 -11.80 3.71
C ARG B 17 -32.37 -11.04 4.80
N TRP B 18 -31.32 -10.30 4.45
CA TRP B 18 -30.57 -9.45 5.36
C TRP B 18 -30.09 -8.26 4.54
N PRO B 19 -30.28 -7.03 5.02
CA PRO B 19 -29.96 -5.85 4.20
C PRO B 19 -28.46 -5.63 4.02
N ALA B 20 -27.85 -6.39 3.10
CA ALA B 20 -26.42 -6.30 2.87
C ALA B 20 -26.15 -6.70 1.42
N PRO B 21 -24.98 -6.36 0.89
CA PRO B 21 -24.62 -6.86 -0.45
C PRO B 21 -24.49 -8.38 -0.43
N ILE B 22 -24.68 -8.97 -1.61
CA ILE B 22 -24.41 -10.38 -1.81
C ILE B 22 -22.91 -10.57 -2.00
N TYR B 23 -22.31 -11.47 -1.22
CA TYR B 23 -20.88 -11.72 -1.29
C TYR B 23 -20.52 -13.10 -1.84
N GLY B 24 -21.45 -14.05 -1.81
CA GLY B 24 -21.13 -15.41 -2.20
C GLY B 24 -22.24 -16.01 -3.05
N LEU B 25 -21.84 -16.99 -3.84
CA LEU B 25 -22.74 -17.77 -4.68
C LEU B 25 -22.28 -19.21 -4.62
N LEU B 26 -23.16 -20.11 -4.17
CA LEU B 26 -22.70 -21.46 -3.88
C LEU B 26 -23.88 -22.42 -3.86
N VAL B 27 -23.54 -23.70 -3.90
CA VAL B 27 -24.45 -24.79 -3.53
C VAL B 27 -23.79 -25.54 -2.37
N ASP B 28 -24.61 -26.10 -1.48
CA ASP B 28 -24.11 -26.86 -0.35
C ASP B 28 -25.18 -27.87 0.06
N PRO B 29 -25.04 -29.13 -0.37
CA PRO B 29 -26.06 -30.13 -0.03
C PRO B 29 -26.06 -30.51 1.44
N SER B 30 -25.05 -30.13 2.21
CA SER B 30 -25.01 -30.45 3.63
C SER B 30 -25.90 -29.54 4.45
N LEU B 31 -26.34 -28.42 3.87
CA LEU B 31 -27.25 -27.50 4.53
C LEU B 31 -28.69 -27.98 4.32
N PRO B 32 -29.64 -27.44 5.08
CA PRO B 32 -31.05 -27.81 4.86
C PRO B 32 -31.49 -27.60 3.41
N SER B 33 -31.89 -28.69 2.74
CA SER B 33 -32.10 -28.65 1.30
C SER B 33 -33.43 -28.03 0.89
N ASN B 34 -34.43 -28.03 1.76
CA ASN B 34 -35.74 -27.47 1.47
C ASN B 34 -36.10 -26.42 2.52
N PRO B 35 -35.40 -25.29 2.53
CA PRO B 35 -35.66 -24.27 3.56
C PRO B 35 -37.00 -23.59 3.35
N GLN B 36 -37.63 -23.23 4.45
CA GLN B 36 -38.89 -22.46 4.42
C GLN B 36 -38.64 -21.00 4.75
N TRP B 37 -37.69 -20.38 4.05
CA TRP B 37 -37.49 -18.95 4.16
C TRP B 37 -38.78 -18.22 3.81
N GLN B 38 -39.11 -17.19 4.59
CA GLN B 38 -40.32 -16.42 4.34
C GLN B 38 -40.07 -15.10 3.61
N ASN B 39 -38.86 -14.57 3.68
CA ASN B 39 -38.46 -13.42 2.89
C ASN B 39 -37.67 -13.90 1.68
N GLY B 40 -37.64 -13.08 0.65
CA GLY B 40 -36.95 -13.46 -0.57
C GLY B 40 -37.65 -14.56 -1.34
N ARG B 41 -38.97 -14.62 -1.28
CA ARG B 41 -39.77 -15.65 -1.95
C ARG B 41 -40.69 -14.97 -2.95
N VAL B 42 -40.56 -15.32 -4.22
CA VAL B 42 -41.40 -14.75 -5.27
C VAL B 42 -41.58 -15.78 -6.37
N HIS B 43 -42.75 -15.75 -7.01
CA HIS B 43 -42.95 -16.52 -8.22
C HIS B 43 -42.38 -15.75 -9.42
N VAL B 44 -42.04 -16.49 -10.48
CA VAL B 44 -41.50 -15.86 -11.68
C VAL B 44 -42.53 -14.94 -12.32
N ASP B 45 -43.82 -15.20 -12.10
CA ASP B 45 -44.87 -14.31 -12.59
C ASP B 45 -45.01 -13.04 -11.76
N GLY B 46 -44.24 -12.90 -10.67
CA GLY B 46 -44.26 -11.71 -9.86
C GLY B 46 -45.06 -11.81 -8.57
N THR B 47 -45.63 -12.97 -8.28
CA THR B 47 -46.41 -13.15 -7.06
C THR B 47 -45.49 -13.29 -5.87
N LEU B 48 -45.62 -12.38 -4.91
CA LEU B 48 -44.83 -12.44 -3.69
C LEU B 48 -45.40 -13.48 -2.73
N LEU B 49 -44.51 -14.24 -2.10
CA LEU B 49 -44.90 -15.24 -1.12
C LEU B 49 -44.40 -14.84 0.26
N GLY B 50 -45.04 -15.42 1.28
CA GLY B 50 -44.63 -15.19 2.65
C GLY B 50 -44.69 -13.72 3.00
N THR B 51 -43.63 -13.23 3.62
CA THR B 51 -43.51 -11.85 4.04
C THR B 51 -42.61 -11.04 3.11
N THR B 52 -42.29 -11.57 1.93
CA THR B 52 -41.34 -10.95 1.02
C THR B 52 -41.78 -9.56 0.59
N PRO B 53 -40.96 -8.54 0.78
CA PRO B 53 -41.29 -7.21 0.27
C PRO B 53 -40.66 -6.94 -1.09
N VAL B 54 -41.12 -5.88 -1.77
CA VAL B 54 -40.49 -5.50 -3.04
C VAL B 54 -39.20 -4.72 -2.78
N SER B 55 -39.23 -3.79 -1.83
CA SER B 55 -38.07 -2.94 -1.56
C SER B 55 -37.10 -3.64 -0.61
N GLY B 56 -35.82 -3.60 -0.95
CA GLY B 56 -34.80 -4.19 -0.08
C GLY B 56 -34.64 -3.50 1.26
N SER B 57 -35.04 -2.23 1.36
CA SER B 57 -34.97 -1.54 2.63
C SER B 57 -36.00 -2.04 3.64
N TRP B 58 -36.96 -2.84 3.21
CA TRP B 58 -37.92 -3.45 4.13
C TRP B 58 -37.40 -4.74 4.72
N VAL B 59 -36.35 -5.31 4.14
CA VAL B 59 -35.90 -6.65 4.49
C VAL B 59 -35.33 -6.66 5.91
N SER B 60 -35.84 -7.58 6.74
CA SER B 60 -35.41 -7.76 8.13
C SER B 60 -35.60 -6.49 8.95
N CYS B 61 -36.60 -5.70 8.61
CA CYS B 61 -36.95 -4.50 9.36
C CYS B 61 -38.42 -4.59 9.75
N PHE B 62 -38.85 -3.65 10.58
CA PHE B 62 -40.27 -3.51 10.88
C PHE B 62 -40.56 -2.08 11.28
N ALA B 63 -41.84 -1.75 11.27
CA ALA B 63 -42.33 -0.45 11.71
C ALA B 63 -43.38 -0.68 12.78
N ALA B 64 -43.55 0.28 13.68
CA ALA B 64 -44.45 0.07 14.79
C ALA B 64 -44.81 1.40 15.43
N GLU B 65 -45.86 1.33 16.25
CA GLU B 65 -46.12 2.36 17.25
C GLU B 65 -45.48 1.87 18.54
N ALA B 66 -44.53 2.63 19.06
CA ALA B 66 -43.70 2.19 20.18
C ALA B 66 -44.24 2.74 21.50
N ALA B 67 -44.26 1.88 22.51
CA ALA B 67 -44.57 2.28 23.88
C ALA B 67 -43.41 1.89 24.77
N TYR B 68 -42.83 2.86 25.45
CA TYR B 68 -41.64 2.63 26.27
C TYR B 68 -41.96 2.82 27.75
N GLU B 69 -41.28 2.06 28.59
CA GLU B 69 -41.38 2.20 30.03
C GLU B 69 -40.18 1.51 30.67
N PHE B 70 -39.89 1.91 31.90
CA PHE B 70 -38.81 1.32 32.68
C PHE B 70 -39.39 0.35 33.70
N GLN B 71 -38.81 -0.85 33.77
CA GLN B 71 -39.20 -1.87 34.73
C GLN B 71 -37.96 -2.26 35.53
N SER B 72 -37.97 -1.97 36.83
CA SER B 72 -36.86 -2.35 37.69
C SER B 72 -36.64 -3.85 37.62
N GLY B 73 -35.37 -4.26 37.57
CA GLY B 73 -35.04 -5.65 37.41
C GLY B 73 -34.97 -6.12 35.97
N THR B 74 -35.44 -5.30 35.03
CA THR B 74 -35.35 -5.62 33.60
C THR B 74 -34.63 -4.54 32.83
N GLY B 75 -35.07 -3.29 32.93
CA GLY B 75 -34.45 -2.19 32.24
C GLY B 75 -35.49 -1.40 31.46
N GLU B 76 -35.09 -0.82 30.34
CA GLU B 76 -36.05 -0.14 29.45
C GLU B 76 -36.73 -1.19 28.58
N VAL B 77 -38.06 -1.23 28.64
CA VAL B 77 -38.85 -2.23 27.93
C VAL B 77 -39.67 -1.52 26.87
N ALA B 78 -39.64 -2.06 25.65
CA ALA B 78 -40.37 -1.49 24.51
C ALA B 78 -41.46 -2.46 24.08
N THR B 79 -42.68 -1.93 23.91
CA THR B 79 -43.79 -2.68 23.35
C THR B 79 -44.10 -2.09 21.98
N PHE B 80 -43.90 -2.89 20.93
CA PHE B 80 -44.04 -2.45 19.55
C PHE B 80 -45.36 -2.97 19.01
N THR B 81 -46.27 -2.05 18.69
CA THR B 81 -47.52 -2.40 18.02
C THR B 81 -47.25 -2.31 16.52
N LEU B 82 -47.10 -3.46 15.87
CA LEU B 82 -46.54 -3.51 14.53
C LEU B 82 -47.47 -2.86 13.51
N ILE B 83 -46.85 -2.29 12.47
CA ILE B 83 -47.55 -1.70 11.34
C ILE B 83 -46.76 -2.03 10.08
N GLU B 84 -47.45 -2.04 8.94
CA GLU B 84 -46.72 -2.23 7.69
C GLU B 84 -45.79 -1.05 7.48
N GLN B 85 -44.63 -1.32 6.86
CA GLN B 85 -43.53 -0.36 6.85
C GLN B 85 -43.82 0.89 6.03
N ASP B 86 -44.90 0.91 5.24
CA ASP B 86 -45.27 2.12 4.53
C ASP B 86 -46.31 2.95 5.27
N GLY B 87 -46.76 2.50 6.44
CA GLY B 87 -47.73 3.21 7.23
C GLY B 87 -49.15 2.69 7.13
N SER B 88 -49.43 1.79 6.19
CA SER B 88 -50.76 1.19 6.12
C SER B 88 -50.91 0.17 7.24
N ALA B 89 -52.15 0.02 7.71
CA ALA B 89 -52.42 -0.80 8.88
C ALA B 89 -52.05 -2.26 8.63
N TYR B 90 -51.45 -2.89 9.63
CA TYR B 90 -51.15 -4.32 9.58
C TYR B 90 -52.37 -5.10 10.08
N VAL B 91 -52.87 -6.00 9.26
CA VAL B 91 -54.00 -6.87 9.59
C VAL B 91 -53.51 -8.31 9.52
N PRO B 92 -53.60 -9.09 10.61
CA PRO B 92 -53.25 -10.51 10.52
C PRO B 92 -54.01 -11.21 9.41
N GLY B 93 -53.29 -11.85 8.49
CA GLY B 93 -53.90 -12.43 7.29
C GLY B 93 -53.21 -13.70 6.88
N ASP B 94 -52.99 -13.84 5.57
CA ASP B 94 -52.47 -15.07 4.99
C ASP B 94 -50.95 -15.11 4.93
N ARG B 95 -50.27 -14.51 5.92
CA ARG B 95 -48.82 -14.61 6.00
C ARG B 95 -48.39 -14.49 7.46
N ALA B 96 -47.09 -14.70 7.69
CA ALA B 96 -46.58 -14.88 9.05
C ALA B 96 -46.52 -13.58 9.82
N ALA B 97 -46.35 -12.46 9.15
CA ALA B 97 -46.01 -11.22 9.85
C ALA B 97 -46.20 -10.05 8.91
N PRO B 98 -45.92 -8.81 9.33
CA PRO B 98 -45.83 -7.72 8.36
C PRO B 98 -44.73 -8.00 7.36
N LEU B 99 -44.87 -7.45 6.16
CA LEU B 99 -43.89 -7.66 5.10
C LEU B 99 -42.50 -7.24 5.59
N GLY B 100 -41.51 -8.09 5.30
CA GLY B 100 -40.13 -7.79 5.63
C GLY B 100 -39.70 -8.20 7.02
N TYR B 101 -40.62 -8.63 7.89
CA TYR B 101 -40.25 -9.01 9.23
C TYR B 101 -39.22 -10.15 9.19
N PRO B 102 -38.24 -10.15 10.09
CA PRO B 102 -37.20 -11.20 10.05
C PRO B 102 -37.79 -12.60 10.04
N ASP B 103 -37.18 -13.47 9.24
CA ASP B 103 -37.61 -14.86 9.10
C ASP B 103 -36.58 -15.86 9.65
N PHE B 104 -35.69 -15.39 10.51
CA PHE B 104 -34.69 -16.23 11.14
C PHE B 104 -34.80 -16.09 12.66
N SER B 105 -33.93 -16.80 13.37
CA SER B 105 -33.99 -16.84 14.82
C SER B 105 -32.68 -16.34 15.42
N GLY B 106 -32.71 -16.12 16.73
CA GLY B 106 -31.61 -15.55 17.47
C GLY B 106 -32.04 -14.29 18.19
N GLN B 107 -31.07 -13.62 18.79
CA GLN B 107 -31.31 -12.35 19.48
C GLN B 107 -30.87 -11.22 18.57
N LEU B 108 -31.82 -10.38 18.18
CA LEU B 108 -31.60 -9.34 17.21
C LEU B 108 -31.47 -7.99 17.90
N GLU B 109 -30.37 -7.29 17.63
CA GLU B 109 -30.23 -5.91 18.05
C GLU B 109 -30.86 -5.01 17.00
N ILE B 110 -31.79 -4.16 17.43
CA ILE B 110 -32.50 -3.27 16.53
C ILE B 110 -32.27 -1.83 16.98
N GLU B 111 -32.36 -0.90 16.03
CA GLU B 111 -32.19 0.51 16.30
C GLU B 111 -33.43 1.27 15.88
N VAL B 112 -33.87 2.19 16.74
CA VAL B 112 -35.03 3.01 16.48
C VAL B 112 -34.70 4.45 16.84
N GLN B 113 -35.36 5.38 16.17
CA GLN B 113 -35.27 6.79 16.55
C GLN B 113 -36.14 7.00 17.79
N THR B 114 -35.54 7.50 18.86
CA THR B 114 -36.26 7.74 20.11
C THR B 114 -36.15 9.21 20.49
N GLU B 115 -37.25 9.75 21.00
CA GLU B 115 -37.28 11.10 21.55
C GLU B 115 -37.28 11.02 23.06
N THR B 116 -36.49 11.88 23.70
CA THR B 116 -36.36 11.89 25.14
C THR B 116 -36.83 13.20 25.72
N THR B 117 -37.21 13.15 27.01
CA THR B 117 -37.55 14.36 27.76
C THR B 117 -36.39 14.84 28.61
N LYS B 118 -35.30 14.09 28.69
CA LYS B 118 -34.15 14.48 29.50
C LYS B 118 -33.59 15.81 28.98
N THR B 119 -33.38 16.74 29.90
CA THR B 119 -32.84 18.05 29.54
C THR B 119 -31.47 17.91 28.90
N GLY B 120 -31.25 18.64 27.81
CA GLY B 120 -30.00 18.61 27.09
C GLY B 120 -29.98 17.66 25.91
N ASP B 121 -30.94 16.73 25.85
CA ASP B 121 -31.09 15.82 24.72
C ASP B 121 -32.53 15.88 24.26
N LYS B 122 -32.77 15.35 23.07
CA LYS B 122 -34.12 15.36 22.51
C LYS B 122 -34.30 14.15 21.60
N LEU B 123 -33.45 14.03 20.57
CA LEU B 123 -33.54 12.95 19.61
C LEU B 123 -32.28 12.11 19.68
N LYS B 124 -32.46 10.81 19.88
CA LYS B 124 -31.37 9.85 19.94
C LYS B 124 -31.76 8.63 19.12
N VAL B 125 -30.77 7.77 18.88
CA VAL B 125 -31.01 6.46 18.29
C VAL B 125 -30.66 5.43 19.35
N THR B 126 -31.64 4.62 19.73
CA THR B 126 -31.53 3.71 20.86
C THR B 126 -31.48 2.27 20.34
N THR B 127 -30.54 1.48 20.88
CA THR B 127 -30.41 0.08 20.52
C THR B 127 -31.19 -0.77 21.51
N PHE B 128 -32.07 -1.62 21.00
CA PHE B 128 -32.82 -2.56 21.81
C PHE B 128 -32.41 -3.98 21.46
N GLU B 129 -32.58 -4.88 22.43
CA GLU B 129 -32.39 -6.31 22.21
C GLU B 129 -33.76 -6.95 22.05
N MET B 130 -33.93 -7.74 21.00
CA MET B 130 -35.21 -8.38 20.72
C MET B 130 -34.97 -9.84 20.39
N ILE B 131 -35.55 -10.73 21.18
CA ILE B 131 -35.42 -12.16 20.91
C ILE B 131 -36.44 -12.55 19.84
N LEU B 132 -35.96 -13.21 18.79
CA LEU B 132 -36.84 -13.61 17.69
C LEU B 132 -37.39 -15.01 17.88
N GLY B 133 -36.53 -15.93 18.31
CA GLY B 133 -36.91 -17.32 18.41
C GLY B 133 -35.67 -18.19 18.52
N PRO B 134 -35.80 -19.49 18.21
CA PRO B 134 -36.99 -20.20 17.73
C PRO B 134 -38.10 -20.20 18.77
N THR B 135 -37.72 -20.32 20.05
CA THR B 135 -38.63 -20.23 21.17
C THR B 135 -38.23 -19.05 22.06
N THR B 136 -39.24 -18.40 22.64
CA THR B 136 -39.00 -17.36 23.62
C THR B 136 -39.93 -17.58 24.81
N ASN B 137 -39.56 -17.01 25.95
CA ASN B 137 -40.42 -16.92 27.11
C ASN B 137 -41.01 -15.52 27.29
N VAL B 138 -41.07 -14.75 26.21
CA VAL B 138 -41.58 -13.37 26.25
C VAL B 138 -42.86 -13.19 25.47
N ASP B 139 -43.31 -14.23 24.75
CA ASP B 139 -44.56 -14.20 23.98
C ASP B 139 -44.50 -13.22 22.81
N GLN B 140 -43.48 -13.37 21.98
CA GLN B 140 -43.44 -12.62 20.72
C GLN B 140 -44.56 -13.11 19.81
N ALA B 141 -45.31 -12.18 19.24
CA ALA B 141 -46.40 -12.49 18.32
C ALA B 141 -46.46 -11.45 17.21
N PRO B 142 -45.43 -11.42 16.35
CA PRO B 142 -45.51 -10.51 15.20
C PRO B 142 -46.70 -10.80 14.30
N TYR B 143 -47.15 -12.05 14.24
CA TYR B 143 -48.35 -12.35 13.46
C TYR B 143 -49.56 -11.57 13.98
N GLN B 144 -49.64 -11.42 15.31
CA GLN B 144 -50.70 -10.61 15.93
C GLN B 144 -50.37 -9.12 15.91
N GLY B 145 -49.14 -8.75 15.61
CA GLY B 145 -48.77 -7.36 15.58
C GLY B 145 -48.22 -6.80 16.86
N ARG B 146 -47.65 -7.63 17.72
CA ARG B 146 -47.08 -7.18 18.99
C ARG B 146 -45.79 -7.95 19.26
N VAL B 147 -44.70 -7.22 19.43
CA VAL B 147 -43.42 -7.78 19.83
C VAL B 147 -42.84 -6.90 20.92
N TYR B 148 -41.94 -7.49 21.71
CA TYR B 148 -41.33 -6.82 22.85
C TYR B 148 -39.82 -6.81 22.69
N ALA B 149 -39.20 -5.68 23.08
CA ALA B 149 -37.76 -5.55 23.07
C ALA B 149 -37.34 -4.80 24.33
N SER B 150 -36.07 -4.95 24.70
CA SER B 150 -35.60 -4.35 25.93
C SER B 150 -34.11 -4.07 25.85
N LEU B 151 -33.64 -3.26 26.80
CA LEU B 151 -32.23 -2.96 26.98
C LEU B 151 -32.00 -2.69 28.46
N THR B 152 -30.91 -3.23 28.99
CA THR B 152 -30.62 -3.08 30.41
C THR B 152 -30.29 -1.63 30.73
N ALA B 153 -30.88 -1.12 31.81
CA ALA B 153 -30.63 0.24 32.25
C ALA B 153 -30.87 0.32 33.75
N VAL B 154 -30.09 1.19 34.41
CA VAL B 154 -30.23 1.37 35.85
C VAL B 154 -31.39 2.29 36.19
N ALA B 155 -31.83 3.12 35.25
CA ALA B 155 -32.95 4.02 35.47
C ALA B 155 -33.67 4.25 34.15
N SER B 156 -34.82 4.92 34.23
CA SER B 156 -35.61 5.19 33.04
C SER B 156 -34.85 6.08 32.06
N LEU B 157 -35.03 5.81 30.77
CA LEU B 157 -34.45 6.63 29.72
C LEU B 157 -35.33 7.82 29.34
N ASP B 158 -36.50 7.97 29.95
CA ASP B 158 -37.41 9.08 29.67
C ASP B 158 -37.79 9.13 28.19
N LEU B 159 -38.07 7.97 27.60
CA LEU B 159 -38.41 7.90 26.19
C LEU B 159 -39.85 8.34 25.94
N VAL B 160 -40.07 8.95 24.78
CA VAL B 160 -41.41 9.36 24.34
C VAL B 160 -41.94 8.30 23.39
N ASP B 161 -43.18 7.87 23.62
CA ASP B 161 -43.84 6.93 22.73
C ASP B 161 -44.09 7.57 21.37
N GLY B 162 -44.05 6.75 20.32
CA GLY B 162 -44.30 7.27 18.98
C GLY B 162 -43.96 6.25 17.92
N ARG B 163 -43.99 6.72 16.67
CA ARG B 163 -43.75 5.89 15.50
C ARG B 163 -42.26 5.57 15.38
N VAL B 164 -41.96 4.35 14.93
CA VAL B 164 -40.57 3.93 14.75
C VAL B 164 -40.45 3.08 13.49
N ARG B 165 -39.25 3.10 12.92
CA ARG B 165 -38.79 2.11 11.97
C ARG B 165 -37.57 1.44 12.60
N ALA B 166 -37.58 0.12 12.67
CA ALA B 166 -36.52 -0.63 13.32
C ALA B 166 -35.66 -1.31 12.25
N VAL B 167 -34.35 -1.07 12.32
CA VAL B 167 -33.40 -1.66 11.38
C VAL B 167 -32.46 -2.58 12.16
N PRO B 168 -31.92 -3.63 11.54
CA PRO B 168 -31.12 -4.60 12.31
C PRO B 168 -29.67 -4.14 12.46
N ARG B 169 -29.18 -4.19 13.69
CA ARG B 169 -27.78 -3.84 13.97
C ARG B 169 -26.88 -5.07 14.07
N SER B 170 -27.34 -6.14 14.71
CA SER B 170 -26.53 -7.34 14.86
C SER B 170 -27.44 -8.50 15.24
N ILE B 171 -26.91 -9.71 15.04
CA ILE B 171 -27.61 -10.94 15.40
C ILE B 171 -26.73 -11.73 16.35
N TYR B 172 -27.35 -12.32 17.37
CA TYR B 172 -26.65 -13.08 18.39
C TYR B 172 -27.30 -14.46 18.49
N GLY B 173 -26.49 -15.51 18.40
CA GLY B 173 -27.04 -16.85 18.40
C GLY B 173 -27.91 -17.12 17.19
N PHE B 174 -27.45 -16.68 16.01
CA PHE B 174 -28.25 -16.83 14.80
C PHE B 174 -28.58 -18.29 14.54
N GLN B 175 -29.83 -18.52 14.12
CA GLN B 175 -30.27 -19.82 13.64
C GLN B 175 -31.16 -19.59 12.43
N ASP B 176 -30.89 -20.32 11.34
CA ASP B 176 -31.72 -20.21 10.14
C ASP B 176 -32.97 -21.08 10.31
N VAL B 177 -33.77 -20.68 11.29
CA VAL B 177 -35.05 -21.29 11.61
C VAL B 177 -36.04 -20.15 11.78
N ILE B 178 -37.26 -20.35 11.31
CA ILE B 178 -38.28 -19.30 11.37
C ILE B 178 -38.48 -18.89 12.82
N PRO B 179 -38.74 -17.61 13.10
CA PRO B 179 -38.87 -17.15 14.48
C PRO B 179 -40.22 -17.55 15.06
N GLU B 180 -40.44 -17.15 16.31
CA GLU B 180 -41.73 -17.36 16.98
C GLU B 180 -42.71 -16.34 16.43
N TYR B 181 -43.56 -16.76 15.50
CA TYR B 181 -44.45 -15.81 14.83
C TYR B 181 -45.71 -15.52 15.63
N ASN B 182 -46.16 -16.44 16.48
CA ASN B 182 -47.48 -16.31 17.09
C ASN B 182 -47.52 -17.01 18.45
N ASP B 183 -46.57 -16.66 19.33
CA ASP B 183 -46.59 -17.10 20.73
C ASP B 183 -46.66 -18.63 20.83
N GLY B 184 -46.02 -19.32 19.89
CA GLY B 184 -46.01 -20.76 19.87
C GLY B 184 -47.07 -21.37 18.97
N LEU B 185 -48.09 -20.61 18.58
CA LEU B 185 -49.10 -21.11 17.68
C LEU B 185 -48.58 -21.06 16.23
N LEU B 186 -49.29 -21.74 15.34
CA LEU B 186 -48.88 -21.81 13.95
C LEU B 186 -49.43 -20.63 13.16
N VAL B 187 -48.77 -20.33 12.04
CA VAL B 187 -49.14 -19.22 11.19
C VAL B 187 -49.13 -19.67 9.74
N PRO B 188 -49.78 -18.94 8.85
CA PRO B 188 -49.64 -19.21 7.41
C PRO B 188 -48.21 -18.96 6.97
N LEU B 189 -47.62 -19.95 6.30
CA LEU B 189 -46.23 -19.88 5.89
C LEU B 189 -46.12 -20.14 4.39
N ALA B 190 -45.13 -19.51 3.77
CA ALA B 190 -44.74 -19.94 2.45
C ALA B 190 -44.19 -21.37 2.56
N PRO B 191 -44.49 -22.23 1.60
CA PRO B 191 -44.08 -23.63 1.72
C PRO B 191 -42.57 -23.76 1.59
N PRO B 192 -42.01 -24.90 2.01
CA PRO B 192 -40.57 -25.11 1.85
C PRO B 192 -40.17 -25.00 0.39
N ILE B 193 -38.94 -24.51 0.18
CA ILE B 193 -38.41 -24.39 -1.17
C ILE B 193 -38.19 -25.77 -1.76
N GLY B 194 -38.68 -25.99 -2.98
CA GLY B 194 -38.63 -27.28 -3.61
C GLY B 194 -39.89 -27.55 -4.40
N PRO B 195 -40.01 -28.74 -5.00
CA PRO B 195 -39.06 -29.86 -4.88
C PRO B 195 -37.94 -29.81 -5.92
N PHE B 196 -36.97 -30.71 -5.77
CA PHE B 196 -35.85 -30.83 -6.68
C PHE B 196 -35.84 -32.21 -7.32
N LEU B 197 -35.21 -32.29 -8.49
CA LEU B 197 -34.98 -33.57 -9.13
C LEU B 197 -33.87 -34.32 -8.42
N PRO B 198 -33.77 -35.63 -8.62
CA PRO B 198 -32.59 -36.35 -8.14
C PRO B 198 -31.31 -35.70 -8.65
N GLY B 199 -30.39 -35.40 -7.74
CA GLY B 199 -29.15 -34.77 -8.06
C GLY B 199 -29.17 -33.26 -8.10
N GLU B 200 -30.33 -32.64 -7.96
CA GLU B 200 -30.47 -31.18 -7.99
C GLU B 200 -30.36 -30.61 -6.58
N VAL B 201 -29.68 -29.46 -6.46
CA VAL B 201 -29.50 -28.78 -5.19
C VAL B 201 -29.77 -27.30 -5.37
N LEU B 202 -30.14 -26.65 -4.27
CA LEU B 202 -30.55 -25.25 -4.29
C LEU B 202 -29.34 -24.34 -4.48
N LEU B 203 -29.46 -23.36 -5.37
CA LEU B 203 -28.44 -22.34 -5.55
C LEU B 203 -28.64 -21.24 -4.52
N ARG B 204 -27.57 -20.88 -3.81
CA ARG B 204 -27.65 -19.97 -2.67
C ARG B 204 -26.91 -18.68 -2.95
N PHE B 205 -27.59 -17.55 -2.75
CA PHE B 205 -26.98 -16.23 -2.74
C PHE B 205 -26.71 -15.88 -1.28
N ARG B 206 -25.44 -15.66 -0.95
CA ARG B 206 -24.99 -15.61 0.43
C ARG B 206 -24.46 -14.23 0.81
N THR B 207 -24.85 -13.77 1.99
CA THR B 207 -24.21 -12.62 2.64
C THR B 207 -23.85 -13.01 4.07
N TYR B 208 -23.21 -12.08 4.77
CA TYR B 208 -22.75 -12.31 6.13
C TYR B 208 -23.24 -11.18 7.03
N MET B 209 -23.86 -11.54 8.15
CA MET B 209 -24.53 -10.58 9.00
C MET B 209 -23.63 -10.07 10.13
N ARG B 210 -23.77 -8.80 10.46
CA ARG B 210 -23.16 -8.27 11.68
C ARG B 210 -23.63 -9.09 12.87
N GLN B 211 -22.70 -9.61 13.66
CA GLN B 211 -23.06 -10.52 14.73
C GLN B 211 -22.35 -10.17 16.02
N LEU B 212 -22.90 -10.72 17.12
CA LEU B 212 -22.25 -10.72 18.42
C LEU B 212 -21.84 -12.14 18.74
N ASP B 213 -20.55 -12.34 19.01
CA ASP B 213 -20.03 -13.65 19.36
C ASP B 213 -18.84 -13.47 20.27
N THR B 214 -18.86 -14.16 21.41
CA THR B 214 -17.82 -14.00 22.42
C THR B 214 -16.61 -14.92 22.21
N ALA B 215 -16.66 -15.83 21.23
CA ALA B 215 -15.57 -16.78 21.07
C ALA B 215 -15.16 -16.98 19.62
N ASP B 216 -16.13 -17.13 18.72
CA ASP B 216 -15.87 -17.48 17.33
C ASP B 216 -15.89 -16.24 16.46
N ALA B 217 -14.84 -16.05 15.67
CA ALA B 217 -14.71 -14.90 14.79
C ALA B 217 -15.16 -15.18 13.36
N ALA B 218 -15.54 -16.43 13.05
CA ALA B 218 -15.96 -16.75 11.68
C ALA B 218 -17.25 -16.04 11.33
N ALA B 219 -17.34 -15.59 10.09
CA ALA B 219 -18.50 -14.82 9.64
C ALA B 219 -19.76 -15.67 9.66
N GLU B 220 -20.90 -15.01 9.90
CA GLU B 220 -22.20 -15.67 10.02
C GLU B 220 -22.94 -15.56 8.69
N ALA B 221 -23.08 -16.69 8.00
CA ALA B 221 -23.67 -16.73 6.67
C ALA B 221 -25.19 -16.83 6.73
N ILE B 222 -25.85 -16.20 5.76
CA ILE B 222 -27.28 -16.36 5.52
C ILE B 222 -27.53 -16.41 4.02
N ASP B 223 -28.36 -17.35 3.59
CA ASP B 223 -28.62 -17.61 2.20
C ASP B 223 -30.03 -17.17 1.82
N CYS B 224 -30.21 -16.80 0.56
CA CYS B 224 -31.53 -16.54 0.01
C CYS B 224 -31.61 -17.14 -1.39
N ALA B 225 -32.84 -17.33 -1.86
CA ALA B 225 -33.07 -18.03 -3.12
C ALA B 225 -32.81 -17.14 -4.34
N LEU B 226 -33.06 -15.84 -4.24
CA LEU B 226 -32.91 -14.91 -5.34
C LEU B 226 -32.45 -13.57 -4.82
N PRO B 227 -31.64 -12.83 -5.59
CA PRO B 227 -31.31 -11.46 -5.21
C PRO B 227 -32.57 -10.60 -5.15
N GLN B 228 -32.53 -9.59 -4.29
CA GLN B 228 -33.68 -8.70 -4.17
C GLN B 228 -34.00 -8.01 -5.50
N GLU B 229 -32.98 -7.73 -6.32
CA GLU B 229 -33.22 -7.16 -7.63
C GLU B 229 -34.04 -8.08 -8.52
N PHE B 230 -33.87 -9.41 -8.39
CA PHE B 230 -34.66 -10.33 -9.18
C PHE B 230 -36.10 -10.37 -8.70
N ILE B 231 -36.31 -10.23 -7.40
CA ILE B 231 -37.67 -10.21 -6.86
C ILE B 231 -38.43 -9.00 -7.40
N SER B 232 -37.82 -7.82 -7.32
CA SER B 232 -38.48 -6.63 -7.84
C SER B 232 -38.58 -6.67 -9.36
N TRP B 233 -37.67 -7.39 -10.02
CA TRP B 233 -37.76 -7.56 -11.47
C TRP B 233 -39.01 -8.35 -11.86
N PHE B 234 -39.27 -9.45 -11.17
CA PHE B 234 -40.47 -10.22 -11.46
C PHE B 234 -41.72 -9.50 -11.00
N ALA B 235 -41.65 -8.82 -9.85
CA ALA B 235 -42.80 -8.07 -9.38
C ALA B 235 -43.15 -6.92 -10.31
N SER B 236 -42.15 -6.31 -10.95
CA SER B 236 -42.41 -5.17 -11.82
C SER B 236 -42.85 -5.62 -13.21
N ASN B 237 -42.28 -6.70 -13.73
CA ASN B 237 -42.52 -7.09 -15.11
C ASN B 237 -43.82 -7.88 -15.28
N ALA B 238 -44.19 -8.68 -14.28
CA ALA B 238 -45.38 -9.53 -14.32
C ALA B 238 -45.43 -10.38 -15.60
N PHE B 239 -44.36 -11.14 -15.81
CA PHE B 239 -44.31 -12.07 -16.94
C PHE B 239 -45.37 -13.15 -16.77
N THR B 240 -45.78 -13.73 -17.90
CA THR B 240 -46.64 -14.91 -17.89
C THR B 240 -45.78 -16.16 -17.78
N VAL B 241 -46.14 -17.05 -16.86
CA VAL B 241 -45.36 -18.26 -16.60
C VAL B 241 -45.93 -19.40 -17.46
N GLN B 242 -45.05 -20.06 -18.21
CA GLN B 242 -45.45 -21.10 -19.15
C GLN B 242 -45.22 -22.50 -18.60
N SER B 243 -43.98 -22.87 -18.36
CA SER B 243 -43.63 -24.22 -17.92
C SER B 243 -43.34 -24.22 -16.42
N ASP B 244 -42.77 -25.32 -15.96
CA ASP B 244 -42.43 -25.45 -14.55
C ASP B 244 -41.10 -24.78 -14.21
N ALA B 245 -40.22 -24.55 -15.19
CA ALA B 245 -38.91 -23.99 -14.91
C ALA B 245 -38.36 -23.29 -16.15
N LEU B 246 -37.33 -22.48 -15.93
CA LEU B 246 -36.62 -21.77 -16.99
C LEU B 246 -35.18 -22.28 -17.02
N LEU B 247 -34.69 -22.60 -18.22
CA LEU B 247 -33.30 -22.98 -18.36
C LEU B 247 -32.45 -21.73 -18.39
N LEU B 248 -31.51 -21.61 -17.47
CA LEU B 248 -30.65 -20.45 -17.37
C LEU B 248 -29.20 -20.85 -17.61
N ARG B 249 -28.42 -19.87 -18.07
CA ARG B 249 -26.98 -20.01 -18.18
C ARG B 249 -26.32 -18.92 -17.36
N TYR B 250 -25.34 -19.32 -16.54
CA TYR B 250 -24.52 -18.37 -15.79
C TYR B 250 -23.18 -18.26 -16.49
N ARG B 251 -22.89 -17.06 -17.01
CA ARG B 251 -21.68 -16.83 -17.78
C ARG B 251 -20.87 -15.71 -17.16
N ASN B 252 -19.56 -15.77 -17.34
CA ASN B 252 -18.71 -14.68 -16.89
C ASN B 252 -19.00 -13.43 -17.71
N THR B 253 -19.11 -12.29 -17.02
CA THR B 253 -19.52 -11.06 -17.69
C THR B 253 -18.47 -10.60 -18.70
N LEU B 254 -17.18 -10.76 -18.37
CA LEU B 254 -16.14 -10.21 -19.22
C LEU B 254 -15.87 -11.11 -20.42
N THR B 255 -15.57 -12.39 -20.18
CA THR B 255 -15.23 -13.29 -21.28
C THR B 255 -16.48 -13.89 -21.94
N GLY B 256 -17.55 -14.09 -21.19
CA GLY B 256 -18.70 -14.79 -21.72
C GLY B 256 -18.66 -16.28 -21.50
N GLN B 257 -17.58 -16.80 -20.92
CA GLN B 257 -17.44 -18.23 -20.68
C GLN B 257 -18.59 -18.77 -19.83
N LEU B 258 -19.12 -19.90 -20.25
CA LEU B 258 -20.22 -20.54 -19.53
C LEU B 258 -19.70 -21.19 -18.26
N LEU B 259 -20.30 -20.85 -17.12
CA LEU B 259 -19.90 -21.43 -15.85
C LEU B 259 -20.74 -22.63 -15.44
N PHE B 260 -22.06 -22.54 -15.60
CA PHE B 260 -22.96 -23.65 -15.40
C PHE B 260 -24.31 -23.31 -16.04
N GLU B 261 -25.10 -24.34 -16.28
CA GLU B 261 -26.51 -24.16 -16.60
C GLU B 261 -27.34 -24.61 -15.41
N CYS B 262 -28.50 -23.98 -15.23
CA CYS B 262 -29.32 -24.23 -14.06
C CYS B 262 -30.79 -24.06 -14.44
N LYS B 263 -31.66 -24.49 -13.53
CA LYS B 263 -33.10 -24.37 -13.72
C LYS B 263 -33.67 -23.42 -12.69
N LEU B 264 -34.27 -22.32 -13.16
CA LEU B 264 -35.04 -21.42 -12.30
C LEU B 264 -36.49 -21.90 -12.34
N TYR B 265 -36.91 -22.57 -11.28
CA TYR B 265 -38.29 -23.02 -11.21
C TYR B 265 -39.22 -21.83 -11.07
N SER B 266 -40.43 -21.97 -11.62
CA SER B 266 -41.39 -20.89 -11.60
C SER B 266 -41.80 -20.52 -10.18
N GLU B 267 -41.61 -21.42 -9.22
CA GLU B 267 -41.91 -21.15 -7.82
C GLU B 267 -40.87 -20.26 -7.15
N GLY B 268 -39.79 -19.92 -7.84
CA GLY B 268 -38.88 -18.89 -7.40
C GLY B 268 -37.55 -19.31 -6.82
N TYR B 269 -37.04 -20.48 -7.18
CA TYR B 269 -35.75 -20.95 -6.70
C TYR B 269 -34.98 -21.59 -7.85
N ILE B 270 -33.67 -21.56 -7.75
CA ILE B 270 -32.77 -22.06 -8.80
C ILE B 270 -32.14 -23.36 -8.33
N ALA B 271 -32.06 -24.33 -9.26
CA ALA B 271 -31.47 -25.63 -8.99
C ALA B 271 -30.27 -25.85 -9.91
N LEU B 272 -29.24 -26.50 -9.37
CA LEU B 272 -28.09 -26.96 -10.13
C LEU B 272 -27.96 -28.47 -9.93
N SER B 273 -27.44 -29.16 -10.95
CA SER B 273 -27.17 -30.59 -10.83
C SER B 273 -25.76 -30.76 -10.28
N TYR B 274 -25.67 -31.18 -9.01
CA TYR B 274 -24.39 -31.27 -8.30
C TYR B 274 -24.46 -32.48 -7.39
N SER B 275 -23.54 -33.43 -7.58
CA SER B 275 -23.56 -34.69 -6.84
C SER B 275 -22.63 -34.68 -5.63
N GLY B 276 -21.90 -33.61 -5.40
CA GLY B 276 -20.98 -33.55 -4.27
C GLY B 276 -21.72 -33.47 -2.95
N SER B 277 -20.97 -33.68 -1.87
CA SER B 277 -21.54 -33.61 -0.53
C SER B 277 -21.25 -32.31 0.19
N GLY B 278 -20.18 -31.61 -0.16
CA GLY B 278 -19.80 -30.39 0.51
C GLY B 278 -20.10 -29.15 -0.32
N PRO B 279 -19.76 -27.99 0.22
CA PRO B 279 -20.03 -26.74 -0.51
C PRO B 279 -19.20 -26.63 -1.78
N LEU B 280 -19.78 -25.97 -2.78
CA LEU B 280 -19.11 -25.62 -4.02
C LEU B 280 -19.47 -24.18 -4.32
N THR B 281 -18.47 -23.30 -4.31
CA THR B 281 -18.67 -21.88 -4.56
C THR B 281 -18.39 -21.55 -6.02
N PHE B 282 -19.01 -20.46 -6.48
CA PHE B 282 -18.89 -20.00 -7.85
C PHE B 282 -18.47 -18.55 -7.87
N PRO B 283 -17.82 -18.10 -8.96
CA PRO B 283 -17.49 -16.68 -9.09
C PRO B 283 -18.75 -15.83 -9.11
N THR B 284 -18.67 -14.66 -8.48
CA THR B 284 -19.82 -13.78 -8.32
C THR B 284 -19.87 -12.66 -9.36
N ASP B 285 -18.97 -12.66 -10.34
CA ASP B 285 -18.95 -11.63 -11.38
C ASP B 285 -19.51 -12.14 -12.70
N GLY B 286 -20.38 -13.14 -12.65
CA GLY B 286 -21.10 -13.61 -13.81
C GLY B 286 -22.47 -12.99 -13.93
N PHE B 287 -23.22 -13.47 -14.92
CA PHE B 287 -24.59 -13.01 -15.14
C PHE B 287 -25.45 -14.18 -15.61
N PHE B 288 -26.75 -14.11 -15.31
CA PHE B 288 -27.73 -15.10 -15.72
C PHE B 288 -28.43 -14.68 -17.02
N GLU B 289 -28.70 -15.65 -17.88
CA GLU B 289 -29.46 -15.39 -19.10
C GLU B 289 -30.48 -16.49 -19.30
N VAL B 290 -31.66 -16.12 -19.77
CA VAL B 290 -32.74 -17.06 -20.01
C VAL B 290 -32.53 -17.72 -21.36
N VAL B 291 -32.61 -19.05 -21.39
CA VAL B 291 -32.44 -19.83 -22.62
C VAL B 291 -33.82 -20.20 -23.16
N SER B 292 -34.63 -20.89 -22.35
CA SER B 292 -35.96 -21.31 -22.78
C SER B 292 -36.72 -21.86 -21.58
N TRP B 293 -37.99 -22.14 -21.79
CA TRP B 293 -38.79 -22.88 -20.83
C TRP B 293 -38.47 -24.37 -20.92
N VAL B 294 -38.53 -25.03 -19.78
CA VAL B 294 -38.30 -26.49 -19.73
C VAL B 294 -39.28 -27.12 -18.76
N PRO B 295 -39.59 -28.39 -18.97
CA PRO B 295 -40.46 -29.09 -18.03
C PRO B 295 -39.73 -29.40 -16.73
N ARG B 296 -40.51 -29.78 -15.72
CA ARG B 296 -39.93 -30.07 -14.41
C ARG B 296 -38.86 -31.15 -14.51
N LEU B 297 -39.08 -32.14 -15.36
CA LEU B 297 -38.20 -33.30 -15.48
C LEU B 297 -36.97 -33.06 -16.35
N PHE B 298 -36.80 -31.85 -16.88
CA PHE B 298 -35.61 -31.55 -17.69
C PHE B 298 -34.34 -31.82 -16.88
N GLN B 299 -33.45 -32.63 -17.43
CA GLN B 299 -32.23 -33.04 -16.75
C GLN B 299 -31.09 -32.08 -17.08
N LEU B 300 -30.53 -31.46 -16.04
CA LEU B 300 -29.43 -30.53 -16.23
C LEU B 300 -28.10 -31.26 -16.36
N ALA B 301 -27.15 -30.61 -17.01
CA ALA B 301 -25.78 -31.09 -17.05
C ALA B 301 -25.09 -30.85 -15.71
N SER B 302 -24.25 -31.81 -15.31
CA SER B 302 -23.63 -31.74 -13.99
C SER B 302 -22.60 -30.61 -13.93
N VAL B 303 -22.44 -30.05 -12.73
CA VAL B 303 -21.50 -28.96 -12.52
C VAL B 303 -20.30 -29.44 -11.71
N ARG C 1 20.80 -6.38 -37.02
CA ARG C 1 20.36 -5.02 -36.69
C ARG C 1 21.55 -4.17 -36.26
N MET C 2 21.61 -2.94 -36.78
CA MET C 2 22.74 -2.06 -36.50
C MET C 2 22.79 -1.67 -35.02
N VAL C 3 24.01 -1.60 -34.49
CA VAL C 3 24.22 -1.26 -33.09
C VAL C 3 23.58 0.07 -32.76
N ASP C 4 22.85 0.11 -31.65
CA ASP C 4 22.33 1.33 -31.07
C ASP C 4 22.61 1.32 -29.58
N LEU C 5 22.34 2.44 -28.92
CA LEU C 5 22.58 2.59 -27.51
C LEU C 5 21.31 3.06 -26.79
N PRO C 6 21.16 2.71 -25.51
CA PRO C 6 20.05 3.27 -24.74
C PRO C 6 20.18 4.78 -24.63
N VAL C 7 19.04 5.46 -24.54
CA VAL C 7 19.00 6.92 -24.49
C VAL C 7 19.24 7.40 -23.05
N LEU C 8 19.55 6.47 -22.15
CA LEU C 8 19.67 6.78 -20.73
C LEU C 8 20.79 7.80 -20.44
N GLN C 9 20.50 8.72 -19.53
CA GLN C 9 21.51 9.67 -19.09
C GLN C 9 22.48 8.98 -18.12
N PRO C 10 23.77 9.30 -18.19
CA PRO C 10 24.73 8.71 -17.22
C PRO C 10 24.35 8.95 -15.76
N ARG C 11 23.82 10.12 -15.42
CA ARG C 11 23.45 10.40 -14.03
C ARG C 11 22.30 9.53 -13.56
N LEU C 12 21.59 8.85 -14.45
CA LEU C 12 20.52 7.94 -14.06
C LEU C 12 20.92 6.48 -14.22
N CYS C 13 22.19 6.21 -14.49
CA CYS C 13 22.67 4.85 -14.72
C CYS C 13 23.41 4.30 -13.50
N THR C 14 23.76 3.02 -13.60
CA THR C 14 24.44 2.29 -12.53
C THR C 14 25.91 2.13 -12.85
N HIS C 15 26.76 2.34 -11.84
CA HIS C 15 28.18 2.10 -11.99
C HIS C 15 28.45 0.60 -12.14
N ALA C 16 29.50 0.26 -12.88
CA ALA C 16 29.77 -1.12 -13.23
C ALA C 16 30.83 -1.78 -12.36
N ARG C 17 31.50 -1.04 -11.47
CA ARG C 17 32.53 -1.62 -10.61
C ARG C 17 32.28 -1.40 -9.12
N TRP C 18 31.32 -0.57 -8.74
CA TRP C 18 30.94 -0.36 -7.35
C TRP C 18 29.44 -0.09 -7.36
N PRO C 19 28.64 -0.81 -6.54
CA PRO C 19 27.17 -0.69 -6.66
C PRO C 19 26.61 0.63 -6.15
N ALA C 20 26.70 1.66 -6.98
CA ALA C 20 26.27 3.01 -6.63
C ALA C 20 25.88 3.73 -7.91
N PRO C 21 25.14 4.84 -7.80
CA PRO C 21 24.84 5.63 -9.00
C PRO C 21 26.11 6.20 -9.62
N ILE C 22 26.03 6.47 -10.91
CA ILE C 22 27.10 7.19 -11.60
C ILE C 22 26.95 8.67 -11.31
N TYR C 23 28.02 9.30 -10.82
CA TYR C 23 27.99 10.72 -10.46
C TYR C 23 28.83 11.60 -11.37
N GLY C 24 29.81 11.05 -12.07
CA GLY C 24 30.71 11.86 -12.86
C GLY C 24 30.99 11.25 -14.21
N LEU C 25 31.34 12.11 -15.15
CA LEU C 25 31.75 11.72 -16.49
C LEU C 25 32.91 12.62 -16.86
N LEU C 26 34.08 12.04 -17.12
CA LEU C 26 35.28 12.87 -17.26
C LEU C 26 36.36 12.12 -18.01
N VAL C 27 37.36 12.88 -18.45
CA VAL C 27 38.65 12.35 -18.90
C VAL C 27 39.71 12.93 -17.98
N ASP C 28 40.79 12.16 -17.78
CA ASP C 28 41.91 12.58 -16.93
C ASP C 28 43.18 11.89 -17.43
N PRO C 29 44.00 12.59 -18.21
CA PRO C 29 45.23 11.96 -18.74
C PRO C 29 46.29 11.68 -17.69
N SER C 30 46.14 12.20 -16.48
CA SER C 30 47.13 11.96 -15.43
C SER C 30 46.95 10.60 -14.76
N LEU C 31 45.81 9.95 -14.95
CA LEU C 31 45.54 8.64 -14.38
C LEU C 31 46.11 7.55 -15.27
N PRO C 32 46.23 6.32 -14.76
CA PRO C 32 46.66 5.20 -15.62
C PRO C 32 45.77 5.09 -16.85
N SER C 33 46.41 5.05 -18.03
CA SER C 33 45.69 5.13 -19.28
CA SER C 33 45.68 5.12 -19.29
C SER C 33 45.14 3.78 -19.75
N ASN C 34 45.71 2.67 -19.30
CA ASN C 34 45.28 1.33 -19.73
C ASN C 34 44.95 0.47 -18.51
N PRO C 35 43.90 0.80 -17.78
CA PRO C 35 43.57 0.01 -16.59
C PRO C 35 43.10 -1.39 -16.96
N GLN C 36 43.44 -2.35 -16.11
CA GLN C 36 42.99 -3.72 -16.32
C GLN C 36 41.83 -4.07 -15.41
N TRP C 37 40.79 -3.23 -15.42
CA TRP C 37 39.58 -3.54 -14.68
C TRP C 37 39.01 -4.87 -15.13
N GLN C 38 38.56 -5.67 -14.16
CA GLN C 38 38.01 -6.97 -14.48
C GLN C 38 36.49 -6.97 -14.51
N ASN C 39 35.85 -6.02 -13.85
CA ASN C 39 34.41 -5.82 -13.94
C ASN C 39 34.11 -4.65 -14.88
N GLY C 40 32.89 -4.65 -15.41
CA GLY C 40 32.51 -3.64 -16.38
C GLY C 40 33.17 -3.79 -17.72
N ARG C 41 33.48 -5.03 -18.12
CA ARG C 41 34.16 -5.30 -19.37
C ARG C 41 33.26 -6.16 -20.25
N VAL C 42 32.93 -5.65 -21.43
CA VAL C 42 32.12 -6.38 -22.39
C VAL C 42 32.52 -5.94 -23.79
N HIS C 43 32.49 -6.87 -24.74
CA HIS C 43 32.65 -6.50 -26.13
C HIS C 43 31.31 -6.01 -26.69
N VAL C 44 31.38 -5.20 -27.74
CA VAL C 44 30.17 -4.68 -28.35
C VAL C 44 29.32 -5.81 -28.93
N ASP C 45 29.94 -6.94 -29.28
CA ASP C 45 29.17 -8.09 -29.74
C ASP C 45 28.48 -8.83 -28.59
N GLY C 46 28.69 -8.41 -27.35
CA GLY C 46 28.02 -9.01 -26.22
C GLY C 46 28.84 -9.99 -25.40
N THR C 47 30.10 -10.21 -25.75
CA THR C 47 30.94 -11.13 -24.98
C THR C 47 31.40 -10.44 -23.69
N LEU C 48 31.04 -11.01 -22.55
CA LEU C 48 31.49 -10.50 -21.26
C LEU C 48 32.95 -10.91 -21.03
N LEU C 49 33.74 -9.97 -20.52
CA LEU C 49 35.14 -10.24 -20.21
C LEU C 49 35.42 -10.18 -18.72
N GLY C 50 36.52 -10.81 -18.33
CA GLY C 50 36.93 -10.82 -16.94
C GLY C 50 35.86 -11.46 -16.05
N THR C 51 35.55 -10.77 -14.96
CA THR C 51 34.54 -11.23 -14.02
C THR C 51 33.22 -10.46 -14.17
N THR C 52 33.06 -9.74 -15.27
CA THR C 52 31.91 -8.87 -15.48
C THR C 52 30.59 -9.63 -15.39
N PRO C 53 29.67 -9.23 -14.51
CA PRO C 53 28.33 -9.85 -14.49
C PRO C 53 27.32 -9.04 -15.27
N VAL C 54 26.17 -9.65 -15.57
CA VAL C 54 25.09 -8.92 -16.24
C VAL C 54 24.35 -8.02 -15.26
N SER C 55 24.06 -8.51 -14.06
CA SER C 55 23.30 -7.74 -13.08
C SER C 55 24.22 -6.86 -12.24
N GLY C 56 23.80 -5.60 -12.05
CA GLY C 56 24.55 -4.69 -11.19
C GLY C 56 24.54 -5.09 -9.72
N SER C 57 23.56 -5.88 -9.29
CA SER C 57 23.53 -6.35 -7.91
C SER C 57 24.61 -7.38 -7.63
N TRP C 58 25.29 -7.89 -8.65
CA TRP C 58 26.43 -8.77 -8.48
C TRP C 58 27.75 -8.03 -8.34
N VAL C 59 27.79 -6.74 -8.69
CA VAL C 59 29.04 -6.01 -8.80
C VAL C 59 29.64 -5.81 -7.41
N SER C 60 30.91 -6.20 -7.26
CA SER C 60 31.66 -6.06 -6.00
C SER C 60 30.97 -6.79 -4.86
N CYS C 61 30.30 -7.90 -5.18
CA CYS C 61 29.68 -8.79 -4.21
C CYS C 61 30.20 -10.21 -4.42
N PHE C 62 29.84 -11.10 -3.51
CA PHE C 62 30.11 -12.52 -3.69
C PHE C 62 29.08 -13.33 -2.90
N ALA C 63 29.02 -14.62 -3.21
CA ALA C 63 28.19 -15.59 -2.52
C ALA C 63 29.07 -16.74 -2.08
N ALA C 64 28.69 -17.40 -0.98
CA ALA C 64 29.61 -18.38 -0.41
C ALA C 64 28.90 -19.32 0.56
N GLU C 65 29.60 -20.40 0.87
CA GLU C 65 29.32 -21.21 2.03
C GLU C 65 30.20 -20.71 3.17
N ALA C 66 29.59 -20.23 4.25
CA ALA C 66 30.31 -19.57 5.33
C ALA C 66 30.55 -20.54 6.48
N ALA C 67 31.79 -20.58 6.97
CA ALA C 67 32.15 -21.32 8.17
C ALA C 67 32.78 -20.35 9.15
N TYR C 68 32.22 -20.28 10.35
CA TYR C 68 32.65 -19.30 11.35
C TYR C 68 33.34 -20.00 12.52
N GLU C 69 34.27 -19.27 13.14
CA GLU C 69 34.97 -19.73 14.32
C GLU C 69 35.55 -18.51 15.03
N PHE C 70 35.83 -18.67 16.32
CA PHE C 70 36.48 -17.63 17.11
C PHE C 70 37.95 -17.98 17.30
N GLN C 71 38.82 -17.01 17.06
CA GLN C 71 40.26 -17.17 17.26
C GLN C 71 40.75 -16.06 18.20
N SER C 72 41.23 -16.46 19.37
CA SER C 72 41.74 -15.49 20.33
C SER C 72 42.85 -14.66 19.71
N GLY C 73 42.82 -13.35 19.96
CA GLY C 73 43.77 -12.44 19.37
C GLY C 73 43.39 -11.94 17.99
N THR C 74 42.37 -12.53 17.37
CA THR C 74 41.89 -12.10 16.07
C THR C 74 40.42 -11.71 16.12
N GLY C 75 39.56 -12.58 16.63
CA GLY C 75 38.15 -12.27 16.74
C GLY C 75 37.30 -13.34 16.09
N GLU C 76 36.16 -12.94 15.54
CA GLU C 76 35.32 -13.86 14.78
C GLU C 76 35.89 -13.99 13.38
N VAL C 77 36.21 -15.22 12.97
CA VAL C 77 36.88 -15.48 11.70
C VAL C 77 35.92 -16.22 10.78
N ALA C 78 35.82 -15.75 9.53
CA ALA C 78 34.95 -16.35 8.53
C ALA C 78 35.80 -16.92 7.40
N THR C 79 35.52 -18.17 7.03
CA THR C 79 36.08 -18.80 5.85
C THR C 79 34.97 -18.97 4.83
N PHE C 80 35.09 -18.27 3.70
CA PHE C 80 34.06 -18.25 2.67
C PHE C 80 34.49 -19.14 1.52
N THR C 81 33.75 -20.23 1.31
CA THR C 81 33.95 -21.11 0.16
C THR C 81 33.06 -20.60 -0.96
N LEU C 82 33.67 -19.94 -1.94
CA LEU C 82 32.91 -19.14 -2.89
C LEU C 82 32.04 -19.99 -3.81
N ILE C 83 30.92 -19.40 -4.23
CA ILE C 83 30.01 -19.96 -5.22
C ILE C 83 29.56 -18.81 -6.10
N GLU C 84 29.11 -19.12 -7.31
CA GLU C 84 28.55 -18.09 -8.17
C GLU C 84 27.27 -17.54 -7.55
N GLN C 85 27.02 -16.25 -7.78
CA GLN C 85 26.00 -15.54 -7.01
C GLN C 85 24.58 -16.01 -7.29
N ASP C 86 24.36 -16.83 -8.33
CA ASP C 86 23.07 -17.42 -8.57
C ASP C 86 22.94 -18.82 -7.98
N GLY C 87 24.00 -19.34 -7.36
CA GLY C 87 23.97 -20.66 -6.78
C GLY C 87 24.63 -21.74 -7.61
N SER C 88 24.97 -21.47 -8.85
CA SER C 88 25.67 -22.47 -9.63
C SER C 88 27.11 -22.57 -9.16
N ALA C 89 27.68 -23.78 -9.27
CA ALA C 89 28.99 -24.05 -8.71
C ALA C 89 30.05 -23.18 -9.37
N TYR C 90 30.99 -22.69 -8.56
CA TYR C 90 32.13 -21.95 -9.06
C TYR C 90 33.21 -22.95 -9.44
N VAL C 91 33.66 -22.89 -10.69
CA VAL C 91 34.72 -23.75 -11.20
C VAL C 91 35.87 -22.85 -11.61
N PRO C 92 37.05 -22.98 -10.99
CA PRO C 92 38.20 -22.19 -11.43
C PRO C 92 38.45 -22.40 -12.92
N GLY C 93 38.45 -21.32 -13.69
CA GLY C 93 38.53 -21.41 -15.14
C GLY C 93 39.29 -20.25 -15.74
N ASP C 94 38.75 -19.71 -16.85
CA ASP C 94 39.41 -18.68 -17.64
C ASP C 94 39.10 -17.27 -17.16
N ARG C 95 38.94 -17.06 -15.86
CA ARG C 95 38.80 -15.71 -15.32
C ARG C 95 39.33 -15.70 -13.89
N ALA C 96 39.41 -14.49 -13.33
CA ALA C 96 40.15 -14.28 -12.08
C ALA C 96 39.40 -14.82 -10.86
N ALA C 97 38.08 -14.85 -10.91
CA ALA C 97 37.28 -15.10 -9.71
C ALA C 97 35.84 -15.41 -10.13
N PRO C 98 34.92 -15.65 -9.19
CA PRO C 98 33.51 -15.69 -9.56
C PRO C 98 33.07 -14.35 -10.12
N LEU C 99 32.05 -14.38 -10.97
CA LEU C 99 31.54 -13.16 -11.58
C LEU C 99 31.15 -12.15 -10.52
N GLY C 100 31.56 -10.90 -10.72
CA GLY C 100 31.23 -9.81 -9.82
C GLY C 100 32.16 -9.62 -8.65
N TYR C 101 33.11 -10.52 -8.41
CA TYR C 101 34.02 -10.37 -7.30
C TYR C 101 34.79 -9.05 -7.45
N PRO C 102 35.09 -8.35 -6.35
CA PRO C 102 35.79 -7.06 -6.45
C PRO C 102 37.06 -7.17 -7.28
N ASP C 103 37.29 -6.13 -8.10
CA ASP C 103 38.47 -6.06 -8.95
C ASP C 103 39.39 -4.92 -8.53
N PHE C 104 39.27 -4.45 -7.29
CA PHE C 104 40.11 -3.40 -6.74
C PHE C 104 40.75 -3.90 -5.45
N SER C 105 41.53 -3.04 -4.80
CA SER C 105 42.27 -3.40 -3.61
C SER C 105 41.87 -2.51 -2.44
N GLY C 106 42.34 -2.90 -1.25
CA GLY C 106 42.01 -2.22 -0.01
C GLY C 106 41.35 -3.17 0.96
N GLN C 107 40.91 -2.61 2.09
CA GLN C 107 40.20 -3.35 3.12
C GLN C 107 38.70 -3.12 2.97
N LEU C 108 37.97 -4.19 2.71
CA LEU C 108 36.54 -4.11 2.40
C LEU C 108 35.71 -4.57 3.59
N GLU C 109 34.77 -3.73 4.01
CA GLU C 109 33.75 -4.13 4.97
C GLU C 109 32.59 -4.77 4.21
N ILE C 110 32.20 -5.98 4.62
CA ILE C 110 31.14 -6.72 3.95
C ILE C 110 30.05 -7.05 4.96
N GLU C 111 28.84 -7.23 4.46
CA GLU C 111 27.67 -7.55 5.26
C GLU C 111 27.09 -8.88 4.82
N VAL C 112 26.77 -9.74 5.77
CA VAL C 112 26.14 -11.02 5.48
C VAL C 112 25.03 -11.27 6.48
N GLN C 113 24.05 -12.07 6.07
CA GLN C 113 23.02 -12.54 6.99
C GLN C 113 23.59 -13.65 7.86
N THR C 114 23.48 -13.50 9.17
CA THR C 114 24.01 -14.50 10.10
C THR C 114 22.89 -15.03 10.98
N GLU C 115 22.93 -16.33 11.24
CA GLU C 115 22.03 -16.98 12.18
C GLU C 115 22.80 -17.28 13.45
N THR C 116 22.15 -17.03 14.59
CA THR C 116 22.80 -17.23 15.89
C THR C 116 22.06 -18.31 16.66
N THR C 117 22.78 -18.94 17.58
CA THR C 117 22.20 -19.94 18.47
C THR C 117 21.75 -19.36 19.80
N LYS C 118 22.05 -18.09 20.07
CA LYS C 118 21.67 -17.46 21.33
C LYS C 118 20.16 -17.44 21.52
N THR C 119 19.72 -17.90 22.70
CA THR C 119 18.29 -17.88 23.02
C THR C 119 17.78 -16.45 22.98
N GLY C 120 16.62 -16.27 22.36
CA GLY C 120 16.03 -14.94 22.24
C GLY C 120 16.35 -14.21 20.95
N ASP C 121 17.33 -14.68 20.18
CA ASP C 121 17.68 -14.08 18.89
C ASP C 121 17.72 -15.18 17.83
N LYS C 122 17.77 -14.77 16.57
CA LYS C 122 17.80 -15.74 15.49
C LYS C 122 18.56 -15.26 14.26
N LEU C 123 18.10 -14.17 13.65
CA LEU C 123 18.70 -13.66 12.42
C LEU C 123 19.25 -12.26 12.65
N LYS C 124 20.52 -12.06 12.29
CA LYS C 124 21.19 -10.77 12.41
C LYS C 124 21.93 -10.49 11.11
N VAL C 125 22.37 -9.23 10.97
CA VAL C 125 23.23 -8.82 9.87
C VAL C 125 24.58 -8.43 10.46
N THR C 126 25.63 -9.13 10.04
CA THR C 126 26.96 -8.99 10.62
C THR C 126 27.91 -8.35 9.62
N THR C 127 28.70 -7.39 10.09
CA THR C 127 29.72 -6.74 9.28
C THR C 127 31.07 -7.43 9.49
N PHE C 128 31.69 -7.86 8.40
CA PHE C 128 33.02 -8.45 8.44
C PHE C 128 34.00 -7.57 7.68
N GLU C 129 35.27 -7.65 8.07
CA GLU C 129 36.36 -7.00 7.37
C GLU C 129 37.12 -8.02 6.55
N MET C 130 37.35 -7.72 5.27
CA MET C 130 38.02 -8.63 4.34
C MET C 130 39.05 -7.84 3.54
N ILE C 131 40.31 -8.26 3.62
CA ILE C 131 41.38 -7.62 2.85
C ILE C 131 41.35 -8.14 1.41
N LEU C 132 41.37 -7.22 0.45
CA LEU C 132 41.34 -7.59 -0.96
C LEU C 132 42.73 -7.71 -1.57
N GLY C 133 43.61 -6.76 -1.29
CA GLY C 133 44.91 -6.68 -1.91
C GLY C 133 45.52 -5.32 -1.70
N PRO C 134 46.53 -4.95 -2.52
CA PRO C 134 47.13 -5.64 -3.66
C PRO C 134 47.86 -6.94 -3.29
N THR C 135 48.54 -6.91 -2.15
CA THR C 135 49.14 -8.10 -1.55
C THR C 135 48.54 -8.29 -0.16
N THR C 136 48.42 -9.54 0.28
CA THR C 136 47.96 -9.82 1.63
C THR C 136 48.88 -10.82 2.30
N ASN C 137 48.79 -10.87 3.62
CA ASN C 137 49.39 -11.92 4.42
C ASN C 137 48.35 -12.94 4.85
N VAL C 138 47.25 -13.03 4.11
CA VAL C 138 46.11 -13.88 4.45
C VAL C 138 45.93 -15.03 3.48
N ASP C 139 46.63 -15.01 2.34
CA ASP C 139 46.51 -16.05 1.32
C ASP C 139 45.09 -16.10 0.76
N GLN C 140 44.58 -14.93 0.39
CA GLN C 140 43.29 -14.86 -0.30
C GLN C 140 43.42 -15.54 -1.66
N ALA C 141 42.46 -16.41 -1.98
CA ALA C 141 42.45 -17.09 -3.28
C ALA C 141 41.03 -17.21 -3.79
N PRO C 142 40.40 -16.08 -4.13
CA PRO C 142 39.06 -16.16 -4.75
C PRO C 142 39.06 -16.95 -6.05
N TYR C 143 40.18 -16.99 -6.76
CA TYR C 143 40.27 -17.82 -7.96
C TYR C 143 40.03 -19.28 -7.63
N GLN C 144 40.56 -19.75 -6.50
CA GLN C 144 40.30 -21.11 -6.03
C GLN C 144 38.99 -21.22 -5.27
N GLY C 145 38.37 -20.11 -4.89
CA GLY C 145 37.11 -20.15 -4.18
C GLY C 145 37.22 -20.12 -2.67
N ARG C 146 38.28 -19.53 -2.12
CA ARG C 146 38.46 -19.46 -0.68
C ARG C 146 38.97 -18.07 -0.31
N VAL C 147 38.22 -17.36 0.53
CA VAL C 147 38.65 -16.08 1.08
C VAL C 147 38.35 -16.06 2.57
N TYR C 148 39.07 -15.21 3.28
CA TYR C 148 38.96 -15.12 4.73
C TYR C 148 38.54 -13.72 5.14
N ALA C 149 37.71 -13.62 6.17
CA ALA C 149 37.29 -12.36 6.73
C ALA C 149 37.25 -12.47 8.24
N SER C 150 37.24 -11.32 8.90
CA SER C 150 37.26 -11.31 10.35
C SER C 150 36.59 -10.05 10.88
N LEU C 151 36.26 -10.09 12.17
CA LEU C 151 35.73 -8.93 12.86
C LEU C 151 36.15 -9.05 14.31
N THR C 152 36.57 -7.92 14.89
CA THR C 152 37.03 -7.95 16.27
C THR C 152 35.85 -8.22 17.20
N ALA C 153 36.04 -9.15 18.12
CA ALA C 153 35.03 -9.51 19.11
C ALA C 153 35.72 -10.10 20.32
N VAL C 154 35.14 -9.86 21.49
CA VAL C 154 35.76 -10.37 22.71
C VAL C 154 35.41 -11.84 22.93
N ALA C 155 34.34 -12.33 22.31
CA ALA C 155 33.94 -13.72 22.43
C ALA C 155 33.23 -14.13 21.14
N SER C 156 32.92 -15.42 21.05
CA SER C 156 32.25 -15.94 19.88
C SER C 156 30.88 -15.30 19.72
N LEU C 157 30.48 -15.03 18.48
CA LEU C 157 29.15 -14.52 18.18
C LEU C 157 28.12 -15.64 18.07
N ASP C 158 28.55 -16.89 18.24
CA ASP C 158 27.67 -18.06 18.18
C ASP C 158 26.94 -18.12 16.84
N LEU C 159 27.66 -17.83 15.77
CA LEU C 159 27.10 -17.87 14.43
C LEU C 159 26.96 -19.32 13.95
N VAL C 160 25.94 -19.55 13.13
CA VAL C 160 25.70 -20.84 12.49
C VAL C 160 26.27 -20.81 11.09
N ASP C 161 26.99 -21.86 10.71
CA ASP C 161 27.50 -21.97 9.35
C ASP C 161 26.35 -22.08 8.35
N GLY C 162 26.55 -21.53 7.16
CA GLY C 162 25.52 -21.59 6.14
C GLY C 162 25.84 -20.69 4.96
N ARG C 163 24.85 -20.58 4.07
CA ARG C 163 24.95 -19.81 2.83
C ARG C 163 24.84 -18.32 3.09
N VAL C 164 25.58 -17.53 2.32
CA VAL C 164 25.59 -16.08 2.47
C VAL C 164 25.65 -15.39 1.11
N ARG C 165 25.12 -14.18 1.08
CA ARG C 165 25.42 -13.20 0.05
C ARG C 165 26.08 -12.01 0.75
N ALA C 166 27.25 -11.63 0.27
CA ALA C 166 28.03 -10.55 0.88
C ALA C 166 27.97 -9.32 0.00
N VAL C 167 27.55 -8.20 0.56
CA VAL C 167 27.48 -6.94 -0.17
C VAL C 167 28.47 -5.97 0.45
N PRO C 168 29.03 -5.02 -0.30
CA PRO C 168 30.07 -4.15 0.25
C PRO C 168 29.49 -2.99 1.04
N ARG C 169 30.01 -2.77 2.23
CA ARG C 169 29.60 -1.68 3.11
C ARG C 169 30.51 -0.46 3.02
N SER C 170 31.82 -0.65 2.96
CA SER C 170 32.77 0.45 2.89
C SER C 170 34.13 -0.07 2.44
N ILE C 171 34.97 0.85 1.99
CA ILE C 171 36.33 0.54 1.56
C ILE C 171 37.30 1.34 2.40
N TYR C 172 38.41 0.72 2.78
CA TYR C 172 39.44 1.36 3.60
C TYR C 172 40.78 1.17 2.90
N GLY C 173 41.48 2.28 2.69
CA GLY C 173 42.74 2.21 1.95
C GLY C 173 42.56 1.77 0.52
N PHE C 174 41.56 2.32 -0.18
CA PHE C 174 41.27 1.91 -1.54
C PHE C 174 42.48 2.10 -2.45
N GLN C 175 42.70 1.13 -3.33
CA GLN C 175 43.66 1.24 -4.41
C GLN C 175 43.03 0.64 -5.66
N ASP C 176 43.10 1.35 -6.78
CA ASP C 176 42.59 0.82 -8.05
C ASP C 176 43.63 -0.11 -8.69
N VAL C 177 43.90 -1.21 -8.00
CA VAL C 177 44.82 -2.24 -8.44
C VAL C 177 44.12 -3.57 -8.22
N ILE C 178 44.31 -4.51 -9.15
CA ILE C 178 43.60 -5.80 -9.03
C ILE C 178 43.95 -6.44 -7.69
N PRO C 179 43.02 -7.14 -7.04
CA PRO C 179 43.29 -7.71 -5.73
C PRO C 179 44.12 -8.99 -5.86
N GLU C 180 44.40 -9.61 -4.72
CA GLU C 180 45.08 -10.90 -4.69
C GLU C 180 44.09 -11.98 -5.11
N TYR C 181 44.16 -12.40 -6.37
CA TYR C 181 43.19 -13.35 -6.86
C TYR C 181 43.55 -14.78 -6.48
N ASN C 182 44.84 -15.09 -6.29
CA ASN C 182 45.26 -16.48 -6.17
C ASN C 182 46.54 -16.60 -5.35
N ASP C 183 46.53 -16.03 -4.14
CA ASP C 183 47.62 -16.24 -3.17
C ASP C 183 48.99 -15.86 -3.73
N GLY C 184 49.02 -14.83 -4.57
CA GLY C 184 50.25 -14.36 -5.18
C GLY C 184 50.52 -14.88 -6.57
N LEU C 185 49.87 -15.98 -6.97
CA LEU C 185 50.04 -16.49 -8.32
C LEU C 185 49.17 -15.70 -9.30
N LEU C 186 49.45 -15.86 -10.59
CA LEU C 186 48.71 -15.16 -11.62
C LEU C 186 47.45 -15.93 -12.00
N VAL C 187 46.49 -15.20 -12.57
CA VAL C 187 45.21 -15.78 -12.96
C VAL C 187 44.87 -15.29 -14.36
N PRO C 188 43.92 -15.93 -15.03
CA PRO C 188 43.44 -15.37 -16.31
C PRO C 188 42.78 -14.02 -16.07
N LEU C 189 43.22 -13.03 -16.84
CA LEU C 189 42.75 -11.66 -16.68
C LEU C 189 42.25 -11.10 -18.01
N ALA C 190 41.25 -10.24 -17.93
CA ALA C 190 40.92 -9.40 -19.07
C ALA C 190 42.09 -8.46 -19.35
N PRO C 191 42.44 -8.22 -20.61
CA PRO C 191 43.62 -7.41 -20.91
C PRO C 191 43.41 -5.96 -20.52
N PRO C 192 44.48 -5.17 -20.41
CA PRO C 192 44.30 -3.75 -20.11
C PRO C 192 43.42 -3.07 -21.16
N ILE C 193 42.67 -2.06 -20.72
CA ILE C 193 41.82 -1.32 -21.63
C ILE C 193 42.69 -0.56 -22.62
N GLY C 194 42.38 -0.71 -23.91
CA GLY C 194 43.18 -0.12 -24.95
C GLY C 194 43.31 -1.02 -26.15
N PRO C 195 44.12 -0.62 -27.14
CA PRO C 195 44.96 0.57 -27.09
C PRO C 195 44.23 1.83 -27.59
N PHE C 196 44.89 2.98 -27.44
CA PHE C 196 44.34 4.25 -27.88
C PHE C 196 45.24 4.83 -28.96
N LEU C 197 44.67 5.69 -29.77
CA LEU C 197 45.48 6.44 -30.72
C LEU C 197 46.22 7.54 -29.97
N PRO C 198 47.30 8.07 -30.56
CA PRO C 198 47.92 9.27 -29.98
C PRO C 198 46.88 10.37 -29.81
N GLY C 199 46.82 10.93 -28.59
CA GLY C 199 45.87 11.97 -28.27
C GLY C 199 44.53 11.46 -27.77
N GLU C 200 44.29 10.15 -27.81
CA GLU C 200 43.05 9.57 -27.33
C GLU C 200 43.18 9.17 -25.87
N VAL C 201 42.13 9.42 -25.09
CA VAL C 201 42.14 9.08 -23.67
C VAL C 201 40.82 8.38 -23.33
N LEU C 202 40.86 7.62 -22.26
CA LEU C 202 39.69 6.83 -21.85
C LEU C 202 38.61 7.74 -21.25
N LEU C 203 37.37 7.50 -21.65
CA LEU C 203 36.24 8.16 -21.02
C LEU C 203 35.84 7.38 -19.78
N ARG C 204 35.72 8.08 -18.65
CA ARG C 204 35.54 7.45 -17.35
C ARG C 204 34.17 7.78 -16.78
N PHE C 205 33.44 6.74 -16.38
CA PHE C 205 32.21 6.88 -15.62
C PHE C 205 32.54 6.67 -14.14
N ARG C 206 32.25 7.69 -13.33
CA ARG C 206 32.78 7.78 -11.97
C ARG C 206 31.68 7.72 -10.93
N THR C 207 31.93 6.96 -9.87
CA THR C 207 31.14 7.02 -8.64
C THR C 207 32.10 7.16 -7.47
N TYR C 208 31.54 7.30 -6.27
CA TYR C 208 32.32 7.51 -5.05
C TYR C 208 31.90 6.49 -4.01
N MET C 209 32.88 5.82 -3.40
CA MET C 209 32.61 4.70 -2.52
C MET C 209 32.51 5.17 -1.07
N ARG C 210 31.58 4.57 -0.32
CA ARG C 210 31.59 4.71 1.12
C ARG C 210 32.94 4.25 1.67
N GLN C 211 33.62 5.11 2.41
CA GLN C 211 34.98 4.80 2.83
C GLN C 211 35.16 5.06 4.32
N LEU C 212 36.22 4.45 4.85
CA LEU C 212 36.70 4.71 6.20
C LEU C 212 38.02 5.48 6.07
N ASP C 213 38.10 6.64 6.70
CA ASP C 213 39.31 7.44 6.66
C ASP C 213 39.40 8.24 7.93
N THR C 214 40.55 8.16 8.61
CA THR C 214 40.74 8.84 9.88
C THR C 214 41.23 10.27 9.71
N ALA C 215 41.52 10.71 8.48
CA ALA C 215 42.07 12.05 8.31
C ALA C 215 41.45 12.82 7.15
N ASP C 216 41.34 12.20 5.98
CA ASP C 216 40.91 12.90 4.77
C ASP C 216 39.43 12.64 4.51
N ALA C 217 38.68 13.72 4.30
CA ALA C 217 37.24 13.63 4.06
C ALA C 217 36.89 13.67 2.58
N ALA C 218 37.88 13.82 1.69
CA ALA C 218 37.59 13.87 0.27
C ALA C 218 37.07 12.53 -0.22
N ALA C 219 36.08 12.58 -1.11
CA ALA C 219 35.43 11.36 -1.58
C ALA C 219 36.40 10.50 -2.37
N GLU C 220 36.18 9.19 -2.31
CA GLU C 220 37.04 8.19 -2.96
C GLU C 220 36.41 7.81 -4.29
N ALA C 221 37.05 8.23 -5.38
CA ALA C 221 36.54 8.02 -6.72
C ALA C 221 36.94 6.66 -7.27
N ILE C 222 36.04 6.05 -8.04
CA ILE C 222 36.34 4.84 -8.80
C ILE C 222 35.67 4.93 -10.17
N ASP C 223 36.41 4.54 -11.21
CA ASP C 223 35.96 4.69 -12.58
C ASP C 223 35.64 3.34 -13.20
N CYS C 224 34.71 3.36 -14.16
CA CYS C 224 34.44 2.19 -14.99
C CYS C 224 34.28 2.66 -16.43
N ALA C 225 34.42 1.72 -17.36
CA ALA C 225 34.43 2.05 -18.79
C ALA C 225 33.03 2.29 -19.34
N LEU C 226 32.02 1.59 -18.83
CA LEU C 226 30.65 1.70 -19.31
C LEU C 226 29.69 1.58 -18.15
N PRO C 227 28.53 2.25 -18.21
CA PRO C 227 27.50 2.00 -17.21
C PRO C 227 27.05 0.55 -17.26
N GLN C 228 26.58 0.04 -16.11
CA GLN C 228 26.11 -1.34 -16.06
C GLN C 228 24.95 -1.57 -17.03
N GLU C 229 24.14 -0.54 -17.26
CA GLU C 229 23.05 -0.65 -18.23
C GLU C 229 23.57 -0.93 -19.63
N PHE C 230 24.74 -0.35 -19.99
CA PHE C 230 25.30 -0.60 -21.32
C PHE C 230 25.85 -2.02 -21.44
N ILE C 231 26.44 -2.54 -20.37
CA ILE C 231 26.98 -3.89 -20.39
C ILE C 231 25.88 -4.91 -20.65
N SER C 232 24.78 -4.82 -19.91
CA SER C 232 23.66 -5.73 -20.12
C SER C 232 22.96 -5.44 -21.44
N TRP C 233 23.04 -4.20 -21.92
CA TRP C 233 22.46 -3.87 -23.22
C TRP C 233 23.19 -4.59 -24.34
N PHE C 234 24.52 -4.62 -24.27
CA PHE C 234 25.29 -5.37 -25.27
C PHE C 234 25.15 -6.87 -25.05
N ALA C 235 25.10 -7.31 -23.79
CA ALA C 235 24.98 -8.73 -23.50
C ALA C 235 23.66 -9.30 -24.00
N SER C 236 22.60 -8.49 -24.04
CA SER C 236 21.30 -8.98 -24.48
C SER C 236 21.18 -8.98 -26.00
N ASN C 237 21.78 -8.00 -26.67
CA ASN C 237 21.52 -7.78 -28.10
C ASN C 237 22.34 -8.68 -29.01
N ALA C 238 23.57 -9.02 -28.62
CA ALA C 238 24.48 -9.82 -29.45
C ALA C 238 24.57 -9.24 -30.86
N PHE C 239 24.95 -7.96 -30.92
CA PHE C 239 25.10 -7.28 -32.20
C PHE C 239 26.21 -7.92 -33.02
N THR C 240 26.11 -7.79 -34.34
CA THR C 240 27.21 -8.14 -35.22
C THR C 240 28.12 -6.92 -35.36
N VAL C 241 29.42 -7.13 -35.15
CA VAL C 241 30.41 -6.05 -35.18
C VAL C 241 31.02 -5.99 -36.56
N GLN C 242 31.02 -4.80 -37.16
CA GLN C 242 31.53 -4.60 -38.52
C GLN C 242 32.95 -4.07 -38.53
N SER C 243 33.17 -2.88 -37.99
CA SER C 243 34.48 -2.25 -37.96
C SER C 243 35.09 -2.36 -36.56
N ASP C 244 36.19 -1.65 -36.34
CA ASP C 244 36.89 -1.71 -35.07
C ASP C 244 36.27 -0.80 -34.01
N ALA C 245 35.50 0.20 -34.41
CA ALA C 245 34.97 1.15 -33.45
C ALA C 245 33.69 1.77 -33.98
N LEU C 246 32.94 2.39 -33.07
CA LEU C 246 31.71 3.09 -33.39
C LEU C 246 31.88 4.57 -33.07
N LEU C 247 31.51 5.43 -34.01
CA LEU C 247 31.49 6.86 -33.76
C LEU C 247 30.21 7.20 -33.00
N LEU C 248 30.35 7.79 -31.83
CA LEU C 248 29.22 8.16 -30.99
C LEU C 248 29.16 9.66 -30.86
N ARG C 249 27.97 10.16 -30.56
CA ARG C 249 27.77 11.57 -30.22
C ARG C 249 27.12 11.66 -28.85
N TYR C 250 27.68 12.51 -27.99
CA TYR C 250 27.11 12.80 -26.68
C TYR C 250 26.44 14.17 -26.76
N ARG C 251 25.12 14.19 -26.63
CA ARG C 251 24.33 15.40 -26.81
C ARG C 251 23.49 15.69 -25.57
N ASN C 252 23.18 16.98 -25.38
CA ASN C 252 22.29 17.41 -24.32
C ASN C 252 20.87 16.93 -24.59
N THR C 253 20.21 16.42 -23.55
CA THR C 253 18.89 15.82 -23.74
C THR C 253 17.83 16.85 -24.13
N LEU C 254 17.84 18.02 -23.48
CA LEU C 254 16.78 19.01 -23.71
C LEU C 254 17.06 19.86 -24.94
N THR C 255 18.24 20.49 -25.00
CA THR C 255 18.54 21.40 -26.09
C THR C 255 19.01 20.68 -27.35
N GLY C 256 19.68 19.53 -27.19
CA GLY C 256 20.25 18.83 -28.31
C GLY C 256 21.67 19.21 -28.65
N GLN C 257 22.23 20.21 -27.98
CA GLN C 257 23.59 20.65 -28.27
C GLN C 257 24.58 19.51 -28.14
N LEU C 258 25.47 19.40 -29.13
CA LEU C 258 26.49 18.36 -29.13
C LEU C 258 27.55 18.70 -28.10
N LEU C 259 27.82 17.76 -27.20
CA LEU C 259 28.83 18.00 -26.16
C LEU C 259 30.20 17.48 -26.57
N PHE C 260 30.26 16.28 -27.13
CA PHE C 260 31.47 15.76 -27.74
C PHE C 260 31.12 14.55 -28.58
N GLU C 261 32.01 14.23 -29.53
CA GLU C 261 31.95 12.96 -30.22
C GLU C 261 33.09 12.08 -29.75
N CYS C 262 32.86 10.77 -29.77
CA CYS C 262 33.81 9.82 -29.21
C CYS C 262 33.73 8.53 -30.02
N LYS C 263 34.70 7.65 -29.76
CA LYS C 263 34.77 6.35 -30.41
C LYS C 263 34.55 5.27 -29.37
N LEU C 264 33.51 4.46 -29.57
CA LEU C 264 33.31 3.25 -28.77
C LEU C 264 34.02 2.13 -29.50
N TYR C 265 35.19 1.75 -29.00
CA TYR C 265 35.90 0.63 -29.60
C TYR C 265 35.13 -0.66 -29.36
N SER C 266 35.21 -1.57 -30.33
CA SER C 266 34.48 -2.82 -30.24
C SER C 266 34.91 -3.65 -29.03
N GLU C 267 36.08 -3.38 -28.47
CA GLU C 267 36.55 -4.08 -27.29
C GLU C 267 35.88 -3.58 -26.00
N GLY C 268 35.06 -2.55 -26.08
CA GLY C 268 34.20 -2.16 -24.98
C GLY C 268 34.59 -0.94 -24.18
N TYR C 269 35.35 -0.01 -24.74
CA TYR C 269 35.74 1.20 -24.03
C TYR C 269 35.61 2.38 -24.98
N ILE C 270 35.38 3.56 -24.40
CA ILE C 270 35.16 4.78 -25.18
C ILE C 270 36.39 5.65 -25.08
N ALA C 271 36.80 6.20 -26.22
CA ALA C 271 37.94 7.08 -26.29
C ALA C 271 37.50 8.46 -26.77
N LEU C 272 38.16 9.48 -26.24
CA LEU C 272 37.99 10.85 -26.69
C LEU C 272 39.32 11.38 -27.16
N SER C 273 39.28 12.26 -28.15
CA SER C 273 40.46 12.99 -28.60
C SER C 273 40.55 14.22 -27.71
N TYR C 274 41.57 14.29 -26.86
CA TYR C 274 41.65 15.28 -25.82
C TYR C 274 43.05 15.87 -25.77
N SER C 275 43.14 17.18 -25.91
CA SER C 275 44.40 17.90 -25.98
C SER C 275 44.83 18.47 -24.65
N GLY C 276 43.98 18.40 -23.63
CA GLY C 276 44.33 18.94 -22.34
C GLY C 276 45.29 18.07 -21.57
N SER C 277 45.89 18.67 -20.54
CA SER C 277 46.80 17.98 -19.64
C SER C 277 46.15 17.61 -18.32
N GLY C 278 45.11 18.35 -17.91
CA GLY C 278 44.42 18.10 -16.67
C GLY C 278 43.06 17.47 -16.88
N PRO C 279 42.35 17.19 -15.79
CA PRO C 279 41.03 16.57 -15.91
C PRO C 279 40.01 17.49 -16.56
N LEU C 280 39.05 16.88 -17.25
CA LEU C 280 37.93 17.62 -17.81
C LEU C 280 36.65 16.84 -17.57
N THR C 281 35.74 17.40 -16.79
CA THR C 281 34.47 16.73 -16.51
C THR C 281 33.42 17.23 -17.50
N PHE C 282 32.41 16.41 -17.70
CA PHE C 282 31.34 16.66 -18.65
C PHE C 282 29.99 16.60 -17.95
N PRO C 283 28.97 17.26 -18.50
CA PRO C 283 27.62 17.12 -17.93
C PRO C 283 27.16 15.67 -17.99
N THR C 284 26.46 15.24 -16.94
CA THR C 284 26.01 13.86 -16.82
C THR C 284 24.57 13.66 -17.24
N ASP C 285 23.90 14.70 -17.75
CA ASP C 285 22.51 14.61 -18.17
C ASP C 285 22.37 14.60 -19.70
N GLY C 286 23.40 14.15 -20.41
CA GLY C 286 23.33 13.95 -21.83
C GLY C 286 23.00 12.51 -22.20
N PHE C 287 23.05 12.23 -23.49
CA PHE C 287 22.79 10.88 -23.98
C PHE C 287 23.72 10.56 -25.14
N PHE C 288 24.04 9.28 -25.29
CA PHE C 288 24.87 8.79 -26.38
C PHE C 288 24.00 8.29 -27.53
N GLU C 289 24.46 8.54 -28.75
CA GLU C 289 23.80 8.02 -29.94
C GLU C 289 24.86 7.50 -30.92
N VAL C 290 24.57 6.38 -31.56
CA VAL C 290 25.49 5.78 -32.52
C VAL C 290 25.33 6.49 -33.85
N VAL C 291 26.46 6.85 -34.47
CA VAL C 291 26.45 7.54 -35.74
C VAL C 291 26.69 6.55 -36.87
N SER C 292 27.81 5.83 -36.80
CA SER C 292 28.17 4.86 -37.84
C SER C 292 29.38 4.07 -37.36
N TRP C 293 29.72 3.03 -38.12
CA TRP C 293 30.96 2.31 -37.92
C TRP C 293 32.12 3.13 -38.47
N VAL C 294 33.26 3.03 -37.79
CA VAL C 294 34.48 3.73 -38.24
C VAL C 294 35.67 2.81 -38.02
N PRO C 295 36.72 3.01 -38.80
CA PRO C 295 37.95 2.22 -38.60
C PRO C 295 38.71 2.69 -37.37
N ARG C 296 39.68 1.87 -36.96
CA ARG C 296 40.46 2.16 -35.77
C ARG C 296 41.17 3.50 -35.87
N LEU C 297 41.68 3.84 -37.05
CA LEU C 297 42.46 5.06 -37.24
C LEU C 297 41.60 6.30 -37.39
N PHE C 298 40.28 6.18 -37.30
CA PHE C 298 39.39 7.33 -37.41
C PHE C 298 39.76 8.42 -36.41
N GLN C 299 39.97 9.63 -36.91
CA GLN C 299 40.39 10.75 -36.10
C GLN C 299 39.18 11.53 -35.59
N LEU C 300 39.06 11.63 -34.27
CA LEU C 300 37.96 12.32 -33.61
C LEU C 300 38.21 13.83 -33.55
N ALA C 301 37.12 14.58 -33.42
CA ALA C 301 37.25 16.00 -33.13
C ALA C 301 37.67 16.17 -31.68
N SER C 302 38.59 17.11 -31.44
CA SER C 302 39.19 17.26 -30.12
C SER C 302 38.26 17.94 -29.13
N VAL C 303 38.43 17.58 -27.86
CA VAL C 303 37.66 18.13 -26.76
C VAL C 303 38.52 19.05 -25.90
N ARG D 1 9.66 0.14 -34.24
CA ARG D 1 10.23 -1.21 -34.08
C ARG D 1 9.41 -2.03 -33.08
N MET D 2 9.12 -3.28 -33.45
CA MET D 2 8.28 -4.15 -32.63
C MET D 2 8.96 -4.47 -31.30
N VAL D 3 8.15 -4.48 -30.23
CA VAL D 3 8.67 -4.77 -28.89
C VAL D 3 9.36 -6.12 -28.88
N ASP D 4 10.54 -6.15 -28.27
CA ASP D 4 11.25 -7.39 -27.97
C ASP D 4 11.74 -7.33 -26.53
N LEU D 5 12.24 -8.45 -26.05
CA LEU D 5 12.71 -8.56 -24.68
C LEU D 5 14.14 -9.08 -24.67
N PRO D 6 14.93 -8.70 -23.67
CA PRO D 6 16.27 -9.30 -23.52
C PRO D 6 16.18 -10.78 -23.24
N VAL D 7 17.22 -11.51 -23.67
CA VAL D 7 17.27 -12.96 -23.54
C VAL D 7 17.75 -13.35 -22.14
N LEU D 8 17.91 -12.36 -21.26
CA LEU D 8 18.48 -12.60 -19.95
C LEU D 8 17.65 -13.59 -19.14
N GLN D 9 18.33 -14.50 -18.46
CA GLN D 9 17.64 -15.41 -17.57
C GLN D 9 17.27 -14.68 -16.27
N PRO D 10 16.10 -14.97 -15.71
CA PRO D 10 15.73 -14.33 -14.43
C PRO D 10 16.77 -14.50 -13.33
N ARG D 11 17.40 -15.68 -13.25
CA ARG D 11 18.38 -15.91 -12.20
C ARG D 11 19.61 -15.04 -12.32
N LEU D 12 19.82 -14.38 -13.46
CA LEU D 12 20.92 -13.46 -13.65
C LEU D 12 20.48 -12.00 -13.65
N CYS D 13 19.23 -11.72 -13.28
CA CYS D 13 18.69 -10.36 -13.30
C CYS D 13 18.63 -9.76 -11.89
N THR D 14 18.30 -8.48 -11.84
CA THR D 14 18.23 -7.72 -10.61
C THR D 14 16.78 -7.48 -10.21
N HIS D 15 16.50 -7.65 -8.92
CA HIS D 15 15.18 -7.38 -8.38
C HIS D 15 14.91 -5.87 -8.40
N ALA D 16 13.63 -5.51 -8.56
CA ALA D 16 13.25 -4.13 -8.77
C ALA D 16 12.73 -3.42 -7.52
N ARG D 17 12.56 -4.13 -6.40
CA ARG D 17 12.07 -3.53 -5.17
C ARG D 17 13.02 -3.69 -3.99
N TRP D 18 14.08 -4.50 -4.12
CA TRP D 18 15.14 -4.66 -3.11
C TRP D 18 16.42 -4.96 -3.87
N PRO D 19 17.53 -4.24 -3.60
CA PRO D 19 18.75 -4.41 -4.42
C PRO D 19 19.45 -5.74 -4.20
N ALA D 20 18.95 -6.80 -4.84
CA ALA D 20 19.49 -8.13 -4.68
C ALA D 20 19.21 -8.90 -5.97
N PRO D 21 19.92 -10.01 -6.20
CA PRO D 21 19.59 -10.83 -7.37
C PRO D 21 18.20 -11.44 -7.26
N ILE D 22 17.63 -11.76 -8.40
CA ILE D 22 16.39 -12.51 -8.45
C ILE D 22 16.70 -13.98 -8.22
N TYR D 23 16.03 -14.59 -7.25
CA TYR D 23 16.24 -16.00 -6.93
C TYR D 23 15.07 -16.89 -7.28
N GLY D 24 13.86 -16.34 -7.41
CA GLY D 24 12.68 -17.15 -7.62
C GLY D 24 11.76 -16.58 -8.67
N LEU D 25 10.98 -17.48 -9.26
CA LEU D 25 9.96 -17.15 -10.25
C LEU D 25 8.76 -18.04 -9.97
N LEU D 26 7.61 -17.42 -9.72
CA LEU D 26 6.47 -18.20 -9.24
C LEU D 26 5.17 -17.45 -9.45
N VAL D 27 4.08 -18.20 -9.35
CA VAL D 27 2.74 -17.67 -9.15
C VAL D 27 2.23 -18.20 -7.83
N ASP D 28 1.39 -17.42 -7.16
CA ASP D 28 0.81 -17.82 -5.88
C ASP D 28 -0.53 -17.11 -5.70
N PRO D 29 -1.64 -17.80 -5.98
CA PRO D 29 -2.96 -17.15 -5.84
C PRO D 29 -3.35 -16.86 -4.41
N SER D 30 -2.64 -17.38 -3.42
CA SER D 30 -2.96 -17.10 -2.02
C SER D 30 -2.46 -15.74 -1.57
N LEU D 31 -1.56 -15.12 -2.33
CA LEU D 31 -1.08 -13.79 -2.02
C LEU D 31 -2.04 -12.74 -2.57
N PRO D 32 -1.93 -11.49 -2.10
CA PRO D 32 -2.76 -10.43 -2.68
C PRO D 32 -2.61 -10.36 -4.19
N SER D 33 -3.74 -10.36 -4.89
CA SER D 33 -3.74 -10.47 -6.34
C SER D 33 -3.33 -9.18 -7.03
N ASN D 34 -3.61 -8.03 -6.44
CA ASN D 34 -3.42 -6.72 -7.08
C ASN D 34 -2.58 -5.81 -6.21
N PRO D 35 -1.28 -6.12 -6.06
CA PRO D 35 -0.45 -5.29 -5.18
C PRO D 35 -0.24 -3.90 -5.76
N GLN D 36 -0.15 -2.91 -4.87
CA GLN D 36 0.12 -1.54 -5.28
C GLN D 36 1.58 -1.17 -5.02
N TRP D 37 2.49 -2.02 -5.51
CA TRP D 37 3.91 -1.71 -5.44
C TRP D 37 4.20 -0.40 -6.17
N GLN D 38 5.07 0.42 -5.58
CA GLN D 38 5.44 1.69 -6.16
C GLN D 38 6.78 1.65 -6.91
N ASN D 39 7.65 0.70 -6.58
CA ASN D 39 8.86 0.46 -7.36
C ASN D 39 8.65 -0.74 -8.28
N GLY D 40 9.46 -0.80 -9.33
CA GLY D 40 9.31 -1.86 -10.31
C GLY D 40 8.08 -1.73 -11.18
N ARG D 41 7.63 -0.51 -11.45
CA ARG D 41 6.43 -0.26 -12.23
C ARG D 41 6.80 0.52 -13.48
N VAL D 42 6.51 -0.04 -14.64
CA VAL D 42 6.79 0.63 -15.90
C VAL D 42 5.75 0.19 -16.92
N HIS D 43 5.37 1.10 -17.80
CA HIS D 43 4.57 0.74 -18.95
C HIS D 43 5.48 0.19 -20.03
N VAL D 44 4.91 -0.61 -20.93
CA VAL D 44 5.71 -1.18 -22.01
C VAL D 44 6.22 -0.09 -22.94
N ASP D 45 5.52 1.05 -23.00
CA ASP D 45 6.00 2.17 -23.80
C ASP D 45 7.15 2.92 -23.14
N GLY D 46 7.54 2.55 -21.92
CA GLY D 46 8.67 3.15 -21.25
C GLY D 46 8.35 4.19 -20.21
N THR D 47 7.06 4.46 -19.95
CA THR D 47 6.70 5.44 -18.94
C THR D 47 6.86 4.81 -17.56
N LEU D 48 7.71 5.41 -16.74
CA LEU D 48 7.90 4.93 -15.37
C LEU D 48 6.72 5.35 -14.52
N LEU D 49 6.27 4.44 -13.66
CA LEU D 49 5.16 4.71 -12.76
C LEU D 49 5.63 4.73 -11.32
N GLY D 50 4.85 5.38 -10.47
CA GLY D 50 5.17 5.44 -9.06
C GLY D 50 6.52 6.07 -8.83
N THR D 51 7.33 5.42 -8.00
CA THR D 51 8.66 5.88 -7.67
C THR D 51 9.74 5.09 -8.40
N THR D 52 9.37 4.31 -9.41
CA THR D 52 10.31 3.42 -10.09
C THR D 52 11.48 4.20 -10.67
N PRO D 53 12.71 3.84 -10.34
CA PRO D 53 13.87 4.46 -10.99
C PRO D 53 14.35 3.59 -12.14
N VAL D 54 15.21 4.17 -12.97
CA VAL D 54 15.80 3.41 -14.06
C VAL D 54 16.91 2.50 -13.54
N SER D 55 17.75 3.01 -12.65
CA SER D 55 18.88 2.25 -12.12
C SER D 55 18.44 1.42 -10.92
N GLY D 56 18.84 0.15 -10.89
CA GLY D 56 18.55 -0.70 -9.76
C GLY D 56 19.27 -0.28 -8.49
N SER D 57 20.36 0.48 -8.62
CA SER D 57 21.09 0.96 -7.45
C SER D 57 20.33 2.04 -6.68
N TRP D 58 19.26 2.59 -7.24
CA TRP D 58 18.41 3.54 -6.53
C TRP D 58 17.33 2.85 -5.72
N VAL D 59 17.11 1.56 -5.94
CA VAL D 59 15.97 0.86 -5.37
C VAL D 59 16.14 0.74 -3.86
N SER D 60 15.12 1.15 -3.11
CA SER D 60 15.09 1.09 -1.65
C SER D 60 16.23 1.88 -1.03
N CYS D 61 16.64 2.95 -1.70
CA CYS D 61 17.65 3.88 -1.19
C CYS D 61 17.07 5.28 -1.22
N PHE D 62 17.80 6.22 -0.63
CA PHE D 62 17.45 7.63 -0.77
C PHE D 62 18.69 8.49 -0.56
N ALA D 63 18.57 9.75 -0.99
CA ALA D 63 19.61 10.76 -0.80
C ALA D 63 18.99 11.97 -0.11
N ALA D 64 19.79 12.67 0.68
CA ALA D 64 19.27 13.77 1.49
C ALA D 64 20.40 14.66 1.96
N GLU D 65 20.01 15.82 2.46
CA GLU D 65 20.87 16.65 3.30
C GLU D 65 20.56 16.27 4.74
N ALA D 66 21.57 15.77 5.47
CA ALA D 66 21.37 15.21 6.78
C ALA D 66 21.68 16.24 7.86
N ALA D 67 20.80 16.34 8.84
CA ALA D 67 21.01 17.16 10.03
C ALA D 67 20.92 16.24 11.23
N TYR D 68 21.98 16.23 12.04
CA TYR D 68 22.08 15.32 13.17
C TYR D 68 22.01 16.10 14.48
N GLU D 69 21.52 15.42 15.51
CA GLU D 69 21.47 15.98 16.85
C GLU D 69 21.35 14.83 17.85
N PHE D 70 21.78 15.10 19.07
CA PHE D 70 21.67 14.14 20.17
C PHE D 70 20.49 14.56 21.03
N GLN D 71 19.62 13.60 21.34
CA GLN D 71 18.47 13.84 22.20
C GLN D 71 18.56 12.86 23.37
N SER D 72 18.76 13.40 24.57
CA SER D 72 18.84 12.57 25.77
C SER D 72 17.58 11.74 25.93
N GLY D 73 17.75 10.48 26.30
CA GLY D 73 16.67 9.53 26.41
C GLY D 73 16.34 8.79 25.14
N THR D 74 16.85 9.22 23.99
CA THR D 74 16.66 8.51 22.73
C THR D 74 17.98 8.18 22.06
N GLY D 75 18.84 9.16 21.84
CA GLY D 75 20.12 8.93 21.21
C GLY D 75 20.42 9.89 20.07
N GLU D 76 21.16 9.43 19.08
CA GLU D 76 21.45 10.24 17.91
C GLU D 76 20.27 10.22 16.95
N VAL D 77 19.73 11.40 16.63
CA VAL D 77 18.55 11.53 15.79
C VAL D 77 18.96 12.21 14.49
N ALA D 78 18.52 11.64 13.36
CA ALA D 78 18.83 12.17 12.04
C ALA D 78 17.56 12.67 11.38
N THR D 79 17.60 13.89 10.87
CA THR D 79 16.53 14.47 10.05
C THR D 79 17.03 14.61 8.63
N PHE D 80 16.41 13.86 7.71
CA PHE D 80 16.85 13.80 6.33
C PHE D 80 15.94 14.65 5.46
N THR D 81 16.49 15.72 4.87
CA THR D 81 15.78 16.53 3.90
C THR D 81 16.06 15.94 2.53
N LEU D 82 15.09 15.23 1.98
CA LEU D 82 15.32 14.35 0.84
C LEU D 82 15.64 15.14 -0.43
N ILE D 83 16.43 14.50 -1.30
CA ILE D 83 16.75 14.99 -2.64
C ILE D 83 16.73 13.77 -3.56
N GLU D 84 16.52 14.02 -4.86
CA GLU D 84 16.62 12.93 -5.81
C GLU D 84 18.05 12.39 -5.85
N GLN D 85 18.17 11.08 -6.05
CA GLN D 85 19.45 10.40 -5.84
C GLN D 85 20.54 10.81 -6.83
N ASP D 86 20.19 11.56 -7.87
CA ASP D 86 21.18 12.11 -8.79
C ASP D 86 21.61 13.51 -8.41
N GLY D 87 21.03 14.08 -7.36
CA GLY D 87 21.35 15.42 -6.91
C GLY D 87 20.36 16.48 -7.33
N SER D 88 19.44 16.16 -8.23
CA SER D 88 18.44 17.14 -8.61
C SER D 88 17.42 17.31 -7.48
N ALA D 89 16.89 18.52 -7.35
CA ALA D 89 16.03 18.86 -6.23
C ALA D 89 14.78 17.99 -6.27
N TYR D 90 14.34 17.55 -5.10
CA TYR D 90 13.09 16.83 -4.99
C TYR D 90 11.96 17.83 -4.84
N VAL D 91 11.00 17.76 -5.76
CA VAL D 91 9.83 18.62 -5.75
C VAL D 91 8.60 17.72 -5.62
N PRO D 92 7.81 17.84 -4.56
CA PRO D 92 6.57 17.06 -4.44
C PRO D 92 5.68 17.21 -5.65
N GLY D 93 5.32 16.10 -6.28
CA GLY D 93 4.57 16.11 -7.52
C GLY D 93 3.62 14.95 -7.61
N ASP D 94 3.56 14.32 -8.78
CA ASP D 94 2.59 13.26 -9.06
C ASP D 94 3.12 11.87 -8.71
N ARG D 95 3.91 11.74 -7.64
CA ARG D 95 4.33 10.43 -7.17
C ARG D 95 4.53 10.48 -5.66
N ALA D 96 4.74 9.30 -5.07
CA ALA D 96 4.65 9.17 -3.63
C ALA D 96 5.85 9.76 -2.90
N ALA D 97 7.03 9.73 -3.53
CA ALA D 97 8.26 10.01 -2.82
C ALA D 97 9.38 10.25 -3.85
N PRO D 98 10.61 10.52 -3.44
CA PRO D 98 11.72 10.51 -4.40
C PRO D 98 11.87 9.14 -5.04
N LEU D 99 12.41 9.13 -6.26
CA LEU D 99 12.58 7.90 -7.00
C LEU D 99 13.40 6.89 -6.21
N GLY D 100 12.95 5.64 -6.21
CA GLY D 100 13.66 4.56 -5.54
C GLY D 100 13.35 4.43 -4.07
N TYR D 101 12.61 5.36 -3.49
CA TYR D 101 12.30 5.28 -2.06
C TYR D 101 11.54 3.99 -1.76
N PRO D 102 11.82 3.35 -0.64
CA PRO D 102 11.15 2.07 -0.31
C PRO D 102 9.63 2.16 -0.43
N ASP D 103 9.04 1.09 -0.96
CA ASP D 103 7.60 0.99 -1.12
C ASP D 103 6.99 -0.11 -0.26
N PHE D 104 7.69 -0.53 0.79
CA PHE D 104 7.23 -1.54 1.72
C PHE D 104 7.30 -0.96 3.13
N SER D 105 6.93 -1.78 4.11
CA SER D 105 6.85 -1.35 5.50
C SER D 105 7.76 -2.20 6.38
N GLY D 106 7.91 -1.75 7.62
CA GLY D 106 8.79 -2.35 8.60
C GLY D 106 9.81 -1.34 9.08
N GLN D 107 10.75 -1.82 9.91
CA GLN D 107 11.83 -0.98 10.40
C GLN D 107 13.08 -1.27 9.57
N LEU D 108 13.57 -0.27 8.87
CA LEU D 108 14.67 -0.42 7.93
C LEU D 108 15.94 0.12 8.56
N GLU D 109 16.98 -0.72 8.58
CA GLU D 109 18.31 -0.28 8.97
C GLU D 109 18.99 0.28 7.73
N ILE D 110 19.48 1.52 7.84
CA ILE D 110 20.09 2.22 6.72
C ILE D 110 21.52 2.57 7.07
N GLU D 111 22.35 2.74 6.04
CA GLU D 111 23.75 3.08 6.18
C GLU D 111 24.04 4.39 5.47
N VAL D 112 24.77 5.28 6.14
CA VAL D 112 25.14 6.57 5.56
C VAL D 112 26.60 6.86 5.86
N GLN D 113 27.22 7.63 4.97
CA GLN D 113 28.56 8.15 5.21
C GLN D 113 28.45 9.35 6.14
N THR D 114 29.15 9.29 7.27
CA THR D 114 29.11 10.35 8.27
C THR D 114 30.52 10.88 8.55
N GLU D 115 30.61 12.20 8.70
CA GLU D 115 31.85 12.84 9.12
C GLU D 115 31.71 13.27 10.58
N THR D 116 32.74 13.02 11.36
CA THR D 116 32.73 13.34 12.78
C THR D 116 33.82 14.37 13.09
N THR D 117 33.60 15.11 14.18
CA THR D 117 34.60 16.06 14.66
C THR D 117 35.49 15.49 15.75
N LYS D 118 35.19 14.28 16.24
CA LYS D 118 36.02 13.67 17.26
C LYS D 118 37.42 13.43 16.72
N THR D 119 38.42 13.87 17.48
CA THR D 119 39.81 13.71 17.06
C THR D 119 40.16 12.24 16.89
N GLY D 120 40.91 11.94 15.82
CA GLY D 120 41.29 10.58 15.50
C GLY D 120 40.41 9.89 14.48
N ASP D 121 39.25 10.44 14.17
CA ASP D 121 38.36 9.89 13.15
C ASP D 121 37.97 11.02 12.20
N LYS D 122 37.40 10.64 11.05
CA LYS D 122 36.98 11.64 10.08
C LYS D 122 35.76 11.14 9.31
N LEU D 123 35.89 10.02 8.61
CA LEU D 123 34.81 9.46 7.81
C LEU D 123 34.46 8.08 8.33
N LYS D 124 33.18 7.87 8.62
CA LYS D 124 32.68 6.59 9.11
C LYS D 124 31.41 6.23 8.35
N VAL D 125 30.98 4.98 8.51
CA VAL D 125 29.69 4.52 8.01
C VAL D 125 28.83 4.17 9.21
N THR D 126 27.71 4.87 9.35
CA THR D 126 26.85 4.76 10.52
C THR D 126 25.54 4.10 10.16
N THR D 127 25.11 3.16 11.00
CA THR D 127 23.83 2.48 10.83
C THR D 127 22.76 3.19 11.63
N PHE D 128 21.68 3.59 10.97
CA PHE D 128 20.54 4.22 11.61
C PHE D 128 19.31 3.32 11.51
N GLU D 129 18.39 3.49 12.44
CA GLU D 129 17.09 2.82 12.40
C GLU D 129 16.05 3.79 11.88
N MET D 130 15.29 3.37 10.87
CA MET D 130 14.26 4.20 10.27
C MET D 130 12.99 3.39 10.11
N ILE D 131 11.93 3.83 10.77
CA ILE D 131 10.64 3.16 10.64
C ILE D 131 9.97 3.66 9.37
N LEU D 132 9.55 2.72 8.51
CA LEU D 132 8.89 3.08 7.26
C LEU D 132 7.38 3.15 7.42
N GLY D 133 6.80 2.17 8.12
CA GLY D 133 5.38 2.06 8.26
C GLY D 133 4.97 0.69 8.75
N PRO D 134 3.70 0.31 8.56
CA PRO D 134 2.62 1.03 7.86
C PRO D 134 2.23 2.36 8.54
N THR D 135 2.20 2.37 9.86
CA THR D 135 2.03 3.59 10.64
C THR D 135 3.24 3.76 11.54
N THR D 136 3.62 5.01 11.79
CA THR D 136 4.71 5.31 12.70
C THR D 136 4.28 6.38 13.70
N ASN D 137 5.03 6.46 14.80
CA ASN D 137 4.90 7.56 15.74
C ASN D 137 5.99 8.60 15.54
N VAL D 138 6.57 8.64 14.34
CA VAL D 138 7.65 9.56 14.02
C VAL D 138 7.26 10.59 12.98
N ASP D 139 6.11 10.44 12.33
CA ASP D 139 5.61 11.38 11.32
C ASP D 139 6.53 11.43 10.10
N GLN D 140 6.80 10.25 9.53
CA GLN D 140 7.55 10.19 8.28
C GLN D 140 6.74 10.82 7.15
N ALA D 141 7.39 11.66 6.36
CA ALA D 141 6.76 12.31 5.21
C ALA D 141 7.74 12.43 4.06
N PRO D 142 8.17 11.30 3.48
CA PRO D 142 9.03 11.38 2.29
C PRO D 142 8.39 12.13 1.14
N TYR D 143 7.06 12.13 1.05
CA TYR D 143 6.37 12.93 0.03
C TYR D 143 6.70 14.41 0.18
N GLN D 144 6.82 14.88 1.43
CA GLN D 144 7.24 16.25 1.66
C GLN D 144 8.75 16.42 1.62
N GLY D 145 9.51 15.33 1.64
CA GLY D 145 10.94 15.41 1.61
C GLY D 145 11.61 15.44 2.97
N ARG D 146 10.97 14.85 3.98
CA ARG D 146 11.52 14.82 5.34
C ARG D 146 11.25 13.46 5.95
N VAL D 147 12.31 12.77 6.37
CA VAL D 147 12.20 11.52 7.09
C VAL D 147 13.15 11.56 8.26
N TYR D 148 12.86 10.73 9.27
CA TYR D 148 13.62 10.69 10.51
C TYR D 148 14.16 9.30 10.77
N ALA D 149 15.37 9.26 11.31
CA ALA D 149 16.01 8.02 11.73
C ALA D 149 16.72 8.28 13.05
N SER D 150 17.03 7.20 13.76
CA SER D 150 17.63 7.35 15.07
C SER D 150 18.56 6.16 15.34
N LEU D 151 19.41 6.34 16.33
CA LEU D 151 20.35 5.30 16.75
C LEU D 151 20.63 5.50 18.23
N THR D 152 20.57 4.42 19.00
CA THR D 152 20.80 4.51 20.44
C THR D 152 22.26 4.83 20.72
N ALA D 153 22.49 5.82 21.58
CA ALA D 153 23.84 6.21 21.96
C ALA D 153 23.79 6.89 23.32
N VAL D 154 24.88 6.73 24.09
CA VAL D 154 24.94 7.35 25.41
C VAL D 154 25.34 8.82 25.33
N ALA D 155 25.97 9.23 24.24
CA ALA D 155 26.35 10.62 24.06
C ALA D 155 26.35 10.92 22.57
N SER D 156 26.52 12.21 22.23
CA SER D 156 26.52 12.62 20.84
C SER D 156 27.69 11.98 20.09
N LEU D 157 27.45 11.59 18.85
CA LEU D 157 28.51 11.09 17.99
C LEU D 157 29.25 12.22 17.27
N ASP D 158 28.83 13.46 17.49
CA ASP D 158 29.49 14.64 16.92
C ASP D 158 29.57 14.58 15.39
N LEU D 159 28.46 14.19 14.77
CA LEU D 159 28.45 14.11 13.30
C LEU D 159 28.33 15.51 12.70
N VAL D 160 28.89 15.65 11.51
CA VAL D 160 28.80 16.89 10.75
C VAL D 160 27.66 16.74 9.75
N ASP D 161 26.81 17.77 9.68
CA ASP D 161 25.72 17.77 8.72
C ASP D 161 26.27 17.82 7.29
N GLY D 162 25.53 17.21 6.37
CA GLY D 162 25.93 17.22 4.98
C GLY D 162 25.12 16.23 4.16
N ARG D 163 25.53 16.09 2.89
CA ARG D 163 24.83 15.23 1.96
C ARG D 163 25.15 13.76 2.24
N VAL D 164 24.15 12.90 2.06
CA VAL D 164 24.30 11.47 2.30
C VAL D 164 23.55 10.70 1.24
N ARG D 165 23.99 9.47 1.02
CA ARG D 165 23.21 8.45 0.32
C ARG D 165 22.98 7.30 1.30
N ALA D 166 21.72 6.92 1.48
CA ALA D 166 21.34 5.89 2.44
C ALA D 166 21.01 4.61 1.70
N VAL D 167 21.68 3.52 2.07
CA VAL D 167 21.47 2.21 1.45
C VAL D 167 20.91 1.27 2.51
N PRO D 168 20.13 0.25 2.12
CA PRO D 168 19.47 -0.59 3.13
C PRO D 168 20.40 -1.70 3.64
N ARG D 169 20.46 -1.84 4.96
CA ARG D 169 21.23 -2.90 5.59
C ARG D 169 20.38 -4.11 5.97
N SER D 170 19.18 -3.88 6.51
CA SER D 170 18.30 -4.97 6.91
C SER D 170 16.89 -4.43 7.10
N ILE D 171 15.92 -5.33 7.13
CA ILE D 171 14.52 -5.01 7.37
C ILE D 171 14.03 -5.80 8.58
N TYR D 172 13.24 -5.14 9.43
CA TYR D 172 12.72 -5.74 10.65
C TYR D 172 11.21 -5.58 10.68
N GLY D 173 10.49 -6.66 10.90
CA GLY D 173 9.04 -6.62 10.85
C GLY D 173 8.50 -6.28 9.48
N PHE D 174 9.06 -6.87 8.44
CA PHE D 174 8.68 -6.56 7.06
C PHE D 174 7.20 -6.83 6.83
N GLN D 175 6.55 -5.91 6.11
CA GLN D 175 5.19 -6.08 5.61
C GLN D 175 5.14 -5.55 4.20
N ASP D 176 4.54 -6.31 3.29
CA ASP D 176 4.40 -5.85 1.90
C ASP D 176 3.18 -4.94 1.79
N VAL D 177 3.29 -3.79 2.48
CA VAL D 177 2.28 -2.74 2.47
C VAL D 177 3.01 -1.43 2.28
N ILE D 178 2.43 -0.53 1.48
CA ILE D 178 3.11 0.75 1.21
C ILE D 178 3.34 1.48 2.52
N PRO D 179 4.47 2.17 2.69
CA PRO D 179 4.78 2.83 3.96
C PRO D 179 4.05 4.16 4.12
N GLU D 180 4.34 4.81 5.25
CA GLU D 180 3.79 6.13 5.56
C GLU D 180 4.53 7.17 4.72
N TYR D 181 3.91 7.57 3.61
CA TYR D 181 4.55 8.51 2.69
C TYR D 181 4.35 9.96 3.14
N ASN D 182 3.30 10.25 3.88
CA ASN D 182 2.89 11.63 4.13
C ASN D 182 2.14 11.74 5.46
N ASP D 183 2.75 11.28 6.54
CA ASP D 183 2.25 11.49 7.90
C ASP D 183 0.80 11.01 8.05
N GLY D 184 0.48 9.91 7.38
CA GLY D 184 -0.85 9.32 7.44
C GLY D 184 -1.76 9.70 6.28
N LEU D 185 -1.47 10.78 5.57
CA LEU D 185 -2.28 11.12 4.42
C LEU D 185 -1.88 10.29 3.21
N LEU D 186 -2.76 10.27 2.22
CA LEU D 186 -2.48 9.55 1.00
C LEU D 186 -1.72 10.45 0.04
N VAL D 187 -1.05 9.82 -0.93
CA VAL D 187 -0.18 10.51 -1.88
C VAL D 187 -0.52 10.00 -3.28
N PRO D 188 -0.08 10.66 -4.34
CA PRO D 188 -0.25 10.07 -5.68
C PRO D 188 0.47 8.73 -5.76
N LEU D 189 -0.26 7.70 -6.17
CA LEU D 189 0.27 6.35 -6.22
C LEU D 189 0.04 5.74 -7.59
N ALA D 190 0.96 4.88 -8.01
CA ALA D 190 0.66 4.01 -9.12
C ALA D 190 -0.49 3.09 -8.72
N PRO D 191 -1.45 2.83 -9.61
CA PRO D 191 -2.63 2.05 -9.23
C PRO D 191 -2.27 0.61 -8.95
N PRO D 192 -3.16 -0.15 -8.29
CA PRO D 192 -2.89 -1.57 -8.08
C PRO D 192 -2.64 -2.29 -9.39
N ILE D 193 -1.79 -3.31 -9.32
CA ILE D 193 -1.47 -4.12 -10.50
C ILE D 193 -2.70 -4.89 -10.92
N GLY D 194 -3.03 -4.82 -12.21
CA GLY D 194 -4.23 -5.44 -12.74
C GLY D 194 -4.87 -4.58 -13.80
N PRO D 195 -6.03 -4.99 -14.32
CA PRO D 195 -6.79 -6.17 -13.91
C PRO D 195 -6.38 -7.46 -14.62
N PHE D 196 -6.96 -8.57 -14.19
CA PHE D 196 -6.69 -9.89 -14.75
C PHE D 196 -7.96 -10.50 -15.30
N LEU D 197 -7.78 -11.45 -16.23
CA LEU D 197 -8.89 -12.26 -16.69
C LEU D 197 -9.22 -13.31 -15.65
N PRO D 198 -10.41 -13.90 -15.70
CA PRO D 198 -10.69 -15.06 -14.86
C PRO D 198 -9.64 -16.15 -15.07
N GLY D 199 -9.06 -16.63 -13.96
CA GLY D 199 -8.04 -17.64 -14.02
C GLY D 199 -6.62 -17.11 -14.16
N GLU D 200 -6.44 -15.81 -14.36
CA GLU D 200 -5.11 -15.23 -14.52
C GLU D 200 -4.56 -14.78 -13.18
N VAL D 201 -3.26 -15.03 -12.97
CA VAL D 201 -2.58 -14.64 -11.74
C VAL D 201 -1.25 -13.96 -12.09
N LEU D 202 -0.79 -13.14 -11.17
CA LEU D 202 0.40 -12.34 -11.41
C LEU D 202 1.66 -13.20 -11.33
N LEU D 203 2.56 -13.02 -12.29
CA LEU D 203 3.86 -13.67 -12.24
C LEU D 203 4.80 -12.86 -11.36
N ARG D 204 5.46 -13.52 -10.42
CA ARG D 204 6.23 -12.84 -9.38
C ARG D 204 7.71 -13.16 -9.53
N PHE D 205 8.53 -12.12 -9.56
CA PHE D 205 9.98 -12.25 -9.47
C PHE D 205 10.38 -12.00 -8.02
N ARG D 206 11.03 -13.00 -7.41
CA ARG D 206 11.20 -13.04 -5.97
C ARG D 206 12.67 -12.96 -5.58
N THR D 207 12.97 -12.15 -4.57
CA THR D 207 14.24 -12.19 -3.87
C THR D 207 13.97 -12.24 -2.37
N TYR D 208 15.04 -12.32 -1.58
CA TYR D 208 14.95 -12.43 -0.15
C TYR D 208 15.83 -11.36 0.49
N MET D 209 15.26 -10.62 1.44
CA MET D 209 15.93 -9.46 2.02
C MET D 209 16.68 -9.83 3.29
N ARG D 210 17.84 -9.20 3.48
CA ARG D 210 18.51 -9.24 4.79
C ARG D 210 17.56 -8.73 5.86
N GLN D 211 17.38 -9.54 6.91
CA GLN D 211 16.37 -9.22 7.92
C GLN D 211 16.94 -9.38 9.32
N LEU D 212 16.23 -8.76 10.26
CA LEU D 212 16.43 -8.98 11.69
C LEU D 212 15.19 -9.70 12.21
N ASP D 213 15.40 -10.85 12.84
CA ASP D 213 14.30 -11.63 13.40
C ASP D 213 14.81 -12.39 14.61
N THR D 214 14.10 -12.24 15.73
CA THR D 214 14.54 -12.83 16.98
C THR D 214 14.07 -14.27 17.19
N ALA D 215 13.22 -14.79 16.31
CA ALA D 215 12.67 -16.12 16.51
C ALA D 215 12.67 -16.96 15.25
N ASP D 216 12.27 -16.37 14.13
CA ASP D 216 12.05 -17.09 12.88
C ASP D 216 13.26 -16.94 11.96
N ALA D 217 13.80 -18.07 11.50
CA ALA D 217 14.98 -18.07 10.65
C ALA D 217 14.65 -18.16 9.16
N ALA D 218 13.38 -18.30 8.80
CA ALA D 218 13.00 -18.42 7.40
C ALA D 218 13.26 -17.12 6.65
N ALA D 219 13.71 -17.25 5.40
CA ALA D 219 14.03 -16.08 4.60
C ALA D 219 12.78 -15.25 4.32
N GLU D 220 12.98 -13.94 4.18
CA GLU D 220 11.89 -12.99 3.97
C GLU D 220 11.78 -12.68 2.48
N ALA D 221 10.70 -13.13 1.86
CA ALA D 221 10.52 -12.98 0.43
C ALA D 221 9.90 -11.63 0.09
N ILE D 222 10.30 -11.08 -1.05
CA ILE D 222 9.67 -9.89 -1.60
C ILE D 222 9.58 -10.08 -3.12
N ASP D 223 8.44 -9.72 -3.69
CA ASP D 223 8.13 -9.94 -5.09
C ASP D 223 8.10 -8.63 -5.85
N CYS D 224 8.40 -8.69 -7.14
CA CYS D 224 8.21 -7.56 -8.04
C CYS D 224 7.64 -8.06 -9.36
N ALA D 225 7.08 -7.12 -10.13
CA ALA D 225 6.38 -7.51 -11.36
C ALA D 225 7.34 -7.79 -12.51
N LEU D 226 8.47 -7.09 -12.58
CA LEU D 226 9.42 -7.24 -13.67
C LEU D 226 10.83 -7.12 -13.13
N PRO D 227 11.80 -7.81 -13.72
CA PRO D 227 13.20 -7.57 -13.36
C PRO D 227 13.57 -6.14 -13.69
N GLN D 228 14.53 -5.60 -12.94
CA GLN D 228 14.98 -4.24 -13.19
C GLN D 228 15.55 -4.08 -14.59
N GLU D 229 16.18 -5.13 -15.12
CA GLU D 229 16.69 -5.07 -16.49
C GLU D 229 15.56 -4.85 -17.49
N PHE D 230 14.38 -5.42 -17.23
CA PHE D 230 13.23 -5.18 -18.09
C PHE D 230 12.71 -3.77 -17.93
N ILE D 231 12.77 -3.22 -16.71
CA ILE D 231 12.32 -1.85 -16.48
C ILE D 231 13.15 -0.87 -17.30
N SER D 232 14.48 -0.98 -17.20
CA SER D 232 15.33 -0.10 -17.98
C SER D 232 15.28 -0.43 -19.47
N TRP D 233 14.96 -1.68 -19.81
CA TRP D 233 14.83 -2.03 -21.22
C TRP D 233 13.69 -1.26 -21.87
N PHE D 234 12.54 -1.17 -21.19
CA PHE D 234 11.43 -0.43 -21.74
C PHE D 234 11.67 1.08 -21.69
N ALA D 235 12.31 1.56 -20.61
CA ALA D 235 12.60 2.99 -20.51
C ALA D 235 13.57 3.44 -21.60
N SER D 236 14.47 2.57 -22.03
CA SER D 236 15.44 2.95 -23.04
C SER D 236 14.86 2.88 -24.44
N ASN D 237 14.02 1.88 -24.70
CA ASN D 237 13.58 1.62 -26.07
C ASN D 237 12.42 2.51 -26.50
N ALA D 238 11.54 2.88 -25.57
CA ALA D 238 10.36 3.70 -25.85
C ALA D 238 9.55 3.12 -27.02
N PHE D 239 9.18 1.85 -26.88
CA PHE D 239 8.37 1.19 -27.89
C PHE D 239 7.00 1.85 -28.00
N THR D 240 6.40 1.75 -29.18
CA THR D 240 5.01 2.13 -29.36
C THR D 240 4.14 0.92 -29.01
N VAL D 241 3.11 1.16 -28.19
CA VAL D 241 2.25 0.09 -27.70
C VAL D 241 1.05 -0.03 -28.63
N GLN D 242 0.80 -1.24 -29.12
CA GLN D 242 -0.25 -1.49 -30.10
C GLN D 242 -1.52 -2.06 -29.46
N SER D 243 -1.43 -3.22 -28.82
CA SER D 243 -2.58 -3.86 -28.19
C SER D 243 -2.52 -3.69 -26.68
N ASP D 244 -3.39 -4.40 -25.96
CA ASP D 244 -3.43 -4.29 -24.51
C ASP D 244 -2.39 -5.16 -23.84
N ALA D 245 -1.88 -6.18 -24.50
CA ALA D 245 -0.92 -7.08 -23.89
C ALA D 245 -0.08 -7.74 -24.97
N LEU D 246 1.02 -8.34 -24.54
CA LEU D 246 1.93 -9.06 -25.41
C LEU D 246 1.92 -10.53 -25.02
N LEU D 247 1.78 -11.40 -26.01
CA LEU D 247 1.91 -12.83 -25.75
C LEU D 247 3.40 -13.16 -25.68
N LEU D 248 3.83 -13.72 -24.56
CA LEU D 248 5.22 -14.10 -24.35
C LEU D 248 5.31 -15.60 -24.17
N ARG D 249 6.49 -16.14 -24.46
CA ARG D 249 6.80 -17.53 -24.17
C ARG D 249 8.05 -17.61 -23.30
N TYR D 250 7.98 -18.40 -22.23
CA TYR D 250 9.11 -18.68 -21.38
C TYR D 250 9.63 -20.06 -21.75
N ARG D 251 10.85 -20.13 -22.26
CA ARG D 251 11.40 -21.37 -22.78
C ARG D 251 12.70 -21.72 -22.06
N ASN D 252 13.00 -23.02 -22.02
CA ASN D 252 14.27 -23.47 -21.47
C ASN D 252 15.41 -22.99 -22.36
N THR D 253 16.46 -22.47 -21.75
CA THR D 253 17.55 -21.85 -22.51
C THR D 253 18.30 -22.89 -23.34
N LEU D 254 18.52 -24.08 -22.78
CA LEU D 254 19.33 -25.07 -23.48
C LEU D 254 18.52 -25.84 -24.51
N THR D 255 17.40 -26.44 -24.08
CA THR D 255 16.61 -27.28 -24.98
C THR D 255 15.66 -26.48 -25.87
N GLY D 256 15.14 -25.37 -25.37
CA GLY D 256 14.11 -24.63 -26.09
C GLY D 256 12.70 -25.04 -25.76
N GLN D 257 12.53 -26.06 -24.92
CA GLN D 257 11.19 -26.52 -24.56
C GLN D 257 10.40 -25.41 -23.91
N LEU D 258 9.14 -25.27 -24.32
CA LEU D 258 8.28 -24.23 -23.77
C LEU D 258 7.85 -24.60 -22.36
N LEU D 259 8.10 -23.68 -21.41
CA LEU D 259 7.75 -23.91 -20.02
C LEU D 259 6.36 -23.35 -19.69
N PHE D 260 6.03 -22.16 -20.20
CA PHE D 260 4.68 -21.65 -20.11
C PHE D 260 4.53 -20.50 -21.10
N GLU D 261 3.29 -20.23 -21.46
CA GLU D 261 2.96 -19.01 -22.17
C GLU D 261 2.25 -18.06 -21.22
N CYS D 262 2.46 -16.77 -21.43
CA CYS D 262 1.93 -15.77 -20.52
C CYS D 262 1.64 -14.51 -21.32
N LYS D 263 0.94 -13.57 -20.66
CA LYS D 263 0.59 -12.29 -21.25
C LYS D 263 1.31 -11.19 -20.49
N LEU D 264 2.13 -10.41 -21.20
CA LEU D 264 2.73 -9.20 -20.64
C LEU D 264 1.77 -8.06 -20.95
N TYR D 265 1.00 -7.64 -19.96
CA TYR D 265 0.11 -6.51 -20.16
C TYR D 265 0.92 -5.23 -20.35
N SER D 266 0.38 -4.34 -21.18
CA SER D 266 1.08 -3.09 -21.49
C SER D 266 1.29 -2.22 -20.26
N GLU D 267 0.50 -2.43 -19.21
CA GLU D 267 0.62 -1.69 -17.96
C GLU D 267 1.79 -2.16 -17.11
N GLY D 268 2.48 -3.22 -17.51
CA GLY D 268 3.73 -3.60 -16.91
C GLY D 268 3.74 -4.82 -16.01
N TYR D 269 2.80 -5.75 -16.19
CA TYR D 269 2.77 -6.95 -15.37
C TYR D 269 2.47 -8.15 -16.25
N ILE D 270 2.95 -9.31 -15.81
CA ILE D 270 2.82 -10.56 -16.56
C ILE D 270 1.78 -11.42 -15.88
N ALA D 271 0.89 -12.02 -16.68
CA ALA D 271 -0.16 -12.88 -16.17
C ALA D 271 -0.01 -14.29 -16.72
N LEU D 272 -0.32 -15.28 -15.89
CA LEU D 272 -0.39 -16.68 -16.29
C LEU D 272 -1.77 -17.20 -15.94
N SER D 273 -2.26 -18.15 -16.73
CA SER D 273 -3.52 -18.81 -16.42
C SER D 273 -3.23 -20.01 -15.52
N TYR D 274 -3.59 -19.89 -14.24
CA TYR D 274 -3.27 -20.91 -13.25
C TYR D 274 -4.43 -20.99 -12.28
N SER D 275 -5.04 -22.18 -12.18
CA SER D 275 -6.21 -22.40 -11.34
C SER D 275 -5.87 -23.03 -10.00
N GLY D 276 -4.60 -23.34 -9.75
CA GLY D 276 -4.24 -24.01 -8.51
C GLY D 276 -4.41 -23.10 -7.30
N SER D 277 -4.36 -23.71 -6.12
CA SER D 277 -4.56 -22.97 -4.88
C SER D 277 -3.26 -22.61 -4.17
N GLY D 278 -2.19 -23.36 -4.38
CA GLY D 278 -0.94 -23.07 -3.72
C GLY D 278 0.09 -22.49 -4.67
N PRO D 279 1.26 -22.16 -4.14
CA PRO D 279 2.32 -21.59 -5.00
C PRO D 279 2.82 -22.61 -6.00
N LEU D 280 3.23 -22.11 -7.16
CA LEU D 280 3.83 -22.92 -8.21
C LEU D 280 5.07 -22.19 -8.71
N THR D 281 6.23 -22.80 -8.49
CA THR D 281 7.50 -22.20 -8.89
C THR D 281 7.93 -22.72 -10.26
N PHE D 282 8.76 -21.91 -10.93
CA PHE D 282 9.24 -22.18 -12.27
C PHE D 282 10.76 -22.07 -12.30
N PRO D 283 11.41 -22.78 -13.23
CA PRO D 283 12.87 -22.64 -13.34
C PRO D 283 13.28 -21.21 -13.67
N THR D 284 14.41 -20.79 -13.10
CA THR D 284 14.89 -19.43 -13.26
C THR D 284 15.96 -19.32 -14.35
N ASP D 285 16.25 -20.40 -15.07
CA ASP D 285 17.26 -20.38 -16.14
C ASP D 285 16.62 -20.42 -17.52
N GLY D 286 15.38 -19.96 -17.66
CA GLY D 286 14.74 -19.82 -18.94
C GLY D 286 14.86 -18.40 -19.48
N PHE D 287 14.17 -18.14 -20.58
CA PHE D 287 14.16 -16.81 -21.17
C PHE D 287 12.77 -16.52 -21.73
N PHE D 288 12.42 -15.23 -21.75
CA PHE D 288 11.17 -14.76 -22.30
C PHE D 288 11.38 -14.32 -23.74
N GLU D 289 10.40 -14.59 -24.59
CA GLU D 289 10.43 -14.11 -25.97
C GLU D 289 9.06 -13.56 -26.32
N VAL D 290 9.06 -12.46 -27.06
CA VAL D 290 7.81 -11.84 -27.49
C VAL D 290 7.30 -12.59 -28.71
N VAL D 291 6.02 -12.94 -28.69
CA VAL D 291 5.40 -13.66 -29.80
C VAL D 291 4.65 -12.67 -30.66
N SER D 292 3.71 -11.92 -30.06
CA SER D 292 2.88 -11.00 -30.81
C SER D 292 2.08 -10.13 -29.86
N TRP D 293 1.40 -9.14 -30.43
CA TRP D 293 0.39 -8.39 -29.71
C TRP D 293 -0.90 -9.18 -29.64
N VAL D 294 -1.62 -9.05 -28.53
CA VAL D 294 -2.91 -9.71 -28.35
C VAL D 294 -3.86 -8.78 -27.64
N PRO D 295 -5.16 -8.96 -27.86
CA PRO D 295 -6.14 -8.17 -27.12
C PRO D 295 -6.25 -8.66 -25.68
N ARG D 296 -6.90 -7.84 -24.85
CA ARG D 296 -7.03 -8.18 -23.43
C ARG D 296 -7.72 -9.52 -23.24
N LEU D 297 -8.71 -9.83 -24.08
CA LEU D 297 -9.51 -11.04 -23.91
C LEU D 297 -8.81 -12.29 -24.40
N PHE D 298 -7.56 -12.19 -24.88
CA PHE D 298 -6.82 -13.37 -25.31
C PHE D 298 -6.72 -14.37 -24.18
N GLN D 299 -7.20 -15.60 -24.43
CA GLN D 299 -7.25 -16.64 -23.41
C GLN D 299 -5.98 -17.47 -23.45
N LEU D 300 -5.25 -17.50 -22.34
CA LEU D 300 -4.00 -18.25 -22.28
C LEU D 300 -4.27 -19.72 -22.00
N ALA D 301 -3.34 -20.56 -22.43
CA ALA D 301 -3.37 -21.97 -22.04
C ALA D 301 -2.94 -22.08 -20.59
N SER D 302 -3.62 -22.94 -19.84
CA SER D 302 -3.35 -23.01 -18.41
C SER D 302 -2.01 -23.66 -18.15
N VAL D 303 -1.36 -23.22 -17.07
CA VAL D 303 -0.07 -23.76 -16.68
C VAL D 303 -0.22 -24.54 -15.36
N GLU E 1 -2.56 12.00 30.61
CA GLU E 1 -1.75 12.00 29.39
C GLU E 1 -2.54 12.54 28.20
N ASP E 2 -3.57 13.33 28.48
CA ASP E 2 -4.35 13.93 27.41
C ASP E 2 -3.52 14.96 26.66
N PRO E 3 -3.69 15.06 25.33
CA PRO E 3 -2.86 16.02 24.57
C PRO E 3 -3.20 17.47 24.86
N VAL E 4 -4.46 17.82 25.05
CA VAL E 4 -4.83 19.21 25.30
C VAL E 4 -5.99 19.23 26.28
N THR E 5 -5.91 20.12 27.26
CA THR E 5 -6.92 20.27 28.29
C THR E 5 -7.26 21.74 28.45
N GLY E 6 -8.47 21.99 28.95
CA GLY E 6 -8.91 23.33 29.25
C GLY E 6 -10.07 23.32 30.21
N PRO E 7 -10.74 24.46 30.35
CA PRO E 7 -11.93 24.52 31.20
C PRO E 7 -13.13 23.89 30.50
N GLU E 8 -13.89 23.11 31.26
CA GLU E 8 -15.10 22.52 30.70
C GLU E 8 -16.19 23.57 30.51
N GLU E 9 -16.27 24.53 31.43
CA GLU E 9 -17.30 25.55 31.40
C GLU E 9 -16.73 26.88 31.84
N VAL E 10 -16.95 27.93 31.03
CA VAL E 10 -16.59 29.29 31.39
C VAL E 10 -17.81 30.16 31.18
N SER E 11 -17.90 31.23 31.98
CA SER E 11 -19.02 32.16 31.91
C SER E 11 -18.48 33.57 31.86
N GLY E 12 -19.01 34.38 30.94
CA GLY E 12 -18.68 35.78 30.85
C GLY E 12 -19.92 36.63 30.91
N GLN E 13 -19.71 37.95 30.80
CA GLN E 13 -20.80 38.91 30.86
C GLN E 13 -20.69 39.87 29.68
N GLU E 14 -21.84 40.39 29.27
CA GLU E 14 -21.91 41.25 28.10
C GLU E 14 -20.95 42.43 28.22
N GLN E 15 -20.31 42.77 27.10
CA GLN E 15 -19.33 43.86 27.03
C GLN E 15 -18.10 43.59 27.89
N GLY E 16 -18.04 42.43 28.53
CA GLY E 16 -16.90 42.03 29.31
C GLY E 16 -15.93 41.19 28.52
N SER E 17 -15.05 40.50 29.24
CA SER E 17 -14.06 39.64 28.64
C SER E 17 -14.04 38.28 29.33
N LEU E 18 -13.50 37.29 28.63
CA LEU E 18 -13.17 36.03 29.25
C LEU E 18 -11.88 35.52 28.63
N THR E 19 -11.16 34.72 29.40
CA THR E 19 -9.89 34.17 28.98
C THR E 19 -9.94 32.66 29.20
N VAL E 20 -9.36 31.91 28.26
CA VAL E 20 -9.37 30.45 28.32
C VAL E 20 -7.94 29.96 28.15
N GLN E 21 -7.49 29.13 29.07
CA GLN E 21 -6.15 28.56 29.03
C GLN E 21 -6.24 27.10 28.59
N CYS E 22 -5.55 26.76 27.52
CA CYS E 22 -5.49 25.39 27.01
C CYS E 22 -4.08 24.86 27.21
N ARG E 23 -3.91 23.92 28.13
CA ARG E 23 -2.61 23.33 28.42
C ARG E 23 -2.43 22.07 27.57
N TYR E 24 -1.21 21.85 27.09
CA TYR E 24 -0.92 20.71 26.24
C TYR E 24 0.40 20.08 26.68
N THR E 25 0.62 18.86 26.21
CA THR E 25 1.85 18.14 26.53
C THR E 25 3.00 18.63 25.64
N SER E 26 4.22 18.46 26.14
CA SER E 26 5.40 19.06 25.53
C SER E 26 5.54 18.70 24.05
N GLY E 27 5.12 17.49 23.65
CA GLY E 27 5.33 17.02 22.30
C GLY E 27 4.68 17.88 21.23
N TRP E 28 3.64 18.64 21.58
CA TRP E 28 2.91 19.45 20.63
C TRP E 28 3.40 20.89 20.58
N LYS E 29 4.65 21.14 21.02
CA LYS E 29 5.16 22.50 21.08
C LYS E 29 5.12 23.20 19.73
N ASP E 30 5.67 22.54 18.70
CA ASP E 30 5.85 23.17 17.38
C ASP E 30 4.65 22.98 16.47
N TYR E 31 3.46 22.79 17.02
CA TYR E 31 2.24 22.68 16.24
C TYR E 31 1.43 23.96 16.36
N LYS E 32 0.61 24.21 15.34
CA LYS E 32 -0.28 25.37 15.37
C LYS E 32 -1.42 25.13 16.36
N LYS E 33 -1.74 26.16 17.12
CA LYS E 33 -2.83 26.12 18.11
C LYS E 33 -3.96 27.01 17.64
N TYR E 34 -5.19 26.61 17.95
CA TYR E 34 -6.34 27.34 17.43
C TYR E 34 -7.51 27.27 18.40
N TRP E 35 -8.48 28.13 18.14
CA TRP E 35 -9.71 28.25 18.90
C TRP E 35 -10.84 28.27 17.89
N CYS E 36 -11.73 27.27 17.96
CA CYS E 36 -12.79 27.15 16.97
C CYS E 36 -14.13 27.07 17.67
N GLN E 37 -15.20 27.15 16.87
CA GLN E 37 -16.53 27.47 17.40
C GLN E 37 -17.58 26.64 16.70
N GLY E 38 -18.47 26.04 17.50
CA GLY E 38 -19.66 25.39 16.97
C GLY E 38 -19.57 23.87 16.99
N VAL E 39 -20.69 23.25 16.67
CA VAL E 39 -20.81 21.80 16.50
C VAL E 39 -21.42 21.55 15.12
N PRO E 40 -21.14 20.41 14.46
CA PRO E 40 -20.30 19.28 14.87
C PRO E 40 -18.85 19.65 15.17
N GLN E 41 -18.24 18.87 16.08
CA GLN E 41 -16.89 19.14 16.55
C GLN E 41 -15.92 19.37 15.39
N ARG E 42 -15.79 18.38 14.51
CA ARG E 42 -14.74 18.36 13.52
C ARG E 42 -15.13 19.06 12.21
N SER E 43 -16.17 19.88 12.24
CA SER E 43 -16.47 20.81 11.15
C SER E 43 -16.61 22.24 11.67
N CYS E 44 -16.01 22.52 12.83
CA CYS E 44 -16.13 23.82 13.50
C CYS E 44 -15.42 24.92 12.72
N LYS E 45 -15.80 26.16 13.03
CA LYS E 45 -15.29 27.35 12.36
C LYS E 45 -14.10 27.89 13.15
N THR E 46 -12.91 27.81 12.56
CA THR E 46 -11.70 28.33 13.20
C THR E 46 -11.74 29.85 13.29
N LEU E 47 -11.67 30.38 14.51
CA LEU E 47 -11.71 31.82 14.72
C LEU E 47 -10.32 32.45 14.71
N VAL E 48 -9.31 31.74 15.20
CA VAL E 48 -7.96 32.28 15.29
C VAL E 48 -7.00 31.11 15.44
N GLU E 49 -5.83 31.23 14.83
CA GLU E 49 -4.86 30.16 14.83
C GLU E 49 -3.45 30.74 14.88
N THR E 50 -2.55 30.05 15.56
CA THR E 50 -1.16 30.44 15.59
C THR E 50 -0.42 29.87 14.38
N ASP E 51 0.83 30.31 14.22
CA ASP E 51 1.73 29.80 13.18
C ASP E 51 2.77 28.86 13.76
N ALA E 52 2.45 28.19 14.87
CA ALA E 52 3.35 27.33 15.65
C ALA E 52 4.46 28.12 16.33
N SER E 53 4.39 29.45 16.36
CA SER E 53 5.31 30.31 17.09
C SER E 53 4.60 30.88 18.32
N GLU E 54 5.30 31.74 19.04
CA GLU E 54 4.76 32.40 20.23
C GLU E 54 4.18 33.77 19.92
N GLN E 55 4.07 34.13 18.65
CA GLN E 55 3.50 35.42 18.29
C GLN E 55 2.01 35.46 18.63
N LEU E 56 1.58 36.60 19.16
CA LEU E 56 0.16 36.81 19.44
C LEU E 56 -0.61 37.01 18.14
N VAL E 57 -1.73 36.32 18.00
CA VAL E 57 -2.61 36.43 16.84
C VAL E 57 -3.96 36.92 17.31
N LYS E 58 -4.50 37.92 16.61
CA LYS E 58 -5.80 38.48 16.93
C LYS E 58 -6.63 38.63 15.66
N LYS E 59 -7.84 38.11 15.68
CA LYS E 59 -8.80 38.26 14.59
C LYS E 59 -10.12 38.71 15.21
N ASN E 60 -10.56 39.92 14.86
CA ASN E 60 -11.78 40.54 15.41
C ASN E 60 -11.64 40.61 16.92
N ARG E 61 -12.48 39.93 17.71
CA ARG E 61 -12.45 40.05 19.15
C ARG E 61 -11.76 38.88 19.85
N VAL E 62 -11.15 37.97 19.10
CA VAL E 62 -10.53 36.78 19.66
C VAL E 62 -9.03 36.88 19.51
N SER E 63 -8.29 36.55 20.58
CA SER E 63 -6.83 36.57 20.57
C SER E 63 -6.30 35.20 21.00
N ILE E 64 -5.08 34.92 20.58
CA ILE E 64 -4.42 33.64 20.88
C ILE E 64 -2.94 33.91 21.05
N ARG E 65 -2.36 33.34 22.11
CA ARG E 65 -0.93 33.41 22.34
C ARG E 65 -0.44 32.08 22.91
N ASP E 66 0.56 31.50 22.26
CA ASP E 66 1.12 30.21 22.67
C ASP E 66 2.34 30.44 23.56
N ASN E 67 2.29 29.91 24.78
CA ASN E 67 3.44 29.90 25.69
C ASN E 67 4.09 28.54 25.53
N GLN E 68 5.20 28.49 24.80
CA GLN E 68 5.90 27.25 24.52
C GLN E 68 6.94 26.91 25.57
N ARG E 69 6.89 27.57 26.74
CA ARG E 69 7.68 27.17 27.89
C ARG E 69 6.84 26.45 28.94
N ASP E 70 5.67 26.98 29.27
CA ASP E 70 4.73 26.33 30.17
C ASP E 70 3.74 25.44 29.43
N PHE E 71 3.79 25.42 28.10
CA PHE E 71 2.92 24.60 27.27
C PHE E 71 1.45 24.90 27.55
N ILE E 72 1.11 26.17 27.41
CA ILE E 72 -0.25 26.68 27.54
C ILE E 72 -0.45 27.75 26.47
N PHE E 73 -1.49 27.62 25.66
CA PHE E 73 -1.88 28.72 24.78
C PHE E 73 -3.19 29.31 25.29
N THR E 74 -3.20 30.64 25.41
CA THR E 74 -4.28 31.38 26.07
C THR E 74 -5.14 32.07 25.02
N VAL E 75 -6.44 31.83 25.10
CA VAL E 75 -7.43 32.44 24.21
C VAL E 75 -8.14 33.53 24.99
N THR E 76 -8.31 34.69 24.36
CA THR E 76 -9.01 35.81 24.97
C THR E 76 -10.16 36.22 24.06
N MET E 77 -11.34 36.36 24.63
CA MET E 77 -12.53 36.82 23.91
C MET E 77 -13.00 38.11 24.54
N GLU E 78 -12.95 39.19 23.77
CA GLU E 78 -13.23 40.53 24.27
C GLU E 78 -14.62 41.00 23.84
N ASP E 79 -15.13 41.99 24.58
CA ASP E 79 -16.37 42.70 24.24
C ASP E 79 -17.50 41.71 23.92
N LEU E 80 -17.76 40.85 24.90
CA LEU E 80 -18.65 39.71 24.68
C LEU E 80 -20.07 40.14 24.38
N ARG E 81 -20.78 39.29 23.64
CA ARG E 81 -22.19 39.45 23.38
C ARG E 81 -22.89 38.15 23.78
N MET E 82 -24.21 38.22 23.93
CA MET E 82 -24.96 37.01 24.27
C MET E 82 -24.81 35.96 23.17
N SER E 83 -24.76 36.40 21.91
CA SER E 83 -24.60 35.48 20.79
C SER E 83 -23.25 34.79 20.78
N ASP E 84 -22.30 35.22 21.61
CA ASP E 84 -21.02 34.52 21.70
C ASP E 84 -21.14 33.19 22.41
N ALA E 85 -22.24 32.95 23.12
CA ALA E 85 -22.41 31.72 23.87
C ALA E 85 -22.50 30.52 22.94
N GLY E 86 -21.92 29.41 23.37
CA GLY E 86 -21.99 28.19 22.59
C GLY E 86 -20.83 27.26 22.92
N ILE E 87 -20.64 26.29 22.03
CA ILE E 87 -19.59 25.30 22.17
C ILE E 87 -18.35 25.79 21.43
N TYR E 88 -17.21 25.75 22.10
CA TYR E 88 -15.93 26.10 21.51
C TYR E 88 -14.96 24.94 21.74
N TRP E 89 -13.78 25.04 21.13
CA TRP E 89 -12.77 23.99 21.23
C TRP E 89 -11.37 24.57 21.25
N CYS E 90 -10.55 24.14 22.22
CA CYS E 90 -9.11 24.28 22.12
C CYS E 90 -8.62 23.27 21.08
N GLY E 91 -7.76 23.72 20.17
CA GLY E 91 -7.37 22.86 19.06
C GLY E 91 -5.89 22.91 18.80
N ILE E 92 -5.38 21.78 18.31
CA ILE E 92 -4.01 21.65 17.84
C ILE E 92 -4.08 21.06 16.44
N THR E 93 -3.57 21.79 15.45
CA THR E 93 -3.72 21.36 14.07
C THR E 93 -2.76 20.19 13.78
N LYS E 94 -3.30 19.13 13.21
CA LYS E 94 -2.54 17.95 12.87
C LYS E 94 -3.11 17.36 11.58
N GLY E 95 -2.41 16.38 11.04
CA GLY E 95 -2.95 15.61 9.92
C GLY E 95 -3.96 14.62 10.46
N GLY E 96 -5.15 14.61 9.89
CA GLY E 96 -6.18 13.73 10.39
C GLY E 96 -6.90 14.32 11.58
N LEU E 97 -7.14 13.51 12.61
CA LEU E 97 -7.94 13.97 13.74
C LEU E 97 -7.11 14.89 14.64
N ASP E 98 -7.65 16.10 14.88
CA ASP E 98 -6.97 17.07 15.72
C ASP E 98 -7.22 16.76 17.20
N PRO E 99 -6.22 16.97 18.05
CA PRO E 99 -6.50 17.06 19.48
C PRO E 99 -7.39 18.27 19.76
N MET E 100 -8.53 18.02 20.42
CA MET E 100 -9.51 19.06 20.66
C MET E 100 -10.15 18.85 22.02
N PHE E 101 -10.38 19.96 22.74
CA PHE E 101 -11.03 19.93 24.04
C PHE E 101 -12.26 20.82 24.03
N LYS E 102 -13.39 20.26 24.47
CA LYS E 102 -14.65 20.99 24.43
C LYS E 102 -14.72 22.01 25.55
N VAL E 103 -15.03 23.25 25.20
CA VAL E 103 -15.20 24.34 26.15
C VAL E 103 -16.57 24.95 25.91
N THR E 104 -17.44 24.88 26.92
CA THR E 104 -18.76 25.49 26.84
C THR E 104 -18.70 26.89 27.42
N VAL E 105 -19.16 27.88 26.64
CA VAL E 105 -19.09 29.28 27.01
C VAL E 105 -20.49 29.81 27.23
N ASN E 106 -20.77 30.26 28.45
CA ASN E 106 -22.03 30.93 28.78
C ASN E 106 -21.79 32.42 28.87
N ILE E 107 -22.73 33.20 28.37
CA ILE E 107 -22.68 34.66 28.44
C ILE E 107 -24.00 35.15 29.01
N GLY E 108 -23.93 36.00 30.02
CA GLY E 108 -25.11 36.58 30.61
C GLY E 108 -24.96 38.08 30.74
N PRO E 109 -26.03 38.75 31.15
CA PRO E 109 -25.96 40.20 31.38
C PRO E 109 -25.32 40.52 32.72
N VAL E 110 -24.85 41.76 32.82
CA VAL E 110 -24.32 42.27 34.08
C VAL E 110 -25.49 42.63 35.00
N PRO E 111 -25.52 42.15 36.25
CA PRO E 111 -26.59 42.45 37.20
C PRO E 111 -26.78 43.95 37.46
N GLU F 1 46.03 -13.83 27.09
CA GLU F 1 46.31 -14.99 26.26
C GLU F 1 46.37 -14.62 24.79
N ASP F 2 46.69 -13.35 24.52
CA ASP F 2 46.84 -12.90 23.15
C ASP F 2 48.04 -13.62 22.51
N PRO F 3 47.96 -13.95 21.22
CA PRO F 3 49.08 -14.68 20.61
C PRO F 3 50.36 -13.86 20.54
N VAL F 4 50.28 -12.56 20.27
CA VAL F 4 51.48 -11.73 20.18
C VAL F 4 51.16 -10.34 20.69
N THR F 5 52.06 -9.79 21.52
CA THR F 5 51.87 -8.47 22.13
C THR F 5 53.16 -7.68 22.01
N GLY F 6 53.03 -6.36 22.11
CA GLY F 6 54.18 -5.48 22.13
C GLY F 6 53.82 -4.12 22.71
N PRO F 7 54.72 -3.16 22.53
CA PRO F 7 54.42 -1.79 22.95
C PRO F 7 53.46 -1.12 21.99
N GLU F 8 52.48 -0.41 22.55
CA GLU F 8 51.51 0.31 21.73
C GLU F 8 52.14 1.53 21.06
N GLU F 9 53.06 2.20 21.75
CA GLU F 9 53.65 3.43 21.26
C GLU F 9 55.13 3.44 21.58
N VAL F 10 55.95 3.67 20.56
CA VAL F 10 57.39 3.86 20.72
C VAL F 10 57.79 5.12 19.97
N SER F 11 58.83 5.78 20.46
CA SER F 11 59.33 7.02 19.87
C SER F 11 60.84 6.93 19.70
N GLY F 12 61.32 7.34 18.52
CA GLY F 12 62.73 7.45 18.24
C GLY F 12 63.07 8.85 17.75
N GLN F 13 64.35 9.04 17.45
CA GLN F 13 64.84 10.32 16.97
C GLN F 13 65.71 10.12 15.72
N GLU F 14 65.75 11.16 14.89
CA GLU F 14 66.47 11.10 13.61
C GLU F 14 67.90 10.67 13.80
N GLN F 15 68.37 9.79 12.90
CA GLN F 15 69.70 9.18 12.91
C GLN F 15 69.95 8.30 14.13
N GLY F 16 68.95 8.15 14.99
CA GLY F 16 69.08 7.28 16.15
C GLY F 16 68.54 5.89 15.86
N SER F 17 68.30 5.15 16.93
CA SER F 17 67.77 3.79 16.85
C SER F 17 66.61 3.64 17.82
N LEU F 18 65.77 2.64 17.57
CA LEU F 18 64.78 2.20 18.54
C LEU F 18 64.67 0.68 18.44
N THR F 19 64.21 0.08 19.53
CA THR F 19 64.09 -1.37 19.63
C THR F 19 62.67 -1.71 20.05
N VAL F 20 62.14 -2.79 19.48
CA VAL F 20 60.77 -3.22 19.75
C VAL F 20 60.77 -4.70 20.11
N GLN F 21 60.17 -5.02 21.25
CA GLN F 21 60.07 -6.40 21.73
C GLN F 21 58.65 -6.89 21.47
N CYS F 22 58.54 -7.99 20.75
CA CYS F 22 57.25 -8.62 20.44
C CYS F 22 57.17 -9.95 21.18
N ARG F 23 56.30 -10.02 22.17
CA ARG F 23 56.13 -11.23 22.98
C ARG F 23 55.02 -12.12 22.45
N TYR F 24 55.25 -13.43 22.46
CA TYR F 24 54.26 -14.37 21.96
C TYR F 24 54.16 -15.56 22.91
N THR F 25 53.06 -16.31 22.77
CA THR F 25 52.88 -17.49 23.60
C THR F 25 53.67 -18.67 23.04
N SER F 26 53.97 -19.63 23.91
CA SER F 26 54.91 -20.70 23.59
C SER F 26 54.55 -21.45 22.31
N GLY F 27 53.26 -21.57 22.00
CA GLY F 27 52.85 -22.37 20.86
C GLY F 27 53.41 -21.89 19.53
N TRP F 28 53.73 -20.60 19.42
CA TRP F 28 54.21 -20.03 18.17
C TRP F 28 55.73 -20.03 18.06
N LYS F 29 56.42 -20.87 18.86
CA LYS F 29 57.88 -20.89 18.86
C LYS F 29 58.44 -21.18 17.48
N ASP F 30 57.98 -22.26 16.84
CA ASP F 30 58.55 -22.72 15.59
C ASP F 30 57.91 -22.08 14.37
N TYR F 31 57.34 -20.89 14.51
CA TYR F 31 56.78 -20.15 13.40
C TYR F 31 57.69 -18.99 13.04
N LYS F 32 57.62 -18.56 11.78
CA LYS F 32 58.40 -17.41 11.34
C LYS F 32 57.83 -16.14 11.94
N LYS F 33 58.73 -15.25 12.38
CA LYS F 33 58.34 -13.97 12.96
C LYS F 33 58.75 -12.86 12.01
N TYR F 34 57.97 -11.79 11.98
CA TYR F 34 58.21 -10.73 11.01
C TYR F 34 57.78 -9.38 11.57
N TRP F 35 58.23 -8.34 10.88
CA TRP F 35 57.95 -6.95 11.21
C TRP F 35 57.51 -6.26 9.94
N CYS F 36 56.28 -5.77 9.93
CA CYS F 36 55.69 -5.21 8.73
C CYS F 36 55.17 -3.79 9.01
N GLN F 37 54.80 -3.10 7.95
CA GLN F 37 54.63 -1.65 7.98
C GLN F 37 53.41 -1.24 7.17
N GLY F 38 52.60 -0.37 7.74
CA GLY F 38 51.53 0.31 7.03
C GLY F 38 50.16 -0.24 7.39
N VAL F 39 49.14 0.48 6.91
CA VAL F 39 47.74 0.08 6.99
C VAL F 39 47.19 0.11 5.57
N PRO F 40 46.17 -0.70 5.23
CA PRO F 40 45.45 -1.68 6.06
C PRO F 40 46.36 -2.75 6.67
N GLN F 41 45.92 -3.26 7.82
CA GLN F 41 46.70 -4.23 8.59
C GLN F 41 47.20 -5.39 7.73
N ARG F 42 46.27 -6.10 7.10
CA ARG F 42 46.59 -7.37 6.46
C ARG F 42 47.04 -7.21 5.01
N SER F 43 47.41 -5.99 4.61
CA SER F 43 48.11 -5.76 3.36
C SER F 43 49.42 -5.02 3.61
N CYS F 44 49.95 -5.08 4.82
CA CYS F 44 51.17 -4.36 5.17
C CYS F 44 52.38 -4.98 4.48
N LYS F 45 53.44 -4.18 4.38
CA LYS F 45 54.66 -4.58 3.70
C LYS F 45 55.61 -5.18 4.72
N THR F 46 55.90 -6.48 4.56
CA THR F 46 56.87 -7.15 5.43
C THR F 46 58.26 -6.59 5.17
N LEU F 47 58.90 -6.06 6.21
CA LEU F 47 60.24 -5.49 6.06
C LEU F 47 61.32 -6.53 6.31
N VAL F 48 61.10 -7.46 7.22
CA VAL F 48 62.09 -8.47 7.56
C VAL F 48 61.36 -9.62 8.26
N GLU F 49 61.82 -10.83 8.00
CA GLU F 49 61.17 -12.03 8.53
C GLU F 49 62.24 -13.05 8.86
N THR F 50 62.01 -13.82 9.91
CA THR F 50 62.93 -14.88 10.28
C THR F 50 62.62 -16.13 9.47
N ASP F 51 63.50 -17.13 9.62
CA ASP F 51 63.33 -18.45 9.04
C ASP F 51 62.85 -19.46 10.06
N ALA F 52 62.13 -19.00 11.09
CA ALA F 52 61.67 -19.76 12.25
C ALA F 52 62.80 -20.23 13.15
N SER F 53 64.03 -19.74 12.94
CA SER F 53 65.15 -20.04 13.82
C SER F 53 65.50 -18.83 14.67
N GLU F 54 66.57 -18.96 15.44
CA GLU F 54 67.03 -17.90 16.33
C GLU F 54 68.10 -17.03 15.68
N GLN F 55 68.32 -17.20 14.38
CA GLN F 55 69.30 -16.41 13.65
C GLN F 55 68.86 -14.96 13.59
N LEU F 56 69.81 -14.04 13.77
CA LEU F 56 69.50 -12.65 13.53
C LEU F 56 69.42 -12.41 12.02
N VAL F 57 68.38 -11.71 11.59
CA VAL F 57 68.21 -11.36 10.18
C VAL F 57 68.18 -9.84 10.10
N LYS F 58 68.89 -9.28 9.12
CA LYS F 58 68.90 -7.85 8.91
C LYS F 58 68.65 -7.56 7.44
N LYS F 59 67.66 -6.70 7.18
CA LYS F 59 67.31 -6.26 5.84
C LYS F 59 67.20 -4.74 5.88
N ASN F 60 68.04 -4.07 5.09
CA ASN F 60 68.11 -2.61 5.07
C ASN F 60 68.41 -2.12 6.48
N ARG F 61 67.55 -1.35 7.12
CA ARG F 61 67.82 -0.81 8.45
C ARG F 61 67.06 -1.54 9.55
N VAL F 62 66.38 -2.64 9.23
CA VAL F 62 65.56 -3.37 10.19
C VAL F 62 66.22 -4.72 10.48
N SER F 63 66.28 -5.07 11.76
CA SER F 63 66.83 -6.34 12.21
C SER F 63 65.81 -7.07 13.06
N ILE F 64 65.92 -8.39 13.10
CA ILE F 64 64.99 -9.21 13.85
C ILE F 64 65.75 -10.43 14.37
N ARG F 65 65.52 -10.76 15.64
CA ARG F 65 66.08 -11.97 16.24
C ARG F 65 65.03 -12.59 17.15
N ASP F 66 64.77 -13.88 16.95
CA ASP F 66 63.76 -14.60 17.72
C ASP F 66 64.44 -15.31 18.90
N ASN F 67 63.98 -14.99 20.11
CA ASN F 67 64.41 -15.68 21.33
C ASN F 67 63.35 -16.72 21.63
N GLN F 68 63.64 -17.98 21.31
CA GLN F 68 62.68 -19.07 21.48
C GLN F 68 62.76 -19.73 22.85
N ARG F 69 63.44 -19.10 23.82
CA ARG F 69 63.39 -19.52 25.22
C ARG F 69 62.46 -18.63 26.03
N ASP F 70 62.60 -17.30 25.89
CA ASP F 70 61.71 -16.35 26.53
C ASP F 70 60.51 -15.98 25.67
N PHE F 71 60.44 -16.48 24.43
CA PHE F 71 59.32 -16.24 23.51
C PHE F 71 59.13 -14.74 23.27
N ILE F 72 60.21 -14.11 22.83
CA ILE F 72 60.23 -12.70 22.45
C ILE F 72 61.11 -12.59 21.21
N PHE F 73 60.59 -11.98 20.15
CA PHE F 73 61.44 -11.62 19.03
C PHE F 73 61.60 -10.11 18.99
N THR F 74 62.84 -9.66 18.85
CA THR F 74 63.22 -8.26 19.01
C THR F 74 63.49 -7.64 17.65
N VAL F 75 62.84 -6.51 17.37
CA VAL F 75 63.02 -5.76 16.13
C VAL F 75 63.85 -4.52 16.46
N THR F 76 64.83 -4.21 15.61
CA THR F 76 65.65 -3.02 15.75
C THR F 76 65.60 -2.22 14.46
N MET F 77 65.35 -0.92 14.57
CA MET F 77 65.31 0.00 13.43
C MET F 77 66.41 1.04 13.62
N GLU F 78 67.36 1.08 12.69
CA GLU F 78 68.51 1.96 12.79
C GLU F 78 68.37 3.18 11.88
N ASP F 79 69.14 4.22 12.20
CA ASP F 79 69.29 5.41 11.37
C ASP F 79 67.93 5.98 10.95
N LEU F 80 67.11 6.29 11.97
CA LEU F 80 65.72 6.62 11.73
C LEU F 80 65.57 7.93 10.96
N ARG F 81 64.47 8.03 10.20
CA ARG F 81 64.08 9.24 9.49
C ARG F 81 62.64 9.58 9.84
N MET F 82 62.24 10.81 9.53
CA MET F 82 60.86 11.22 9.77
C MET F 82 59.89 10.33 8.99
N SER F 83 60.27 9.92 7.79
CA SER F 83 59.44 9.04 6.98
C SER F 83 59.28 7.64 7.57
N ASP F 84 60.08 7.29 8.57
CA ASP F 84 59.92 6.00 9.23
C ASP F 84 58.70 5.97 10.15
N ALA F 85 58.13 7.14 10.49
CA ALA F 85 56.99 7.18 11.39
C ALA F 85 55.77 6.56 10.74
N GLY F 86 54.98 5.83 11.52
CA GLY F 86 53.77 5.24 11.04
C GLY F 86 53.37 4.04 11.89
N ILE F 87 52.44 3.26 11.35
CA ILE F 87 51.92 2.08 12.02
C ILE F 87 52.71 0.86 11.57
N TYR F 88 53.15 0.05 12.53
CA TYR F 88 53.83 -1.20 12.25
C TYR F 88 53.11 -2.32 12.99
N TRP F 89 53.55 -3.56 12.75
CA TRP F 89 52.92 -4.72 13.35
C TRP F 89 53.96 -5.78 13.67
N CYS F 90 53.91 -6.31 14.89
CA CYS F 90 54.53 -7.60 15.19
C CYS F 90 53.70 -8.68 14.52
N GLY F 91 54.35 -9.61 13.83
CA GLY F 91 53.64 -10.60 13.04
C GLY F 91 54.20 -11.99 13.22
N ILE F 92 53.31 -12.97 13.11
CA ILE F 92 53.66 -14.39 13.09
C ILE F 92 52.99 -15.01 11.88
N THR F 93 53.80 -15.57 10.98
CA THR F 93 53.27 -16.09 9.72
C THR F 93 52.61 -17.46 9.92
N LYS F 94 51.38 -17.59 9.44
CA LYS F 94 50.66 -18.85 9.44
C LYS F 94 49.78 -18.86 8.20
N GLY F 95 49.10 -19.99 7.97
CA GLY F 95 48.13 -20.05 6.90
C GLY F 95 46.88 -19.28 7.28
N GLY F 96 46.45 -18.37 6.41
CA GLY F 96 45.30 -17.54 6.70
C GLY F 96 45.65 -16.31 7.51
N LEU F 97 44.84 -16.00 8.52
CA LEU F 97 45.03 -14.78 9.30
C LEU F 97 46.19 -14.94 10.26
N ASP F 98 47.15 -14.00 10.21
CA ASP F 98 48.33 -13.99 11.06
C ASP F 98 48.02 -13.39 12.42
N PRO F 99 48.61 -13.91 13.49
CA PRO F 99 48.65 -13.15 14.74
C PRO F 99 49.46 -11.88 14.54
N MET F 100 48.84 -10.74 14.84
CA MET F 100 49.49 -9.46 14.63
CA MET F 100 49.48 -9.44 14.61
C MET F 100 49.12 -8.50 15.75
N PHE F 101 50.05 -7.59 16.06
CA PHE F 101 49.87 -6.60 17.10
C PHE F 101 50.37 -5.24 16.59
N LYS F 102 49.53 -4.21 16.76
CA LYS F 102 49.82 -2.89 16.22
C LYS F 102 50.86 -2.15 17.07
N VAL F 103 51.87 -1.60 16.41
CA VAL F 103 52.91 -0.80 17.06
C VAL F 103 52.98 0.54 16.33
N THR F 104 52.73 1.63 17.05
CA THR F 104 52.83 2.97 16.49
C THR F 104 54.22 3.54 16.76
N VAL F 105 54.90 3.98 15.70
CA VAL F 105 56.26 4.49 15.80
C VAL F 105 56.26 5.98 15.49
N ASN F 106 56.67 6.80 16.45
CA ASN F 106 56.84 8.22 16.25
C ASN F 106 58.32 8.54 16.13
N ILE F 107 58.65 9.43 15.20
CA ILE F 107 60.02 9.87 14.97
C ILE F 107 60.06 11.39 15.00
N GLY F 108 61.01 11.94 15.74
CA GLY F 108 61.23 13.38 15.77
C GLY F 108 62.69 13.72 15.62
N PRO F 109 62.99 15.02 15.49
CA PRO F 109 64.39 15.45 15.42
C PRO F 109 65.02 15.51 16.81
N VAL F 110 66.34 15.57 16.81
CA VAL F 110 67.06 15.75 18.08
C VAL F 110 66.92 17.20 18.51
N PRO F 111 66.51 17.48 19.76
CA PRO F 111 66.33 18.84 20.31
C PRO F 111 67.57 19.72 20.20
C1 CHO G . -44.54 3.76 10.75
C2 CHO G . -45.67 4.30 11.64
C3 CHO G . -46.86 4.71 10.79
O3 CHO G . -47.90 5.20 11.64
C4 CHO G . -46.46 5.76 9.79
C5 CHO G . -45.29 5.34 8.90
C6 CHO G . -44.89 6.46 7.93
C7 CHO G . -44.01 7.56 8.52
O7 CHO G . -44.79 8.41 9.37
C8 CHO G . -42.82 6.97 9.31
C9 CHO G . -43.29 5.95 10.35
C10 CHO G . -44.06 4.76 9.69
C11 CHO G . -42.13 5.45 11.22
C12 CHO G . -41.23 6.56 11.76
C13 CHO G . -40.72 7.50 10.65
C14 CHO G . -41.94 8.05 9.95
C15 CHO G . -41.37 9.17 9.07
C16 CHO G . -40.20 9.74 9.90
C17 CHO G . -40.09 8.82 11.13
C18 CHO G . -39.79 6.75 9.66
C19 CHO G . -43.14 3.99 8.72
C20 CHO G . -38.69 8.78 11.80
C21 CHO G . -38.64 9.59 13.08
C22 CHO G . -37.58 9.25 10.82
C23 CHO G . -36.19 8.75 11.16
C24 CHO G . -36.03 7.25 10.93
O24 CHO G . -36.15 6.44 11.85
N25 CHO G . -35.77 6.91 9.67
C26 CHO G . -35.58 5.53 9.25
C27 CHO G . -34.22 5.35 8.59
OT1 CHO G . -34.00 4.29 7.97
OT2 CHO G . -33.37 6.26 8.71
C1 EDO H . -32.77 17.69 1.80
O1 EDO H . -32.45 17.00 0.59
C2 EDO H . -34.28 17.88 1.90
O2 EDO H . -34.73 18.77 0.87
C1 EDO I . -27.24 20.19 -3.18
O1 EDO I . -26.49 21.05 -4.04
C2 EDO I . -26.37 19.01 -2.73
O2 EDO I . -25.08 19.09 -3.34
C1 EDO J . -12.02 -6.64 12.64
O1 EDO J . -12.12 -6.01 13.92
C2 EDO J . -12.78 -5.83 11.59
O2 EDO J . -12.94 -4.48 12.05
C1 EDO K . -22.83 -1.60 -8.72
O1 EDO K . -23.17 -0.22 -8.83
C2 EDO K . -23.16 -2.11 -7.31
O2 EDO K . -24.58 -2.07 -7.11
NA NA L . -6.56 17.77 11.26
C1 CHO M . -14.47 -5.15 1.94
C2 CHO M . -13.03 -5.67 2.03
C3 CHO M . -12.71 -6.48 0.79
O3 CHO M . -11.36 -6.97 0.87
C4 CHO M . -13.67 -7.64 0.70
C5 CHO M . -15.13 -7.19 0.62
C6 CHO M . -16.07 -8.38 0.46
C7 CHO M . -16.34 -9.17 1.73
O7 CHO M . -15.22 -10.00 2.05
C8 CHO M . -16.69 -8.27 2.93
C9 CHO M . -15.72 -7.09 3.10
C10 CHO M . -15.55 -6.24 1.79
C11 CHO M . -16.13 -6.23 4.32
C12 CHO M . -16.32 -7.04 5.60
C13 CHO M . -17.28 -8.24 5.41
C14 CHO M . -16.74 -9.05 4.25
C15 CHO M . -17.54 -10.37 4.31
C16 CHO M . -17.80 -10.58 5.81
C17 CHO M . -17.29 -9.32 6.53
C18 CHO M . -18.70 -7.71 5.12
C19 CHO M . -16.87 -5.52 1.44
C20 CHO M . -17.96 -9.06 7.90
C21 CHO M . -17.09 -9.55 9.06
C22 CHO M . -19.37 -9.68 8.02
C23 CHO M . -20.34 -8.89 8.88
C24 CHO M . -20.82 -7.58 8.26
O24 CHO M . -20.28 -6.50 8.53
N25 CHO M . -21.84 -7.64 7.41
C26 CHO M . -22.37 -6.46 6.76
C27 CHO M . -23.83 -6.24 7.09
OT1 CHO M . -24.48 -5.41 6.41
OT2 CHO M . -24.35 -6.90 8.02
NA NA N . -21.38 -17.31 15.21
C1 EDO O . -28.10 -19.58 6.62
O1 EDO O . -29.15 -19.60 5.64
C2 EDO O . -27.04 -20.62 6.27
O2 EDO O . -27.43 -21.35 5.10
C1 EDO P . -35.02 -22.29 7.10
O1 EDO P . -36.32 -21.93 7.59
C2 EDO P . -34.89 -23.80 7.05
O2 EDO P . -36.20 -24.38 6.96
C1 EDO Q . -40.45 6.85 19.07
O1 EDO Q . -39.27 6.11 19.42
C2 EDO Q . -40.11 8.34 19.04
O2 EDO Q . -39.72 8.75 20.36
C1 EDO R . -42.68 -2.76 -0.18
O1 EDO R . -41.52 -3.15 -0.93
C2 EDO R . -43.93 -3.45 -0.72
O2 EDO R . -43.70 -4.85 -0.82
C1 CHO S . 22.77 13.86 -2.72
C2 CHO S . 23.02 15.34 -2.38
C3 CHO S . 23.04 16.17 -3.65
O3 CHO S . 23.27 17.54 -3.31
C4 CHO S . 24.11 15.67 -4.58
C5 CHO S . 23.98 14.18 -4.92
C6 CHO S . 25.09 13.76 -5.88
C7 CHO S . 26.44 13.50 -5.22
O7 CHO S . 27.11 14.72 -4.91
C8 CHO S . 26.31 12.63 -3.96
C9 CHO S . 25.22 13.13 -2.99
C10 CHO S . 23.82 13.25 -3.68
C11 CHO S . 25.19 12.29 -1.71
C12 CHO S . 26.56 12.10 -1.05
C13 CHO S . 27.61 11.56 -2.03
C14 CHO S . 27.64 12.51 -3.21
C15 CHO S . 28.89 12.12 -4.01
C16 CHO S . 29.87 11.64 -2.93
C17 CHO S . 29.10 11.66 -1.60
C18 CHO S . 27.22 10.13 -2.47
C19 CHO S . 23.32 11.86 -4.10
C20 CHO S . 29.67 10.69 -0.53
C21 CHO S . 30.49 11.40 0.53
C22 CHO S . 30.50 9.56 -1.16
C23 CHO S . 30.37 8.22 -0.45
C24 CHO S . 29.01 7.57 -0.64
O24 CHO S . 28.12 7.70 0.20
N25 CHO S . 28.86 6.84 -1.73
C26 CHO S . 27.62 6.15 -2.05
C27 CHO S . 27.86 4.67 -2.21
OT1 CHO S . 26.95 3.97 -2.71
OT2 CHO S . 28.96 4.20 -1.84
C1 EDO T . 44.69 -0.46 -13.12
O1 EDO T . 45.37 -1.27 -14.09
C2 EDO T . 43.39 -1.13 -12.74
O2 EDO T . 43.66 -2.46 -12.31
C1 EDO U . 40.35 6.16 -9.44
O1 EDO U . 40.09 6.70 -10.74
C2 EDO U . 39.94 4.70 -9.39
O2 EDO U . 39.37 4.27 -10.63
C1 EDO V . 24.29 -18.57 8.14
O1 EDO V . 23.65 -17.62 8.98
C2 EDO V . 25.39 -17.90 7.33
O2 EDO V . 25.81 -16.67 7.95
NA NA W . 49.01 -15.66 6.89
C1 CHO X . 24.61 -18.81 -2.44
C2 CHO X . 24.63 -20.21 -1.84
C3 CHO X . 24.06 -21.21 -2.81
O3 CHO X . 24.08 -22.51 -2.21
C4 CHO X . 22.64 -20.83 -3.17
C5 CHO X . 22.52 -19.41 -3.73
C6 CHO X . 21.06 -19.06 -4.08
C7 CHO X . 20.18 -18.63 -2.91
O7 CHO X . 19.75 -19.79 -2.19
C8 CHO X . 20.89 -17.64 -1.97
C9 CHO X . 22.32 -18.06 -1.60
C10 CHO X . 23.20 -18.32 -2.85
C11 CHO X . 22.96 -17.09 -0.60
C12 CHO X . 22.10 -16.82 0.62
C13 CHO X . 20.67 -16.36 0.25
C14 CHO X . 20.09 -17.42 -0.67
C15 CHO X . 18.59 -17.07 -0.75
C16 CHO X . 18.27 -16.48 0.64
C17 CHO X . 19.61 -16.39 1.39
C18 CHO X . 20.73 -14.98 -0.45
C19 CHO X . 23.36 -17.01 -3.65
C20 CHO X . 19.66 -15.32 2.50
C21 CHO X . 19.53 -15.91 3.90
C22 CHO X . 18.61 -14.20 2.29
C23 CHO X . 19.00 -12.85 2.87
C24 CHO X . 20.14 -12.16 2.12
O24 CHO X . 21.30 -12.26 2.50
N25 CHO X . 19.79 -11.46 1.05
C26 CHO X . 20.75 -10.74 0.23
C27 CHO X . 20.41 -9.26 0.13
OT1 CHO X . 21.01 -8.57 -0.72
OT2 CHO X . 19.54 -8.78 0.90
NA NA Y . 10.89 -13.07 9.61
C1 EDO Z . 0.31 -4.91 -1.76
O1 EDO Z . -0.74 -3.94 -1.83
C2 EDO Z . 1.64 -4.18 -1.66
O2 EDO Z . 1.41 -2.76 -1.71
C1 EDO AA . 5.77 -11.34 -0.17
O1 EDO AA . 5.47 -11.99 -1.41
C2 EDO AA . 6.37 -9.95 -0.41
O2 EDO AA . 6.04 -9.45 -1.72
C1 EDO BA . -16.91 39.09 32.62
O1 EDO BA . -16.95 38.86 31.20
C2 EDO BA . -16.67 40.57 32.90
O2 EDO BA . -15.41 40.97 32.34
C1 PEG CA . -3.72 25.23 9.00
O1 PEG CA . -2.46 24.68 8.74
C2 PEG CA . -3.72 26.72 8.70
O2 PEG CA . -3.61 27.46 9.89
C3 PEG CA . -3.63 28.85 9.72
C4 PEG CA . -2.27 29.35 9.24
O4 PEG CA . -1.56 29.91 10.31
C1 EDO DA . 68.30 7.86 19.70
O1 EDO DA . 68.90 6.56 19.62
C2 EDO DA . 66.79 7.70 19.88
O2 EDO DA . 66.24 6.99 18.76
C1 PGE EA . 62.58 -16.21 4.93
O1 PGE EA . 62.50 -17.51 5.44
C2 PGE EA . 61.27 -15.47 5.18
O2 PGE EA . 60.18 -16.17 4.63
C3 PGE EA . 58.97 -15.48 4.70
C4 PGE EA . 57.88 -16.20 3.90
O4 PGE EA . 56.83 -20.10 4.50
C6 PGE EA . 56.03 -19.16 3.82
C5 PGE EA . 56.21 -17.78 4.43
O3 PGE EA . 57.57 -17.44 4.48
#